data_7W5N
#
_entry.id   7W5N
#
_cell.length_a   80.242
_cell.length_b   118.817
_cell.length_c   109.020
_cell.angle_alpha   90.00
_cell.angle_beta   93.32
_cell.angle_gamma   90.00
#
_symmetry.space_group_name_H-M   'P 1 21 1'
#
loop_
_entity.id
_entity.type
_entity.pdbx_description
1 polymer 'L-sorbosone dehydrogenase, NAD(P) dependent'
2 non-polymer 'NADPH DIHYDRO-NICOTINAMIDE-ADENINE-DINUCLEOTIDE PHOSPHATE'
3 water water
#
_entity_poly.entity_id   1
_entity_poly.type   'polypeptide(L)'
_entity_poly.pdbx_seq_one_letter_code
;MNVVSKTVSLPLKPREFGFFIDGEWRAGKDFFDRSSPAHDVPVTRIPRCTREDLDEAVAAARRAFENGSWAGLAAADRAA
VLLKAAGLLRERRDDIAYWEVLENGKPISQAKGEIDHCIACFEMAAGAARMLHGDTFNNLGEGLFGMVLREPIGVVGLIT
PWNFPFMILCERAPFILASGCTLVVKPAEVTSATTLLLAEILADAGLPKGVFNVVTGTGRTVGQAMTEHQDIDMLSFTGS
TGVGKSCIHAAADSNLKKLGLELGGKNPIVVFADSNLEDAADAVAFGISFNTGQCCVSSSRLIVERSVAEKFERLVVAKM
EKIRVGDPFDPETQIGAITTEAQNKTILDYIAKGKAEGAKLLCGGGIVDFGKGQYIQPTLFTDVKPSMGIARDEIFGPVL
ASFHFDTVDEAIAIANDTVYGLAASVWSKDIDKALAVTRRVRAGRFWVNTIMSGGPETPLGGFKQSGWGREAGLYGVEEY
TQIKSVHIETGKRSHWISHHHHHH
;
_entity_poly.pdbx_strand_id   A,B,C,D
#
loop_
_chem_comp.id
_chem_comp.type
_chem_comp.name
_chem_comp.formula
NDP non-polymer 'NADPH DIHYDRO-NICOTINAMIDE-ADENINE-DINUCLEOTIDE PHOSPHATE' 'C21 H30 N7 O17 P3'
#
# COMPACT_ATOMS: atom_id res chain seq x y z
N THR A 7 -39.04 18.52 -26.53
CA THR A 7 -39.93 19.01 -25.42
C THR A 7 -40.23 17.84 -24.46
N VAL A 8 -39.85 17.98 -23.19
CA VAL A 8 -40.11 16.96 -22.12
C VAL A 8 -41.52 17.21 -21.60
N SER A 9 -42.24 16.15 -21.28
CA SER A 9 -43.57 16.23 -20.63
C SER A 9 -43.47 15.56 -19.25
N LEU A 10 -43.97 16.24 -18.22
CA LEU A 10 -44.16 15.73 -16.83
C LEU A 10 -45.18 14.61 -16.86
N PRO A 11 -45.18 13.69 -15.87
CA PRO A 11 -46.10 12.55 -15.91
C PRO A 11 -47.56 13.02 -15.77
N LEU A 12 -48.52 12.25 -16.28
CA LEU A 12 -49.94 12.67 -16.27
C LEU A 12 -50.47 12.56 -14.84
N LYS A 13 -50.09 11.49 -14.13
CA LYS A 13 -50.46 11.32 -12.71
C LYS A 13 -49.18 11.06 -11.95
N PRO A 14 -49.03 11.48 -10.67
CA PRO A 14 -47.84 11.16 -9.87
C PRO A 14 -47.51 9.65 -9.82
N ARG A 15 -46.23 9.30 -9.92
CA ARG A 15 -45.78 7.89 -9.90
C ARG A 15 -45.69 7.35 -8.46
N GLU A 16 -46.55 6.38 -8.12
CA GLU A 16 -46.58 5.68 -6.81
C GLU A 16 -45.52 4.59 -6.86
N PHE A 17 -44.56 4.67 -5.96
CA PHE A 17 -43.48 3.69 -5.74
C PHE A 17 -43.80 2.82 -4.54
N GLY A 18 -43.03 1.76 -4.44
CA GLY A 18 -42.97 0.90 -3.25
C GLY A 18 -41.61 1.05 -2.62
N PHE A 19 -41.39 0.32 -1.52
CA PHE A 19 -40.11 0.19 -0.79
C PHE A 19 -39.64 -1.25 -0.98
N PHE A 20 -38.38 -1.51 -0.65
CA PHE A 20 -37.64 -2.72 -1.09
C PHE A 20 -37.00 -3.36 0.13
N ILE A 21 -37.52 -4.53 0.55
CA ILE A 21 -37.03 -5.29 1.74
C ILE A 21 -36.88 -6.77 1.40
N ASP A 22 -35.75 -7.39 1.71
CA ASP A 22 -35.49 -8.82 1.44
C ASP A 22 -35.78 -9.17 -0.02
N GLY A 23 -35.30 -8.36 -0.96
CA GLY A 23 -35.43 -8.68 -2.39
C GLY A 23 -36.82 -8.43 -2.88
N GLU A 24 -37.77 -8.40 -1.96
CA GLU A 24 -39.19 -8.21 -2.32
C GLU A 24 -39.52 -6.73 -2.31
N TRP A 25 -40.39 -6.31 -3.22
CA TRP A 25 -40.84 -4.91 -3.29
C TRP A 25 -42.13 -4.82 -2.51
N ARG A 26 -42.29 -3.74 -1.74
CA ARG A 26 -43.48 -3.62 -0.86
C ARG A 26 -44.35 -2.45 -1.35
N ALA A 27 -45.65 -2.50 -1.08
CA ALA A 27 -46.60 -1.53 -1.66
C ALA A 27 -46.66 -0.20 -0.91
N GLY A 28 -46.87 -0.25 0.39
CA GLY A 28 -47.03 0.97 1.19
C GLY A 28 -48.39 1.01 1.82
N LYS A 29 -48.51 1.65 2.98
CA LYS A 29 -49.82 1.81 3.63
C LYS A 29 -50.13 3.30 3.60
N ASP A 30 -49.25 4.10 4.22
CA ASP A 30 -49.41 5.58 4.15
C ASP A 30 -48.41 6.12 3.12
N PHE A 31 -48.76 7.20 2.44
CA PHE A 31 -47.91 7.71 1.35
C PHE A 31 -47.61 9.21 1.42
N PHE A 32 -46.38 9.59 1.09
CA PHE A 32 -45.97 11.01 0.98
C PHE A 32 -46.20 11.46 -0.46
N ASP A 33 -46.80 12.62 -0.64
CA ASP A 33 -47.09 13.15 -2.00
C ASP A 33 -46.08 14.27 -2.30
N ARG A 34 -45.18 14.05 -3.26
CA ARG A 34 -44.13 15.04 -3.61
C ARG A 34 -44.52 15.75 -4.90
N SER A 35 -44.27 17.06 -4.95
CA SER A 35 -44.60 17.87 -6.15
C SER A 35 -43.30 18.51 -6.65
N SER A 36 -43.17 18.68 -7.96
CA SER A 36 -41.92 19.24 -8.53
C SER A 36 -41.52 20.51 -7.79
N PRO A 37 -40.24 20.64 -7.38
CA PRO A 37 -39.76 21.87 -6.78
C PRO A 37 -39.71 23.04 -7.79
N ALA A 38 -39.90 22.75 -9.08
CA ALA A 38 -39.71 23.77 -10.13
C ALA A 38 -40.97 23.98 -10.96
N HIS A 39 -41.91 23.04 -10.91
CA HIS A 39 -43.10 23.10 -11.78
C HIS A 39 -44.33 23.17 -10.91
N ASP A 40 -44.18 22.85 -9.63
CA ASP A 40 -45.31 22.90 -8.68
C ASP A 40 -46.40 21.96 -9.18
N VAL A 41 -46.02 20.79 -9.63
CA VAL A 41 -46.99 19.82 -10.19
C VAL A 41 -46.76 18.48 -9.50
N PRO A 42 -47.83 17.78 -9.09
CA PRO A 42 -47.70 16.46 -8.51
C PRO A 42 -46.83 15.55 -9.39
N VAL A 43 -45.87 14.85 -8.81
CA VAL A 43 -44.89 14.07 -9.64
C VAL A 43 -44.71 12.65 -9.07
N THR A 44 -44.63 12.51 -7.75
CA THR A 44 -44.34 11.19 -7.15
C THR A 44 -45.21 10.93 -5.93
N ARG A 45 -45.33 9.66 -5.56
CA ARG A 45 -46.05 9.27 -4.32
C ARG A 45 -45.16 8.22 -3.65
N ILE A 46 -44.44 8.61 -2.62
CA ILE A 46 -43.46 7.70 -1.97
C ILE A 46 -44.08 7.09 -0.73
N PRO A 47 -43.81 5.81 -0.45
CA PRO A 47 -44.30 5.18 0.75
C PRO A 47 -43.72 5.74 2.07
N ARG A 48 -44.57 6.10 3.02
CA ARG A 48 -44.09 6.52 4.37
C ARG A 48 -43.96 5.22 5.17
N CYS A 49 -42.74 4.84 5.50
CA CYS A 49 -42.50 3.52 6.12
C CYS A 49 -42.50 3.62 7.64
N THR A 50 -42.37 2.48 8.28
CA THR A 50 -42.44 2.40 9.75
C THR A 50 -41.12 1.88 10.30
N ARG A 51 -40.95 1.97 11.60
CA ARG A 51 -39.74 1.46 12.27
C ARG A 51 -39.77 -0.05 12.25
N GLU A 52 -40.96 -0.64 12.11
CA GLU A 52 -41.10 -2.11 12.02
C GLU A 52 -40.65 -2.52 10.64
N ASP A 53 -40.97 -1.71 9.65
CA ASP A 53 -40.53 -1.97 8.27
C ASP A 53 -39.01 -1.94 8.28
N LEU A 54 -38.40 -1.15 9.16
CA LEU A 54 -36.93 -1.00 9.22
C LEU A 54 -36.30 -2.13 10.02
N ASP A 55 -36.92 -2.49 11.13
CA ASP A 55 -36.43 -3.63 11.93
C ASP A 55 -36.34 -4.84 11.01
N GLU A 56 -37.22 -4.91 10.02
CA GLU A 56 -37.25 -6.05 9.07
C GLU A 56 -36.21 -5.92 7.98
N ALA A 57 -35.98 -4.71 7.51
CA ALA A 57 -34.95 -4.46 6.47
C ALA A 57 -33.61 -4.86 7.05
N VAL A 58 -33.31 -4.45 8.28
CA VAL A 58 -32.01 -4.76 8.93
C VAL A 58 -31.91 -6.26 9.08
N ALA A 59 -33.03 -6.94 9.33
CA ALA A 59 -33.07 -8.40 9.48
C ALA A 59 -32.73 -9.06 8.16
N ALA A 60 -33.35 -8.61 7.08
CA ALA A 60 -33.04 -9.09 5.73
C ALA A 60 -31.56 -9.00 5.47
N ALA A 61 -30.96 -7.87 5.82
CA ALA A 61 -29.52 -7.62 5.58
C ALA A 61 -28.61 -8.40 6.52
N ARG A 62 -29.04 -8.68 7.73
CA ARG A 62 -28.23 -9.53 8.64
C ARG A 62 -28.20 -10.96 8.14
N ARG A 63 -29.34 -11.48 7.72
CA ARG A 63 -29.40 -12.84 7.14
C ARG A 63 -28.53 -12.87 5.90
N ALA A 64 -28.62 -11.87 5.05
CA ALA A 64 -27.85 -11.80 3.80
C ALA A 64 -26.36 -11.80 4.10
N PHE A 65 -25.96 -11.18 5.20
CA PHE A 65 -24.53 -11.07 5.56
C PHE A 65 -24.12 -12.33 6.32
N GLU A 66 -25.03 -12.91 7.08
CA GLU A 66 -24.70 -14.08 7.91
C GLU A 66 -24.83 -15.37 7.11
N ASN A 67 -25.59 -15.35 6.01
CA ASN A 67 -25.83 -16.54 5.15
C ASN A 67 -24.73 -16.76 4.10
N GLY A 68 -23.87 -15.76 3.86
CA GLY A 68 -22.77 -15.90 2.88
C GLY A 68 -23.27 -15.83 1.47
N SER A 69 -24.32 -15.06 1.24
CA SER A 69 -24.96 -14.95 -0.08
C SER A 69 -24.31 -13.79 -0.83
N TRP A 70 -23.48 -13.02 -0.13
CA TRP A 70 -22.79 -11.87 -0.75
C TRP A 70 -21.39 -11.76 -0.17
N ALA A 71 -21.26 -12.00 1.13
CA ALA A 71 -19.96 -11.83 1.79
C ALA A 71 -19.17 -13.12 1.75
N GLY A 72 -19.80 -14.24 1.43
CA GLY A 72 -19.09 -15.51 1.25
C GLY A 72 -18.86 -15.73 -0.21
N LEU A 73 -19.47 -14.87 -1.02
CA LEU A 73 -19.25 -14.92 -2.47
C LEU A 73 -17.85 -14.37 -2.71
N ALA A 74 -17.39 -14.49 -3.93
CA ALA A 74 -16.03 -14.03 -4.28
C ALA A 74 -16.11 -12.62 -4.83
N ALA A 75 -15.05 -11.84 -4.63
CA ALA A 75 -15.00 -10.45 -5.12
C ALA A 75 -15.41 -10.37 -6.57
N ALA A 76 -15.25 -11.46 -7.31
CA ALA A 76 -15.56 -11.53 -8.75
C ALA A 76 -17.04 -11.61 -8.99
N ASP A 77 -17.76 -12.24 -8.07
CA ASP A 77 -19.21 -12.45 -8.23
C ASP A 77 -19.90 -11.20 -7.74
N ARG A 78 -19.19 -10.41 -6.95
CA ARG A 78 -19.70 -9.13 -6.45
C ARG A 78 -19.34 -8.10 -7.49
N ALA A 79 -18.16 -8.25 -8.08
CA ALA A 79 -17.73 -7.34 -9.17
C ALA A 79 -18.68 -7.54 -10.35
N ALA A 80 -19.12 -8.76 -10.63
CA ALA A 80 -19.99 -9.10 -11.77
C ALA A 80 -21.30 -8.32 -11.63
N VAL A 81 -21.85 -8.29 -10.42
CA VAL A 81 -23.15 -7.62 -10.12
C VAL A 81 -22.96 -6.11 -10.34
N LEU A 82 -21.88 -5.55 -9.78
CA LEU A 82 -21.57 -4.10 -9.83
C LEU A 82 -21.36 -3.65 -11.29
N LEU A 83 -20.63 -4.45 -12.07
CA LEU A 83 -20.36 -4.15 -13.49
C LEU A 83 -21.65 -4.27 -14.27
N LYS A 84 -22.46 -5.28 -13.98
CA LYS A 84 -23.81 -5.38 -14.57
C LYS A 84 -24.57 -4.10 -14.22
N ALA A 85 -24.50 -3.66 -12.95
CA ALA A 85 -25.21 -2.47 -12.44
C ALA A 85 -24.79 -1.22 -13.22
N ALA A 86 -23.50 -0.99 -13.36
CA ALA A 86 -22.93 0.10 -14.21
C ALA A 86 -23.55 0.04 -15.61
N GLY A 87 -23.72 -1.16 -16.17
CA GLY A 87 -24.18 -1.36 -17.55
C GLY A 87 -25.66 -1.10 -17.68
N LEU A 88 -26.42 -1.44 -16.64
CA LEU A 88 -27.86 -1.10 -16.57
C LEU A 88 -28.03 0.41 -16.37
N LEU A 89 -27.11 1.08 -15.65
CA LEU A 89 -27.15 2.56 -15.50
C LEU A 89 -26.93 3.25 -16.85
N ARG A 90 -26.00 2.75 -17.68
CA ARG A 90 -25.74 3.34 -19.03
C ARG A 90 -27.05 3.23 -19.81
N GLU A 91 -27.70 2.06 -19.75
CA GLU A 91 -28.95 1.76 -20.53
C GLU A 91 -30.06 2.72 -20.10
N ARG A 92 -30.18 3.01 -18.79
CA ARG A 92 -31.33 3.73 -18.15
C ARG A 92 -30.97 5.18 -17.77
N ARG A 93 -29.92 5.76 -18.33
CA ARG A 93 -29.41 7.09 -17.93
C ARG A 93 -30.54 8.11 -18.01
N ASP A 94 -31.33 8.05 -19.08
CA ASP A 94 -32.40 9.04 -19.40
C ASP A 94 -33.50 8.97 -18.34
N ASP A 95 -33.96 7.77 -17.99
CA ASP A 95 -34.98 7.58 -16.92
C ASP A 95 -34.49 8.26 -15.64
N ILE A 96 -33.35 7.80 -15.09
CA ILE A 96 -32.81 8.29 -13.79
C ILE A 96 -32.71 9.83 -13.86
N ALA A 97 -32.14 10.39 -14.93
CA ALA A 97 -32.12 11.84 -15.19
C ALA A 97 -33.52 12.42 -14.99
N TYR A 98 -34.54 11.85 -15.63
CA TYR A 98 -35.93 12.38 -15.61
C TYR A 98 -36.44 12.47 -14.16
N TRP A 99 -36.38 11.37 -13.42
CA TRP A 99 -36.97 11.31 -12.07
C TRP A 99 -36.16 12.21 -11.13
N GLU A 100 -34.83 12.24 -11.25
CA GLU A 100 -33.94 13.07 -10.40
C GLU A 100 -34.39 14.52 -10.57
N VAL A 101 -34.56 14.97 -11.82
CA VAL A 101 -35.01 16.35 -12.14
C VAL A 101 -36.37 16.57 -11.48
N LEU A 102 -37.29 15.65 -11.65
CA LEU A 102 -38.68 15.86 -11.16
C LEU A 102 -38.65 16.13 -9.65
N GLU A 103 -37.85 15.38 -8.89
CA GLU A 103 -37.88 15.41 -7.40
C GLU A 103 -36.90 16.46 -6.88
N ASN A 104 -35.86 16.81 -7.64
CA ASN A 104 -34.76 17.67 -7.12
C ASN A 104 -34.88 19.11 -7.60
N GLY A 105 -35.09 19.33 -8.89
CA GLY A 105 -35.07 20.67 -9.52
C GLY A 105 -33.82 20.90 -10.38
N LYS A 106 -32.81 20.04 -10.27
CA LYS A 106 -31.58 20.04 -11.09
C LYS A 106 -31.93 20.28 -12.53
N PRO A 107 -31.07 20.99 -13.27
CA PRO A 107 -31.10 20.93 -14.74
C PRO A 107 -30.84 19.50 -15.25
N ILE A 108 -31.55 19.09 -16.30
CA ILE A 108 -31.43 17.73 -16.91
C ILE A 108 -29.99 17.48 -17.34
N SER A 109 -29.35 18.45 -18.01
CA SER A 109 -27.97 18.32 -18.51
C SER A 109 -27.05 17.92 -17.34
N GLN A 110 -26.99 18.73 -16.29
CA GLN A 110 -26.24 18.38 -15.06
C GLN A 110 -26.62 16.96 -14.64
N ALA A 111 -27.92 16.66 -14.56
CA ALA A 111 -28.46 15.40 -13.99
C ALA A 111 -27.89 14.19 -14.73
N LYS A 112 -27.60 14.37 -16.03
CA LYS A 112 -27.02 13.33 -16.95
C LYS A 112 -25.51 13.24 -16.70
N GLY A 113 -24.87 14.38 -16.48
CA GLY A 113 -23.44 14.46 -16.10
C GLY A 113 -23.18 13.64 -14.85
N GLU A 114 -24.04 13.82 -13.84
CA GLU A 114 -23.93 13.16 -12.50
C GLU A 114 -24.01 11.65 -12.70
N ILE A 115 -24.87 11.19 -13.61
CA ILE A 115 -25.08 9.73 -13.87
C ILE A 115 -23.77 9.13 -14.41
N ASP A 116 -23.04 9.85 -15.26
CA ASP A 116 -21.77 9.36 -15.83
C ASP A 116 -20.74 9.21 -14.71
N HIS A 117 -20.80 10.08 -13.69
CA HIS A 117 -19.92 9.96 -12.50
C HIS A 117 -20.37 8.73 -11.70
N CYS A 118 -21.67 8.45 -11.68
CA CYS A 118 -22.26 7.32 -10.93
C CYS A 118 -21.78 6.01 -11.55
N ILE A 119 -21.69 5.95 -12.88
CA ILE A 119 -21.21 4.76 -13.65
C ILE A 119 -19.72 4.55 -13.36
N ALA A 120 -18.93 5.60 -13.40
CA ALA A 120 -17.50 5.55 -13.00
C ALA A 120 -17.41 4.94 -11.60
N CYS A 121 -18.22 5.42 -10.67
CA CYS A 121 -18.22 5.02 -9.23
C CYS A 121 -18.42 3.50 -9.11
N PHE A 122 -19.39 2.93 -9.84
CA PHE A 122 -19.77 1.50 -9.81
C PHE A 122 -18.62 0.65 -10.36
N GLU A 123 -17.94 1.15 -11.39
CA GLU A 123 -16.80 0.43 -12.02
C GLU A 123 -15.59 0.44 -11.07
N MET A 124 -15.45 1.51 -10.29
CA MET A 124 -14.41 1.69 -9.27
C MET A 124 -14.65 0.69 -8.13
N ALA A 125 -15.88 0.59 -7.66
CA ALA A 125 -16.34 -0.43 -6.67
C ALA A 125 -16.08 -1.86 -7.17
N ALA A 126 -16.34 -2.16 -8.45
CA ALA A 126 -16.14 -3.50 -9.04
C ALA A 126 -14.65 -3.81 -9.02
N GLY A 127 -13.84 -2.78 -9.33
CA GLY A 127 -12.37 -2.90 -9.37
C GLY A 127 -11.79 -3.15 -8.00
N ALA A 128 -12.27 -2.38 -7.01
CA ALA A 128 -11.81 -2.37 -5.60
C ALA A 128 -12.19 -3.68 -4.93
N ALA A 129 -13.37 -4.18 -5.24
CA ALA A 129 -13.87 -5.47 -4.71
C ALA A 129 -12.76 -6.51 -4.83
N ARG A 130 -12.08 -6.60 -5.97
CA ARG A 130 -10.99 -7.59 -6.16
C ARG A 130 -9.70 -7.14 -5.43
N MET A 131 -9.42 -5.84 -5.38
CA MET A 131 -8.12 -5.34 -4.87
C MET A 131 -8.12 -5.23 -3.34
N LEU A 132 -9.29 -5.15 -2.71
CA LEU A 132 -9.41 -5.12 -1.22
C LEU A 132 -8.50 -6.20 -0.60
N HIS A 133 -7.53 -5.74 0.19
CA HIS A 133 -6.41 -6.59 0.71
C HIS A 133 -5.96 -6.11 2.08
N GLY A 134 -5.51 -7.02 2.93
CA GLY A 134 -4.76 -6.67 4.14
C GLY A 134 -3.28 -6.99 3.96
N ASP A 135 -2.58 -7.39 5.02
CA ASP A 135 -1.09 -7.43 5.04
C ASP A 135 -0.61 -8.78 5.58
N THR A 136 0.54 -9.25 5.11
CA THR A 136 1.27 -10.39 5.71
C THR A 136 2.57 -9.89 6.34
N PHE A 137 2.98 -10.53 7.43
CA PHE A 137 4.21 -10.21 8.17
C PHE A 137 5.01 -11.49 8.34
N ASN A 138 5.77 -11.78 7.31
CA ASN A 138 6.68 -12.94 7.25
C ASN A 138 8.01 -12.58 7.91
N ASN A 139 8.12 -11.40 8.54
CA ASN A 139 9.41 -10.84 9.02
C ASN A 139 9.41 -10.73 10.56
N LEU A 140 8.71 -11.63 11.27
CA LEU A 140 8.55 -11.57 12.74
C LEU A 140 9.32 -12.69 13.47
N GLY A 141 9.96 -13.60 12.76
CA GLY A 141 10.80 -14.66 13.37
C GLY A 141 10.35 -16.04 12.92
N GLU A 142 11.24 -17.03 13.04
CA GLU A 142 10.91 -18.41 12.61
C GLU A 142 9.60 -18.82 13.27
N GLY A 143 9.41 -18.41 14.52
CA GLY A 143 8.34 -18.95 15.38
C GLY A 143 6.99 -18.30 15.11
N LEU A 144 6.96 -17.02 14.77
CA LEU A 144 5.72 -16.21 14.77
C LEU A 144 5.41 -15.77 13.34
N PHE A 145 4.15 -15.88 12.92
CA PHE A 145 3.68 -15.44 11.59
C PHE A 145 2.50 -14.50 11.78
N GLY A 146 2.63 -13.30 11.20
CA GLY A 146 1.73 -12.14 11.33
C GLY A 146 0.93 -11.93 10.06
N MET A 147 -0.27 -11.40 10.24
CA MET A 147 -1.30 -11.31 9.19
C MET A 147 -2.28 -10.21 9.60
N VAL A 148 -2.70 -9.35 8.66
CA VAL A 148 -3.82 -8.39 8.90
C VAL A 148 -4.87 -8.63 7.83
N LEU A 149 -6.06 -9.07 8.25
CA LEU A 149 -7.23 -9.35 7.37
C LEU A 149 -8.07 -8.09 7.30
N ARG A 150 -8.81 -7.95 6.22
CA ARG A 150 -9.97 -7.03 6.13
C ARG A 150 -11.24 -7.86 5.96
N GLU A 151 -12.33 -7.43 6.57
CA GLU A 151 -13.62 -8.12 6.32
C GLU A 151 -14.74 -7.11 6.30
N PRO A 152 -15.85 -7.39 5.60
CA PRO A 152 -17.00 -6.51 5.64
C PRO A 152 -17.54 -6.40 7.09
N ILE A 153 -17.86 -5.17 7.52
CA ILE A 153 -18.26 -4.85 8.92
C ILE A 153 -19.66 -5.41 9.19
N GLY A 154 -20.52 -5.50 8.18
CA GLY A 154 -21.81 -6.21 8.28
C GLY A 154 -22.95 -5.44 7.66
N VAL A 155 -23.96 -5.11 8.46
CA VAL A 155 -25.13 -4.32 7.99
C VAL A 155 -24.76 -2.85 8.08
N VAL A 156 -24.85 -2.14 6.95
CA VAL A 156 -24.57 -0.67 6.87
C VAL A 156 -25.88 0.08 6.64
N GLY A 157 -26.24 0.93 7.60
CA GLY A 157 -27.29 1.93 7.39
C GLY A 157 -26.70 3.04 6.55
N LEU A 158 -27.44 3.51 5.56
CA LEU A 158 -27.05 4.61 4.67
C LEU A 158 -28.16 5.63 4.70
N ILE A 159 -27.81 6.88 4.97
CA ILE A 159 -28.76 8.03 4.92
C ILE A 159 -28.17 9.07 3.94
N THR A 160 -28.94 9.37 2.91
CA THR A 160 -28.55 10.32 1.86
C THR A 160 -29.39 11.59 2.02
N PRO A 161 -28.87 12.76 1.57
CA PRO A 161 -29.63 14.00 1.55
C PRO A 161 -30.29 14.17 0.19
N TRP A 162 -30.92 15.33 -0.04
CA TRP A 162 -31.83 15.60 -1.20
C TRP A 162 -31.13 16.39 -2.31
N ASN A 163 -29.90 16.84 -2.07
CA ASN A 163 -29.19 17.82 -2.94
C ASN A 163 -28.57 17.08 -4.13
N PHE A 164 -27.89 15.95 -3.90
CA PHE A 164 -27.41 15.00 -4.94
C PHE A 164 -27.93 13.61 -4.62
N PRO A 165 -29.25 13.39 -4.76
CA PRO A 165 -29.90 12.21 -4.22
C PRO A 165 -29.26 10.93 -4.77
N PHE A 166 -29.17 10.84 -6.09
CA PHE A 166 -28.73 9.60 -6.79
C PHE A 166 -27.21 9.55 -6.83
N MET A 167 -26.56 10.70 -6.99
CA MET A 167 -25.09 10.73 -7.16
C MET A 167 -24.41 10.47 -5.80
N ILE A 168 -24.94 11.01 -4.71
CA ILE A 168 -24.28 10.81 -3.40
C ILE A 168 -24.51 9.35 -3.03
N LEU A 169 -25.69 8.81 -3.38
CA LEU A 169 -26.03 7.37 -3.14
C LEU A 169 -25.02 6.44 -3.84
N CYS A 170 -24.68 6.76 -5.09
CA CYS A 170 -23.73 6.00 -5.97
C CYS A 170 -22.26 6.23 -5.54
N GLU A 171 -22.01 7.23 -4.67
CA GLU A 171 -20.67 7.52 -4.11
C GLU A 171 -20.51 6.80 -2.77
N ARG A 172 -21.54 6.06 -2.33
CA ARG A 172 -21.52 5.29 -1.06
C ARG A 172 -21.89 3.83 -1.33
N ALA A 173 -23.12 3.59 -1.77
CA ALA A 173 -23.70 2.25 -1.88
C ALA A 173 -22.70 1.27 -2.52
N PRO A 174 -22.15 1.54 -3.73
CA PRO A 174 -21.35 0.51 -4.41
C PRO A 174 -20.01 0.20 -3.73
N PHE A 175 -19.36 1.19 -3.11
CA PHE A 175 -18.12 1.03 -2.30
C PHE A 175 -18.44 0.21 -1.06
N ILE A 176 -19.57 0.48 -0.40
CA ILE A 176 -20.02 -0.33 0.77
C ILE A 176 -20.23 -1.78 0.27
N LEU A 177 -20.88 -1.98 -0.88
CA LEU A 177 -21.30 -3.32 -1.33
C LEU A 177 -20.08 -4.14 -1.74
N ALA A 178 -19.01 -3.50 -2.24
CA ALA A 178 -17.80 -4.19 -2.75
C ALA A 178 -17.21 -5.16 -1.71
N SER A 179 -17.18 -4.75 -0.43
CA SER A 179 -16.56 -5.52 0.68
C SER A 179 -17.42 -6.73 0.98
N GLY A 180 -18.68 -6.75 0.59
CA GLY A 180 -19.64 -7.81 1.01
C GLY A 180 -20.53 -7.37 2.15
N CYS A 181 -20.63 -6.06 2.40
CA CYS A 181 -21.57 -5.46 3.37
C CYS A 181 -22.97 -5.58 2.75
N THR A 182 -23.98 -5.68 3.61
CA THR A 182 -25.41 -5.47 3.27
C THR A 182 -25.80 -4.05 3.70
N LEU A 183 -26.81 -3.51 3.03
CA LEU A 183 -27.19 -2.09 3.09
C LEU A 183 -28.61 -1.96 3.62
N VAL A 184 -28.89 -0.90 4.36
CA VAL A 184 -30.27 -0.40 4.53
C VAL A 184 -30.21 1.12 4.28
N VAL A 185 -30.89 1.60 3.24
CA VAL A 185 -30.79 3.00 2.72
C VAL A 185 -32.05 3.79 3.13
N LYS A 186 -31.88 5.07 3.52
CA LYS A 186 -32.99 6.05 3.61
C LYS A 186 -32.63 7.25 2.74
N PRO A 187 -33.14 7.33 1.50
CA PRO A 187 -33.05 8.58 0.76
C PRO A 187 -33.80 9.64 1.53
N ALA A 188 -33.63 10.92 1.22
CA ALA A 188 -34.51 12.00 1.71
C ALA A 188 -35.94 11.81 1.15
N GLU A 189 -36.99 12.18 1.90
CA GLU A 189 -38.41 11.93 1.51
C GLU A 189 -38.77 12.73 0.25
N VAL A 190 -38.15 13.89 0.07
CA VAL A 190 -38.39 14.80 -1.09
C VAL A 190 -37.69 14.27 -2.36
N THR A 191 -36.67 13.41 -2.20
CA THR A 191 -35.92 12.81 -3.33
C THR A 191 -35.70 11.29 -3.12
N SER A 192 -36.78 10.51 -3.11
CA SER A 192 -36.75 9.04 -2.81
C SER A 192 -36.76 8.18 -4.09
N ALA A 193 -37.22 8.71 -5.22
CA ALA A 193 -37.51 7.95 -6.46
C ALA A 193 -36.27 7.31 -7.09
N THR A 194 -35.22 8.06 -7.38
CA THR A 194 -34.02 7.54 -8.06
C THR A 194 -33.27 6.54 -7.18
N THR A 195 -33.47 6.53 -5.86
CA THR A 195 -32.87 5.48 -4.98
C THR A 195 -33.55 4.14 -5.26
N LEU A 196 -34.89 4.13 -5.35
CA LEU A 196 -35.73 2.93 -5.62
C LEU A 196 -35.49 2.46 -7.05
N LEU A 197 -35.17 3.37 -7.98
CA LEU A 197 -34.73 3.00 -9.33
C LEU A 197 -33.42 2.24 -9.23
N LEU A 198 -32.55 2.61 -8.29
CA LEU A 198 -31.22 1.93 -8.15
C LEU A 198 -31.48 0.53 -7.58
N ALA A 199 -32.40 0.43 -6.63
CA ALA A 199 -32.83 -0.87 -6.08
C ALA A 199 -33.29 -1.79 -7.24
N GLU A 200 -34.05 -1.24 -8.21
CA GLU A 200 -34.47 -1.95 -9.46
C GLU A 200 -33.23 -2.43 -10.24
N ILE A 201 -32.29 -1.53 -10.50
CA ILE A 201 -31.07 -1.84 -11.29
C ILE A 201 -30.32 -2.98 -10.59
N LEU A 202 -30.03 -2.83 -9.30
CA LEU A 202 -29.26 -3.84 -8.52
C LEU A 202 -29.97 -5.19 -8.55
N ALA A 203 -31.31 -5.22 -8.48
CA ALA A 203 -32.09 -6.49 -8.48
C ALA A 203 -32.02 -7.15 -9.86
N ASP A 204 -32.32 -6.40 -10.93
CA ASP A 204 -32.17 -6.85 -12.35
C ASP A 204 -30.71 -7.27 -12.60
N ALA A 205 -29.72 -6.63 -11.95
CA ALA A 205 -28.29 -6.93 -12.12
C ALA A 205 -27.89 -8.21 -11.35
N GLY A 206 -28.81 -8.75 -10.54
CA GLY A 206 -28.62 -10.05 -9.88
C GLY A 206 -28.07 -9.91 -8.47
N LEU A 207 -28.39 -8.83 -7.77
CA LEU A 207 -28.00 -8.73 -6.33
C LEU A 207 -28.84 -9.74 -5.56
N PRO A 208 -28.20 -10.59 -4.73
CA PRO A 208 -28.90 -11.52 -3.87
C PRO A 208 -29.93 -10.76 -3.04
N LYS A 209 -31.03 -11.43 -2.70
CA LYS A 209 -32.08 -10.91 -1.78
C LYS A 209 -31.43 -10.44 -0.48
N GLY A 210 -31.94 -9.34 0.08
CA GLY A 210 -31.57 -8.83 1.42
C GLY A 210 -30.31 -7.96 1.39
N VAL A 211 -29.49 -8.01 0.32
CA VAL A 211 -28.19 -7.28 0.23
C VAL A 211 -28.44 -5.77 0.07
N PHE A 212 -29.57 -5.37 -0.48
CA PHE A 212 -29.94 -3.94 -0.63
C PHE A 212 -31.40 -3.78 -0.28
N ASN A 213 -31.66 -3.07 0.83
CA ASN A 213 -33.03 -2.71 1.28
C ASN A 213 -33.13 -1.20 1.25
N VAL A 214 -34.28 -0.68 0.85
CA VAL A 214 -34.58 0.78 0.80
C VAL A 214 -35.84 1.00 1.62
N VAL A 215 -35.73 1.71 2.73
CA VAL A 215 -36.87 2.02 3.63
C VAL A 215 -37.10 3.51 3.55
N THR A 216 -38.11 3.96 2.81
CA THR A 216 -38.41 5.40 2.57
C THR A 216 -39.30 5.92 3.69
N GLY A 217 -39.16 7.21 4.02
CA GLY A 217 -39.90 7.89 5.10
C GLY A 217 -39.12 9.08 5.64
N THR A 218 -39.47 9.56 6.83
CA THR A 218 -38.87 10.79 7.44
C THR A 218 -37.62 10.40 8.24
N GLY A 219 -36.72 11.35 8.49
CA GLY A 219 -35.63 11.20 9.46
C GLY A 219 -36.12 11.03 10.91
N ARG A 220 -37.17 11.74 11.33
CA ARG A 220 -37.70 11.66 12.72
C ARG A 220 -38.21 10.23 13.02
N THR A 221 -38.74 9.53 12.02
CA THR A 221 -39.21 8.14 12.22
C THR A 221 -38.15 7.13 11.81
N VAL A 222 -37.88 7.00 10.53
CA VAL A 222 -36.96 5.92 10.05
C VAL A 222 -35.50 6.30 10.31
N GLY A 223 -35.10 7.53 10.04
CA GLY A 223 -33.70 7.99 10.17
C GLY A 223 -33.19 7.72 11.56
N GLN A 224 -33.93 8.16 12.58
CA GLN A 224 -33.56 8.03 14.01
C GLN A 224 -33.52 6.55 14.37
N ALA A 225 -34.52 5.81 13.93
CA ALA A 225 -34.65 4.37 14.23
C ALA A 225 -33.40 3.65 13.72
N MET A 226 -32.80 4.16 12.67
CA MET A 226 -31.53 3.62 12.10
C MET A 226 -30.33 4.08 12.93
N THR A 227 -30.20 5.37 13.24
CA THR A 227 -29.04 5.87 14.02
C THR A 227 -28.99 5.15 15.38
N GLU A 228 -30.11 4.72 15.95
CA GLU A 228 -30.12 4.07 17.29
C GLU A 228 -30.40 2.57 17.16
N HIS A 229 -30.56 2.05 15.95
CA HIS A 229 -30.81 0.59 15.73
C HIS A 229 -29.68 -0.22 16.38
N GLN A 230 -30.07 -1.30 17.05
CA GLN A 230 -29.20 -2.16 17.90
C GLN A 230 -28.46 -3.18 17.02
N ASP A 231 -28.73 -3.29 15.72
CA ASP A 231 -28.14 -4.38 14.92
C ASP A 231 -27.50 -3.83 13.64
N ILE A 232 -27.43 -2.50 13.52
CA ILE A 232 -26.68 -1.82 12.42
C ILE A 232 -25.24 -1.59 12.90
N ASP A 233 -24.29 -2.05 12.10
CA ASP A 233 -22.86 -2.17 12.47
C ASP A 233 -22.13 -0.88 12.13
N MET A 234 -22.61 -0.18 11.11
CA MET A 234 -22.03 1.13 10.69
C MET A 234 -23.12 1.96 10.02
N LEU A 235 -23.01 3.28 10.15
CA LEU A 235 -23.93 4.21 9.48
C LEU A 235 -23.10 5.19 8.66
N SER A 236 -23.47 5.36 7.39
CA SER A 236 -22.98 6.42 6.49
C SER A 236 -24.06 7.49 6.41
N PHE A 237 -23.78 8.67 6.94
CA PHE A 237 -24.69 9.83 6.90
C PHE A 237 -24.04 10.91 6.04
N THR A 238 -24.75 11.42 5.06
CA THR A 238 -24.38 12.70 4.40
C THR A 238 -25.51 13.72 4.59
N GLY A 239 -25.13 14.93 4.98
CA GLY A 239 -26.06 16.04 5.31
C GLY A 239 -25.42 17.14 6.16
N SER A 240 -26.11 17.55 7.21
CA SER A 240 -25.80 18.75 8.01
C SER A 240 -25.01 18.34 9.25
N THR A 241 -24.16 19.23 9.74
CA THR A 241 -23.32 19.01 10.96
C THR A 241 -24.25 18.75 12.14
N GLY A 242 -25.38 19.46 12.20
CA GLY A 242 -26.37 19.34 13.28
C GLY A 242 -26.98 17.94 13.37
N VAL A 243 -27.28 17.32 12.24
CA VAL A 243 -27.84 15.96 12.23
C VAL A 243 -26.70 14.97 12.43
N GLY A 244 -25.53 15.27 11.92
CA GLY A 244 -24.31 14.49 12.18
C GLY A 244 -24.08 14.32 13.67
N LYS A 245 -24.16 15.42 14.45
CA LYS A 245 -24.07 15.38 15.93
C LYS A 245 -25.17 14.48 16.53
N SER A 246 -26.39 14.52 15.97
CA SER A 246 -27.52 13.62 16.33
C SER A 246 -27.12 12.16 16.16
N CYS A 247 -26.52 11.83 15.01
CA CYS A 247 -26.06 10.46 14.64
C CYS A 247 -24.99 10.03 15.66
N ILE A 248 -24.10 10.94 16.04
CA ILE A 248 -22.98 10.60 16.97
C ILE A 248 -23.60 10.21 18.32
N HIS A 249 -24.42 11.09 18.92
CA HIS A 249 -25.21 10.83 20.15
C HIS A 249 -25.96 9.50 20.05
N ALA A 250 -26.73 9.30 18.97
CA ALA A 250 -27.54 8.08 18.72
C ALA A 250 -26.66 6.83 18.81
N ALA A 251 -25.49 6.89 18.19
CA ALA A 251 -24.48 5.81 18.17
C ALA A 251 -24.04 5.49 19.62
N ALA A 252 -23.68 6.48 20.43
CA ALA A 252 -23.24 6.28 21.84
C ALA A 252 -24.35 5.68 22.72
N ASP A 253 -25.62 6.05 22.47
CA ASP A 253 -26.81 5.59 23.24
C ASP A 253 -27.32 4.24 22.72
N SER A 254 -26.80 3.76 21.57
CA SER A 254 -27.24 2.49 20.94
C SER A 254 -26.16 1.44 21.11
N ASN A 255 -25.38 1.13 20.06
CA ASN A 255 -24.49 -0.07 19.99
C ASN A 255 -23.03 0.28 19.66
N LEU A 256 -22.59 1.53 19.92
CA LEU A 256 -21.23 2.05 19.56
C LEU A 256 -20.93 1.66 18.09
N LYS A 257 -21.86 1.95 17.18
CA LYS A 257 -21.70 1.73 15.73
C LYS A 257 -20.74 2.79 15.19
N LYS A 258 -19.93 2.44 14.19
CA LYS A 258 -19.04 3.38 13.47
C LYS A 258 -19.92 4.31 12.62
N LEU A 259 -19.42 5.52 12.34
CA LEU A 259 -20.13 6.54 11.55
C LEU A 259 -19.22 7.03 10.43
N GLY A 260 -19.72 6.97 9.20
CA GLY A 260 -19.18 7.78 8.09
C GLY A 260 -19.97 9.07 7.94
N LEU A 261 -19.44 10.17 8.45
CA LEU A 261 -20.19 11.43 8.41
C LEU A 261 -19.57 12.39 7.40
N GLU A 262 -20.35 12.77 6.37
CA GLU A 262 -20.00 13.75 5.30
C GLU A 262 -20.93 14.95 5.43
N LEU A 263 -20.50 15.98 6.15
CA LEU A 263 -21.38 17.06 6.66
C LEU A 263 -21.16 18.35 5.84
N GLY A 264 -21.53 19.50 6.40
CA GLY A 264 -21.52 20.77 5.65
C GLY A 264 -20.12 21.31 5.48
N GLY A 265 -19.98 22.44 4.79
CA GLY A 265 -18.70 23.16 4.63
C GLY A 265 -18.93 24.65 4.63
N LYS A 266 -17.85 25.43 4.71
CA LYS A 266 -17.86 26.88 4.32
C LYS A 266 -16.60 27.07 3.46
N ASN A 267 -16.60 26.46 2.29
CA ASN A 267 -15.34 26.17 1.58
C ASN A 267 -14.80 27.48 1.00
N PRO A 268 -13.50 27.73 1.20
CA PRO A 268 -12.85 28.90 0.64
C PRO A 268 -12.33 28.53 -0.76
N ILE A 269 -12.18 29.57 -1.59
CA ILE A 269 -11.52 29.56 -2.93
C ILE A 269 -10.58 30.76 -2.96
N VAL A 270 -9.29 30.48 -2.93
CA VAL A 270 -8.20 31.49 -2.89
C VAL A 270 -7.79 31.81 -4.34
N VAL A 271 -8.07 33.05 -4.79
CA VAL A 271 -7.64 33.61 -6.11
C VAL A 271 -6.48 34.60 -5.89
N PHE A 272 -5.29 34.31 -6.43
CA PHE A 272 -4.10 35.21 -6.49
C PHE A 272 -4.16 36.03 -7.79
N ALA A 273 -3.45 37.17 -7.80
CA ALA A 273 -3.38 38.11 -8.95
C ALA A 273 -2.66 37.46 -10.13
N ASP A 274 -1.78 36.50 -9.87
CA ASP A 274 -0.94 35.83 -10.90
C ASP A 274 -1.69 34.60 -11.45
N SER A 275 -2.99 34.48 -11.19
CA SER A 275 -3.86 33.42 -11.77
C SER A 275 -4.47 33.91 -13.10
N ASN A 276 -5.20 33.02 -13.77
CA ASN A 276 -6.00 33.36 -14.98
C ASN A 276 -7.37 33.90 -14.52
N LEU A 277 -7.44 35.20 -14.28
CA LEU A 277 -8.64 35.88 -13.68
C LEU A 277 -9.93 35.37 -14.35
N GLU A 278 -9.97 35.30 -15.68
CA GLU A 278 -11.20 34.96 -16.44
C GLU A 278 -11.54 33.48 -16.18
N ASP A 279 -10.52 32.61 -16.17
CA ASP A 279 -10.67 31.17 -15.89
C ASP A 279 -11.21 31.02 -14.46
N ALA A 280 -10.60 31.75 -13.54
CA ALA A 280 -10.90 31.69 -12.09
C ALA A 280 -12.32 32.22 -11.84
N ALA A 281 -12.67 33.35 -12.46
CA ALA A 281 -14.02 33.97 -12.34
C ALA A 281 -15.09 32.93 -12.73
N ASP A 282 -14.89 32.23 -13.85
CA ASP A 282 -15.82 31.17 -14.34
C ASP A 282 -15.93 30.07 -13.29
N ALA A 283 -14.79 29.62 -12.74
CA ALA A 283 -14.69 28.54 -11.74
C ALA A 283 -15.42 28.95 -10.47
N VAL A 284 -15.21 30.20 -10.01
CA VAL A 284 -15.90 30.75 -8.82
C VAL A 284 -17.42 30.77 -9.07
N ALA A 285 -17.91 31.36 -10.15
CA ALA A 285 -19.38 31.41 -10.37
C ALA A 285 -19.92 29.97 -10.37
N PHE A 286 -19.25 29.04 -11.04
CA PHE A 286 -19.67 27.61 -11.09
C PHE A 286 -19.67 27.05 -9.65
N GLY A 287 -18.55 27.20 -8.93
CA GLY A 287 -18.35 26.73 -7.54
C GLY A 287 -19.57 27.01 -6.67
N ILE A 288 -20.10 28.24 -6.77
CA ILE A 288 -21.16 28.74 -5.84
C ILE A 288 -22.54 28.57 -6.47
N SER A 289 -22.65 28.50 -7.79
CA SER A 289 -23.95 28.48 -8.49
C SER A 289 -24.40 27.06 -8.80
N PHE A 290 -23.46 26.19 -9.19
CA PHE A 290 -23.71 24.76 -9.46
C PHE A 290 -24.67 24.21 -8.39
N ASN A 291 -25.68 23.47 -8.85
CA ASN A 291 -26.75 22.90 -8.02
C ASN A 291 -27.43 24.01 -7.19
N THR A 292 -27.35 25.26 -7.68
CA THR A 292 -27.96 26.50 -7.09
C THR A 292 -27.36 26.81 -5.72
N GLY A 293 -26.05 26.52 -5.59
CA GLY A 293 -25.26 26.57 -4.35
C GLY A 293 -25.72 25.55 -3.31
N GLN A 294 -26.63 24.62 -3.66
CA GLN A 294 -27.22 23.61 -2.74
C GLN A 294 -26.27 22.41 -2.67
N CYS A 295 -25.07 22.69 -2.16
CA CYS A 295 -23.86 21.85 -2.31
C CYS A 295 -22.91 22.00 -1.11
N CYS A 296 -22.58 20.90 -0.42
CA CYS A 296 -21.67 20.90 0.75
C CYS A 296 -20.27 21.38 0.35
N VAL A 297 -19.87 21.16 -0.92
CA VAL A 297 -18.52 21.49 -1.46
C VAL A 297 -18.57 22.80 -2.26
N SER A 298 -19.63 23.59 -2.16
CA SER A 298 -19.71 24.89 -2.86
C SER A 298 -18.57 25.78 -2.36
N SER A 299 -18.13 26.71 -3.20
CA SER A 299 -17.13 27.76 -2.87
C SER A 299 -17.84 28.99 -2.27
N SER A 300 -18.20 28.99 -0.99
CA SER A 300 -19.08 30.02 -0.38
C SER A 300 -18.29 31.23 0.19
N ARG A 301 -16.96 31.14 0.23
CA ARG A 301 -16.03 32.22 0.66
C ARG A 301 -14.97 32.48 -0.43
N LEU A 302 -15.09 33.57 -1.18
CA LEU A 302 -14.02 34.06 -2.08
C LEU A 302 -12.93 34.74 -1.23
N ILE A 303 -11.66 34.44 -1.52
CA ILE A 303 -10.51 35.05 -0.79
C ILE A 303 -9.52 35.55 -1.84
N VAL A 304 -9.56 36.85 -2.17
CA VAL A 304 -8.94 37.40 -3.40
C VAL A 304 -7.89 38.43 -2.98
N GLU A 305 -6.81 38.52 -3.75
CA GLU A 305 -5.65 39.41 -3.56
C GLU A 305 -6.07 40.83 -3.95
N ARG A 306 -5.72 41.81 -3.12
CA ARG A 306 -6.22 43.22 -3.15
C ARG A 306 -6.05 43.77 -4.56
N SER A 307 -4.88 43.56 -5.19
CA SER A 307 -4.53 44.22 -6.47
C SER A 307 -5.65 43.98 -7.51
N VAL A 308 -6.35 42.85 -7.41
CA VAL A 308 -7.33 42.41 -8.44
C VAL A 308 -8.71 42.10 -7.82
N ALA A 309 -8.89 42.38 -6.53
CA ALA A 309 -10.05 41.98 -5.71
C ALA A 309 -11.37 42.54 -6.27
N GLU A 310 -11.48 43.88 -6.41
CA GLU A 310 -12.75 44.56 -6.85
C GLU A 310 -13.12 44.17 -8.30
N LYS A 311 -12.15 44.20 -9.21
CA LYS A 311 -12.31 43.81 -10.63
C LYS A 311 -12.80 42.37 -10.69
N PHE A 312 -12.20 41.49 -9.87
CA PHE A 312 -12.48 40.03 -9.88
C PHE A 312 -13.91 39.79 -9.35
N GLU A 313 -14.23 40.45 -8.22
CA GLU A 313 -15.59 40.43 -7.64
C GLU A 313 -16.60 40.75 -8.73
N ARG A 314 -16.35 41.83 -9.49
CA ARG A 314 -17.26 42.30 -10.58
C ARG A 314 -17.26 41.31 -11.77
N LEU A 315 -16.16 40.60 -12.03
CA LEU A 315 -16.12 39.57 -13.12
C LEU A 315 -16.96 38.36 -12.71
N VAL A 316 -16.88 38.00 -11.43
CA VAL A 316 -17.66 36.88 -10.88
C VAL A 316 -19.14 37.23 -10.96
N VAL A 317 -19.51 38.50 -10.71
CA VAL A 317 -20.96 38.89 -10.74
C VAL A 317 -21.44 38.89 -12.20
N ALA A 318 -20.56 39.21 -13.14
CA ALA A 318 -20.91 39.22 -14.58
C ALA A 318 -21.17 37.79 -15.06
N LYS A 319 -20.37 36.84 -14.60
CA LYS A 319 -20.57 35.38 -14.81
C LYS A 319 -21.89 34.96 -14.13
N MET A 320 -22.00 35.21 -12.83
CA MET A 320 -23.22 34.86 -12.06
C MET A 320 -24.48 35.31 -12.81
N GLU A 321 -24.52 36.54 -13.35
CA GLU A 321 -25.74 37.14 -13.97
C GLU A 321 -25.91 36.65 -15.40
N LYS A 322 -24.90 36.03 -16.01
CA LYS A 322 -25.01 35.45 -17.36
C LYS A 322 -25.54 34.02 -17.25
N ILE A 323 -25.56 33.42 -16.05
CA ILE A 323 -26.04 32.02 -15.84
C ILE A 323 -27.51 31.91 -16.26
N ARG A 324 -27.85 30.92 -17.07
CA ARG A 324 -29.21 30.77 -17.63
C ARG A 324 -30.06 30.06 -16.56
N VAL A 325 -31.07 30.77 -16.04
CA VAL A 325 -32.03 30.25 -15.03
C VAL A 325 -33.35 29.98 -15.75
N GLY A 326 -33.91 28.79 -15.56
CA GLY A 326 -35.24 28.45 -16.08
C GLY A 326 -35.67 27.01 -15.82
N ASP A 327 -36.51 26.50 -16.72
CA ASP A 327 -37.05 25.13 -16.69
C ASP A 327 -35.85 24.18 -16.67
N PRO A 328 -35.78 23.25 -15.70
CA PRO A 328 -34.71 22.27 -15.66
C PRO A 328 -34.70 21.29 -16.85
N PHE A 329 -35.81 21.17 -17.57
CA PHE A 329 -35.91 20.26 -18.74
C PHE A 329 -35.37 20.95 -20.02
N ASP A 330 -35.18 22.27 -20.00
CA ASP A 330 -34.49 22.99 -21.10
C ASP A 330 -33.01 22.64 -21.00
N PRO A 331 -32.40 21.89 -21.95
CA PRO A 331 -30.97 21.58 -21.85
C PRO A 331 -30.10 22.85 -21.76
N GLU A 332 -30.65 24.00 -22.15
CA GLU A 332 -29.92 25.29 -22.10
C GLU A 332 -29.86 25.81 -20.64
N THR A 333 -30.81 25.43 -19.76
CA THR A 333 -30.82 25.82 -18.31
C THR A 333 -29.57 25.28 -17.58
N GLN A 334 -28.89 26.16 -16.83
CA GLN A 334 -27.60 25.88 -16.18
C GLN A 334 -27.78 25.66 -14.68
N ILE A 335 -28.71 26.38 -14.02
CA ILE A 335 -29.05 26.13 -12.58
C ILE A 335 -30.56 25.94 -12.42
N GLY A 336 -30.97 25.12 -11.44
CA GLY A 336 -32.36 24.67 -11.26
C GLY A 336 -33.01 25.26 -10.02
N ALA A 337 -34.10 24.66 -9.56
CA ALA A 337 -34.90 25.17 -8.43
C ALA A 337 -34.20 24.86 -7.11
N ILE A 338 -34.68 25.49 -6.05
CA ILE A 338 -34.33 25.20 -4.63
C ILE A 338 -35.25 24.05 -4.25
N THR A 339 -34.69 22.96 -3.75
CA THR A 339 -35.36 21.64 -3.61
C THR A 339 -36.49 21.70 -2.58
N THR A 340 -36.29 22.40 -1.45
CA THR A 340 -37.23 22.46 -0.30
C THR A 340 -37.57 23.92 0.06
N GLU A 341 -38.82 24.14 0.47
CA GLU A 341 -39.34 25.47 0.96
C GLU A 341 -38.51 25.92 2.17
N ALA A 342 -38.14 24.98 3.04
CA ALA A 342 -37.29 25.21 4.22
C ALA A 342 -36.01 25.92 3.78
N GLN A 343 -35.33 25.36 2.77
CA GLN A 343 -33.98 25.82 2.36
C GLN A 343 -34.15 27.19 1.72
N ASN A 344 -35.16 27.32 0.87
CA ASN A 344 -35.56 28.63 0.27
C ASN A 344 -35.65 29.67 1.40
N LYS A 345 -36.44 29.37 2.44
CA LYS A 345 -36.73 30.32 3.55
C LYS A 345 -35.44 30.62 4.33
N THR A 346 -34.58 29.61 4.54
CA THR A 346 -33.25 29.71 5.21
C THR A 346 -32.33 30.68 4.43
N ILE A 347 -32.31 30.55 3.10
CA ILE A 347 -31.36 31.26 2.19
C ILE A 347 -31.81 32.72 2.09
N LEU A 348 -33.12 32.98 1.94
CA LEU A 348 -33.67 34.36 1.91
C LEU A 348 -33.45 35.05 3.28
N ASP A 349 -33.58 34.29 4.38
CA ASP A 349 -33.29 34.74 5.77
C ASP A 349 -31.81 35.11 5.88
N TYR A 350 -30.90 34.34 5.30
CA TYR A 350 -29.44 34.56 5.39
C TYR A 350 -29.05 35.79 4.56
N ILE A 351 -29.59 35.94 3.35
CA ILE A 351 -29.39 37.17 2.54
C ILE A 351 -29.81 38.39 3.40
N ALA A 352 -31.04 38.35 3.95
CA ALA A 352 -31.65 39.32 4.90
C ALA A 352 -30.67 39.64 6.03
N LYS A 353 -30.20 38.62 6.74
CA LYS A 353 -29.19 38.79 7.81
C LYS A 353 -27.95 39.48 7.21
N GLY A 354 -27.51 39.03 6.03
CA GLY A 354 -26.27 39.50 5.37
C GLY A 354 -26.32 40.99 5.18
N LYS A 355 -27.46 41.51 4.69
CA LYS A 355 -27.75 42.95 4.48
C LYS A 355 -27.72 43.64 5.86
N ALA A 356 -28.47 43.09 6.83
CA ALA A 356 -28.69 43.68 8.17
C ALA A 356 -27.35 43.92 8.85
N GLU A 357 -26.45 42.95 8.73
CA GLU A 357 -25.21 42.89 9.55
C GLU A 357 -24.13 43.80 8.96
N GLY A 358 -24.41 44.46 7.81
CA GLY A 358 -23.56 45.52 7.24
C GLY A 358 -22.77 45.07 6.02
N ALA A 359 -22.96 43.86 5.51
CA ALA A 359 -22.30 43.38 4.28
C ALA A 359 -23.03 44.02 3.11
N LYS A 360 -22.31 44.30 2.02
CA LYS A 360 -22.84 44.99 0.81
C LYS A 360 -23.13 43.96 -0.27
N LEU A 361 -24.37 43.95 -0.76
CA LEU A 361 -24.78 43.15 -1.94
C LEU A 361 -24.22 43.80 -3.19
N LEU A 362 -23.58 42.97 -4.04
CA LEU A 362 -23.04 43.40 -5.35
C LEU A 362 -23.97 42.91 -6.44
N CYS A 363 -24.75 41.86 -6.18
CA CYS A 363 -25.64 41.19 -7.17
C CYS A 363 -26.59 40.23 -6.43
N GLY A 364 -27.74 39.89 -7.02
CA GLY A 364 -28.70 38.92 -6.45
C GLY A 364 -29.35 39.46 -5.18
N GLY A 365 -29.79 38.57 -4.27
CA GLY A 365 -30.34 38.95 -2.95
C GLY A 365 -31.86 38.84 -2.86
N GLY A 366 -32.49 38.19 -3.83
CA GLY A 366 -33.95 37.97 -3.89
C GLY A 366 -34.29 36.75 -4.73
N ILE A 367 -35.58 36.51 -4.96
CA ILE A 367 -36.07 35.33 -5.75
C ILE A 367 -35.92 35.65 -7.26
N VAL A 368 -36.03 34.64 -8.11
CA VAL A 368 -36.17 34.80 -9.59
C VAL A 368 -37.60 34.39 -9.94
N ASP A 369 -38.49 35.33 -10.30
CA ASP A 369 -39.94 35.03 -10.47
C ASP A 369 -40.13 34.32 -11.81
N PHE A 370 -40.67 33.10 -11.79
CA PHE A 370 -41.18 32.37 -12.98
C PHE A 370 -42.66 32.05 -12.80
N GLY A 371 -43.32 32.61 -11.78
CA GLY A 371 -44.72 32.29 -11.43
C GLY A 371 -44.82 30.95 -10.72
N LYS A 372 -44.22 29.90 -11.30
CA LYS A 372 -44.15 28.52 -10.74
C LYS A 372 -42.74 28.26 -10.27
N GLY A 373 -42.60 27.49 -9.19
CA GLY A 373 -41.32 26.99 -8.65
C GLY A 373 -40.76 27.88 -7.56
N GLN A 374 -39.64 27.46 -6.99
CA GLN A 374 -38.84 28.30 -6.07
C GLN A 374 -37.42 28.45 -6.65
N TYR A 375 -37.08 29.64 -7.14
CA TYR A 375 -35.78 29.97 -7.77
C TYR A 375 -35.11 31.12 -7.01
N ILE A 376 -33.79 31.06 -6.88
CA ILE A 376 -33.00 32.16 -6.25
C ILE A 376 -31.93 32.60 -7.25
N GLN A 377 -31.70 33.92 -7.30
CA GLN A 377 -30.65 34.54 -8.15
C GLN A 377 -29.34 34.43 -7.42
N PRO A 378 -28.27 33.99 -8.13
CA PRO A 378 -26.93 33.97 -7.58
C PRO A 378 -26.62 35.35 -6.98
N THR A 379 -25.93 35.33 -5.83
CA THR A 379 -25.77 36.48 -4.93
C THR A 379 -24.30 36.58 -4.52
N LEU A 380 -23.75 37.79 -4.50
CA LEU A 380 -22.39 38.03 -3.97
C LEU A 380 -22.45 39.16 -2.96
N PHE A 381 -21.97 38.92 -1.74
CA PHE A 381 -21.68 39.97 -0.73
C PHE A 381 -20.19 40.33 -0.75
N THR A 382 -19.87 41.60 -0.60
CA THR A 382 -18.48 42.09 -0.33
C THR A 382 -18.56 42.92 0.95
N ASP A 383 -17.44 43.49 1.38
CA ASP A 383 -17.27 44.16 2.72
C ASP A 383 -17.82 43.20 3.79
N VAL A 384 -17.38 41.94 3.78
CA VAL A 384 -17.79 40.92 4.77
C VAL A 384 -16.68 40.84 5.82
N LYS A 385 -17.00 41.08 7.09
CA LYS A 385 -16.13 40.84 8.26
C LYS A 385 -16.25 39.37 8.62
N PRO A 386 -15.15 38.68 9.02
CA PRO A 386 -15.18 37.27 9.46
C PRO A 386 -16.17 36.85 10.59
N SER A 387 -16.62 37.78 11.43
CA SER A 387 -17.61 37.48 12.49
C SER A 387 -18.97 37.17 11.86
N MET A 388 -19.31 37.78 10.73
CA MET A 388 -20.71 37.85 10.25
C MET A 388 -21.28 36.43 10.07
N GLY A 389 -22.59 36.31 10.23
CA GLY A 389 -23.32 35.06 10.04
C GLY A 389 -23.01 34.48 8.68
N ILE A 390 -23.07 35.32 7.63
CA ILE A 390 -22.88 34.89 6.21
C ILE A 390 -21.42 34.47 6.02
N ALA A 391 -20.51 34.99 6.83
CA ALA A 391 -19.09 34.59 6.79
C ALA A 391 -18.91 33.17 7.36
N ARG A 392 -19.70 32.79 8.38
CA ARG A 392 -19.42 31.61 9.26
C ARG A 392 -20.41 30.46 8.99
N ASP A 393 -21.71 30.74 8.79
CA ASP A 393 -22.78 29.72 8.71
C ASP A 393 -22.90 29.20 7.27
N GLU A 394 -23.10 27.89 7.13
CA GLU A 394 -23.43 27.27 5.83
C GLU A 394 -24.85 27.66 5.46
N ILE A 395 -24.99 28.36 4.34
CA ILE A 395 -26.27 28.92 3.82
C ILE A 395 -26.91 27.89 2.89
N PHE A 396 -26.11 27.10 2.16
CA PHE A 396 -26.58 26.05 1.21
C PHE A 396 -27.49 26.68 0.15
N GLY A 397 -27.14 27.88 -0.30
CA GLY A 397 -27.72 28.52 -1.49
C GLY A 397 -26.62 29.21 -2.29
N PRO A 398 -26.97 29.95 -3.35
CA PRO A 398 -25.96 30.56 -4.23
C PRO A 398 -25.51 31.93 -3.69
N VAL A 399 -25.02 31.95 -2.45
CA VAL A 399 -24.65 33.21 -1.76
C VAL A 399 -23.16 33.17 -1.45
N LEU A 400 -22.41 34.06 -2.13
CA LEU A 400 -20.93 34.10 -2.04
C LEU A 400 -20.49 35.32 -1.22
N ALA A 401 -19.66 35.13 -0.20
CA ALA A 401 -19.04 36.20 0.60
C ALA A 401 -17.57 36.35 0.22
N SER A 402 -17.15 37.55 -0.21
CA SER A 402 -15.79 37.85 -0.74
C SER A 402 -14.95 38.48 0.36
N PHE A 403 -13.71 38.03 0.50
CA PHE A 403 -12.73 38.54 1.49
C PHE A 403 -11.47 39.00 0.73
N HIS A 404 -10.83 40.07 1.19
CA HIS A 404 -9.61 40.62 0.55
C HIS A 404 -8.40 40.30 1.44
N PHE A 405 -7.26 40.07 0.82
CA PHE A 405 -6.01 39.68 1.50
C PHE A 405 -4.84 40.29 0.74
N ASP A 406 -3.71 40.48 1.44
CA ASP A 406 -2.47 41.03 0.86
C ASP A 406 -1.44 39.91 0.69
N THR A 407 -1.13 39.19 1.75
CA THR A 407 -0.04 38.17 1.78
C THR A 407 -0.62 36.76 1.69
N VAL A 408 0.22 35.80 1.32
CA VAL A 408 -0.14 34.35 1.23
C VAL A 408 -0.62 33.90 2.64
N ASP A 409 0.14 34.29 3.67
CA ASP A 409 -0.12 33.96 5.10
C ASP A 409 -1.55 34.43 5.47
N GLU A 410 -1.96 35.61 5.02
CA GLU A 410 -3.32 36.15 5.33
C GLU A 410 -4.38 35.28 4.65
N ALA A 411 -4.21 35.01 3.35
CA ALA A 411 -5.14 34.17 2.59
C ALA A 411 -5.43 32.90 3.40
N ILE A 412 -4.38 32.21 3.85
CA ILE A 412 -4.47 30.87 4.51
C ILE A 412 -5.12 31.02 5.87
N ALA A 413 -4.77 32.06 6.63
CA ALA A 413 -5.42 32.43 7.91
C ALA A 413 -6.94 32.55 7.71
N ILE A 414 -7.38 33.27 6.70
CA ILE A 414 -8.83 33.46 6.37
C ILE A 414 -9.41 32.12 5.85
N ALA A 415 -8.70 31.40 4.97
CA ALA A 415 -9.13 30.11 4.41
C ALA A 415 -9.40 29.09 5.53
N ASN A 416 -8.67 29.17 6.66
CA ASN A 416 -8.79 28.21 7.80
C ASN A 416 -9.79 28.70 8.86
N ASP A 417 -10.30 29.92 8.69
CA ASP A 417 -11.03 30.68 9.75
C ASP A 417 -12.47 30.17 9.83
N THR A 418 -12.64 28.87 10.08
CA THR A 418 -13.97 28.21 10.07
C THR A 418 -13.93 26.99 10.97
N VAL A 419 -15.10 26.62 11.48
CA VAL A 419 -15.25 25.39 12.28
C VAL A 419 -15.14 24.20 11.31
N TYR A 420 -15.22 24.46 10.01
CA TYR A 420 -15.37 23.40 8.97
C TYR A 420 -14.03 23.08 8.27
N GLY A 421 -14.08 22.07 7.41
CA GLY A 421 -12.96 21.79 6.49
C GLY A 421 -13.27 20.71 5.48
N LEU A 422 -14.33 20.86 4.69
CA LEU A 422 -14.70 19.86 3.67
C LEU A 422 -13.86 20.09 2.41
N ALA A 423 -14.09 21.20 1.70
CA ALA A 423 -13.45 21.49 0.41
C ALA A 423 -12.68 22.82 0.49
N ALA A 424 -11.80 23.01 -0.49
CA ALA A 424 -10.97 24.23 -0.69
C ALA A 424 -10.49 24.27 -2.14
N SER A 425 -10.31 25.47 -2.66
CA SER A 425 -9.74 25.72 -4.01
C SER A 425 -8.67 26.81 -3.89
N VAL A 426 -7.59 26.69 -4.66
CA VAL A 426 -6.55 27.75 -4.80
C VAL A 426 -6.32 27.98 -6.28
N TRP A 427 -6.18 29.24 -6.67
CA TRP A 427 -6.13 29.70 -8.08
C TRP A 427 -4.89 30.58 -8.26
N SER A 428 -3.80 29.95 -8.71
CA SER A 428 -2.50 30.60 -8.97
C SER A 428 -1.73 29.74 -9.96
N LYS A 429 -0.85 30.39 -10.72
CA LYS A 429 0.03 29.75 -11.72
C LYS A 429 1.40 29.56 -11.11
N ASP A 430 1.67 30.22 -9.98
CA ASP A 430 2.92 30.09 -9.16
C ASP A 430 2.89 28.77 -8.41
N ILE A 431 3.86 27.90 -8.68
CA ILE A 431 3.97 26.59 -8.00
C ILE A 431 4.06 26.82 -6.47
N ASP A 432 4.82 27.82 -6.02
CA ASP A 432 5.08 27.97 -4.57
C ASP A 432 3.79 28.32 -3.82
N LYS A 433 2.96 29.19 -4.38
CA LYS A 433 1.70 29.63 -3.73
C LYS A 433 0.71 28.46 -3.73
N ALA A 434 0.45 27.86 -4.89
CA ALA A 434 -0.48 26.72 -5.02
C ALA A 434 -0.10 25.64 -4.00
N LEU A 435 1.18 25.34 -3.89
CA LEU A 435 1.65 24.24 -3.01
C LEU A 435 1.48 24.67 -1.56
N ALA A 436 1.81 25.93 -1.23
CA ALA A 436 1.64 26.50 0.12
C ALA A 436 0.18 26.35 0.55
N VAL A 437 -0.74 26.88 -0.24
CA VAL A 437 -2.18 26.96 0.14
C VAL A 437 -2.73 25.53 0.16
N THR A 438 -2.31 24.68 -0.77
CA THR A 438 -2.71 23.24 -0.77
C THR A 438 -2.29 22.57 0.57
N ARG A 439 -1.09 22.86 1.07
CA ARG A 439 -0.52 22.17 2.26
C ARG A 439 -1.07 22.74 3.56
N ARG A 440 -1.27 24.05 3.65
CA ARG A 440 -1.46 24.72 4.95
C ARG A 440 -2.95 25.04 5.21
N VAL A 441 -3.86 24.71 4.28
CA VAL A 441 -5.33 24.95 4.45
C VAL A 441 -5.98 23.62 4.79
N ARG A 442 -6.72 23.59 5.89
CA ARG A 442 -7.28 22.35 6.50
C ARG A 442 -8.63 22.03 5.87
N ALA A 443 -8.58 21.40 4.69
CA ALA A 443 -9.72 20.94 3.87
C ALA A 443 -9.37 19.62 3.16
N GLY A 444 -10.28 18.65 3.20
CA GLY A 444 -10.03 17.27 2.76
C GLY A 444 -10.19 17.08 1.26
N ARG A 445 -10.68 18.09 0.53
CA ARG A 445 -10.86 18.03 -0.94
C ARG A 445 -10.35 19.33 -1.59
N PHE A 446 -9.20 19.27 -2.25
CA PHE A 446 -8.54 20.49 -2.77
C PHE A 446 -8.49 20.53 -4.29
N TRP A 447 -8.71 21.71 -4.84
CA TRP A 447 -8.65 21.94 -6.31
C TRP A 447 -7.65 23.05 -6.62
N VAL A 448 -6.62 22.71 -7.39
CA VAL A 448 -5.61 23.66 -7.92
C VAL A 448 -6.03 23.99 -9.36
N ASN A 449 -6.32 25.27 -9.63
CA ASN A 449 -6.77 25.82 -10.93
C ASN A 449 -7.87 24.94 -11.54
N THR A 450 -8.83 24.51 -10.73
CA THR A 450 -9.98 23.69 -11.15
C THR A 450 -11.10 23.76 -10.11
N ILE A 451 -12.21 23.07 -10.31
CA ILE A 451 -13.31 23.03 -9.32
C ILE A 451 -14.15 21.78 -9.53
N MET A 452 -14.39 21.02 -8.46
CA MET A 452 -15.27 19.82 -8.44
C MET A 452 -14.91 18.91 -9.60
N SER A 453 -13.63 18.77 -9.94
CA SER A 453 -13.12 17.75 -10.89
C SER A 453 -12.72 16.48 -10.11
N GLY A 454 -12.16 15.47 -10.79
CA GLY A 454 -11.69 14.24 -10.15
C GLY A 454 -12.79 13.20 -10.11
N GLY A 455 -12.50 12.00 -10.63
CA GLY A 455 -13.39 10.84 -10.53
C GLY A 455 -13.31 10.14 -9.17
N PRO A 456 -13.89 8.91 -9.10
CA PRO A 456 -13.95 8.12 -7.87
C PRO A 456 -12.67 7.32 -7.55
N GLU A 457 -11.58 7.63 -8.25
CA GLU A 457 -10.24 7.03 -8.01
C GLU A 457 -9.75 7.49 -6.63
N THR A 458 -10.09 8.72 -6.21
CA THR A 458 -9.57 9.36 -4.99
C THR A 458 -10.63 9.35 -3.89
N PRO A 459 -10.25 9.45 -2.61
CA PRO A 459 -11.21 9.62 -1.53
C PRO A 459 -11.65 11.08 -1.40
N LEU A 460 -12.72 11.28 -0.63
CA LEU A 460 -13.29 12.60 -0.29
C LEU A 460 -13.81 12.50 1.13
N GLY A 461 -13.83 13.63 1.83
CA GLY A 461 -14.28 13.73 3.22
C GLY A 461 -13.65 14.94 3.85
N GLY A 462 -14.01 15.23 5.10
CA GLY A 462 -13.76 16.53 5.73
C GLY A 462 -12.76 16.45 6.84
N PHE A 463 -12.17 17.59 7.18
CA PHE A 463 -11.42 17.85 8.43
C PHE A 463 -12.44 18.47 9.37
N LYS A 464 -12.02 18.68 10.62
CA LYS A 464 -12.78 19.41 11.66
C LYS A 464 -14.23 18.88 11.74
N GLN A 465 -15.22 19.76 11.46
CA GLN A 465 -16.68 19.56 11.73
C GLN A 465 -17.43 19.13 10.47
N SER A 466 -16.69 18.98 9.36
CA SER A 466 -17.22 18.55 8.05
C SER A 466 -17.30 17.02 8.00
N GLY A 467 -16.74 16.32 8.99
CA GLY A 467 -17.21 14.97 9.36
C GLY A 467 -16.11 13.96 9.63
N TRP A 468 -16.43 12.67 9.54
CA TRP A 468 -15.51 11.55 9.83
C TRP A 468 -15.46 10.59 8.64
N GLY A 469 -14.25 10.12 8.34
CA GLY A 469 -14.01 9.00 7.42
C GLY A 469 -13.82 9.53 6.03
N ARG A 470 -13.57 8.65 5.07
CA ARG A 470 -13.47 9.03 3.64
C ARG A 470 -14.37 8.11 2.83
N GLU A 471 -14.96 8.63 1.75
CA GLU A 471 -15.76 7.87 0.77
C GLU A 471 -15.06 7.83 -0.59
N ALA A 472 -15.27 6.74 -1.36
CA ALA A 472 -14.76 6.50 -2.75
C ALA A 472 -13.26 6.19 -2.74
N GLY A 473 -12.70 5.83 -3.89
CA GLY A 473 -11.39 5.17 -4.01
C GLY A 473 -11.37 3.83 -3.29
N LEU A 474 -10.18 3.24 -3.09
CA LEU A 474 -10.01 2.06 -2.22
C LEU A 474 -10.34 2.48 -0.79
N TYR A 475 -9.92 3.68 -0.37
CA TYR A 475 -10.16 4.23 0.99
C TYR A 475 -11.64 4.05 1.34
N GLY A 476 -12.52 4.29 0.37
CA GLY A 476 -14.00 4.25 0.54
C GLY A 476 -14.48 2.84 0.80
N VAL A 477 -13.92 1.87 0.08
CA VAL A 477 -14.28 0.43 0.21
C VAL A 477 -13.86 -0.06 1.59
N GLU A 478 -12.71 0.42 2.03
CA GLU A 478 -12.00 0.06 3.30
C GLU A 478 -12.65 0.69 4.53
N GLU A 479 -13.36 1.80 4.39
CA GLU A 479 -14.01 2.53 5.51
C GLU A 479 -15.01 1.60 6.22
N TYR A 480 -15.64 0.70 5.46
CA TYR A 480 -16.75 -0.21 5.85
C TYR A 480 -16.21 -1.63 6.07
N THR A 481 -14.89 -1.75 6.16
CA THR A 481 -14.19 -3.00 6.57
C THR A 481 -13.63 -2.81 7.99
N GLN A 482 -13.44 -3.94 8.67
CA GLN A 482 -12.80 -4.06 10.00
C GLN A 482 -11.46 -4.77 9.78
N ILE A 483 -10.38 -4.13 10.22
CA ILE A 483 -9.01 -4.68 10.25
C ILE A 483 -8.96 -5.72 11.38
N LYS A 484 -8.55 -6.95 11.06
CA LYS A 484 -8.33 -8.06 12.03
C LYS A 484 -6.84 -8.47 12.04
N SER A 485 -6.13 -8.27 13.16
CA SER A 485 -4.74 -8.74 13.37
C SER A 485 -4.76 -10.23 13.73
N VAL A 486 -3.99 -11.05 13.01
CA VAL A 486 -3.81 -12.49 13.34
C VAL A 486 -2.32 -12.75 13.56
N HIS A 487 -1.98 -13.41 14.68
CA HIS A 487 -0.63 -13.89 15.03
C HIS A 487 -0.72 -15.40 15.29
N ILE A 488 0.07 -16.17 14.54
CA ILE A 488 0.10 -17.67 14.55
C ILE A 488 1.44 -18.10 15.09
N GLU A 489 1.47 -18.94 16.12
CA GLU A 489 2.72 -19.59 16.63
C GLU A 489 2.79 -21.04 16.13
N THR A 490 3.91 -21.34 15.46
CA THR A 490 4.24 -22.64 14.84
C THR A 490 5.36 -23.26 15.68
N GLY A 491 5.28 -24.57 15.89
CA GLY A 491 6.20 -25.33 16.77
C GLY A 491 5.63 -25.44 18.16
N LYS A 492 6.33 -26.10 19.07
CA LYS A 492 5.91 -26.26 20.49
C LYS A 492 6.22 -24.95 21.21
N ARG A 493 5.31 -24.54 22.10
CA ARG A 493 5.35 -23.26 22.86
C ARG A 493 6.20 -23.46 24.12
N SER A 494 6.92 -22.42 24.55
CA SER A 494 7.56 -22.33 25.89
C SER A 494 6.52 -21.86 26.93
N HIS A 495 6.02 -22.80 27.72
CA HIS A 495 5.02 -22.59 28.80
C HIS A 495 5.43 -21.39 29.67
N TRP A 496 4.46 -20.60 30.13
CA TRP A 496 4.62 -19.55 31.16
C TRP A 496 4.73 -20.18 32.57
N ILE A 497 3.88 -21.19 32.84
CA ILE A 497 3.79 -21.91 34.14
C ILE A 497 4.52 -23.26 34.03
N SER A 498 5.69 -23.36 34.67
CA SER A 498 6.48 -24.60 34.91
C SER A 498 5.55 -25.78 35.23
N VAL B 8 14.63 -5.52 46.81
CA VAL B 8 14.36 -4.09 46.45
C VAL B 8 13.73 -3.38 47.66
N SER B 9 14.13 -2.13 47.87
CA SER B 9 13.59 -1.24 48.95
C SER B 9 12.34 -0.51 48.40
N LEU B 10 11.35 -0.25 49.25
CA LEU B 10 10.23 0.70 48.98
C LEU B 10 10.64 2.11 49.38
N PRO B 11 10.07 3.17 48.77
CA PRO B 11 10.57 4.52 49.03
C PRO B 11 10.55 4.87 50.52
N LEU B 12 11.58 5.60 50.97
CA LEU B 12 11.70 6.17 52.35
C LEU B 12 10.55 7.15 52.57
N LYS B 13 10.42 8.12 51.66
CA LYS B 13 9.34 9.12 51.64
C LYS B 13 8.65 9.05 50.28
N PRO B 14 7.38 9.45 50.15
CA PRO B 14 6.70 9.40 48.86
C PRO B 14 7.40 10.38 47.92
N ARG B 15 7.52 10.00 46.64
CA ARG B 15 8.17 10.85 45.60
C ARG B 15 7.20 11.92 45.10
N GLU B 16 7.56 13.20 45.29
CA GLU B 16 6.78 14.38 44.87
C GLU B 16 7.04 14.56 43.36
N PHE B 17 5.95 14.67 42.59
CA PHE B 17 5.95 14.91 41.12
C PHE B 17 5.27 16.24 40.81
N GLY B 18 5.69 16.83 39.69
CA GLY B 18 5.02 17.99 39.06
C GLY B 18 4.24 17.53 37.84
N PHE B 19 3.48 18.44 37.22
CA PHE B 19 2.84 18.22 35.91
C PHE B 19 3.57 19.09 34.87
N PHE B 20 3.36 18.79 33.59
CA PHE B 20 4.24 19.23 32.48
C PHE B 20 3.42 19.98 31.43
N ILE B 21 3.75 21.24 31.16
CA ILE B 21 2.95 22.10 30.23
C ILE B 21 3.89 23.05 29.48
N ASP B 22 3.82 23.02 28.15
CA ASP B 22 4.57 23.94 27.27
C ASP B 22 6.05 23.93 27.62
N GLY B 23 6.60 22.78 28.06
CA GLY B 23 8.03 22.56 28.35
C GLY B 23 8.38 22.73 29.82
N GLU B 24 7.53 23.35 30.63
CA GLU B 24 7.92 23.70 32.02
C GLU B 24 7.17 22.77 32.98
N TRP B 25 7.86 22.24 33.98
CA TRP B 25 7.25 21.44 35.08
C TRP B 25 6.68 22.40 36.10
N ARG B 26 5.45 22.15 36.54
CA ARG B 26 4.72 23.01 37.52
C ARG B 26 4.47 22.20 38.78
N ALA B 27 4.41 22.88 39.93
CA ALA B 27 4.47 22.25 41.27
C ALA B 27 3.14 21.58 41.60
N GLY B 28 2.02 22.20 41.21
CA GLY B 28 0.66 21.77 41.62
C GLY B 28 0.27 22.42 42.94
N LYS B 29 -1.02 22.71 43.12
CA LYS B 29 -1.59 23.33 44.36
C LYS B 29 -2.41 22.32 45.19
N ASP B 30 -2.79 21.17 44.62
CA ASP B 30 -3.45 20.06 45.36
C ASP B 30 -2.84 18.78 44.83
N PHE B 31 -2.78 17.76 45.69
CA PHE B 31 -1.96 16.53 45.50
C PHE B 31 -2.75 15.29 45.88
N PHE B 32 -2.74 14.30 44.99
CA PHE B 32 -3.23 12.92 45.25
C PHE B 32 -2.08 12.08 45.80
N ASP B 33 -2.23 11.56 47.03
CA ASP B 33 -1.26 10.62 47.65
C ASP B 33 -1.66 9.21 47.23
N ARG B 34 -0.83 8.56 46.41
CA ARG B 34 -0.99 7.16 45.95
C ARG B 34 -0.14 6.26 46.83
N SER B 35 -0.72 5.13 47.27
CA SER B 35 -0.06 4.00 47.99
C SER B 35 0.06 2.80 47.06
N SER B 36 1.10 1.99 47.24
CA SER B 36 1.20 0.67 46.57
C SER B 36 -0.01 -0.18 46.96
N PRO B 37 -0.80 -0.69 46.00
CA PRO B 37 -1.87 -1.64 46.30
C PRO B 37 -1.36 -3.03 46.75
N ALA B 38 -0.04 -3.24 46.66
CA ALA B 38 0.65 -4.48 47.07
C ALA B 38 1.28 -4.32 48.45
N HIS B 39 1.59 -3.10 48.90
CA HIS B 39 2.36 -2.86 50.15
C HIS B 39 1.62 -1.95 51.16
N ASP B 40 0.58 -1.21 50.73
CA ASP B 40 -0.24 -0.24 51.53
C ASP B 40 0.63 0.89 52.07
N VAL B 41 1.77 1.18 51.44
CA VAL B 41 2.71 2.24 51.93
C VAL B 41 2.77 3.34 50.88
N PRO B 42 2.71 4.63 51.29
CA PRO B 42 2.85 5.74 50.35
C PRO B 42 4.13 5.68 49.51
N VAL B 43 4.00 6.06 48.23
CA VAL B 43 5.02 5.91 47.13
C VAL B 43 5.10 7.19 46.28
N THR B 44 3.97 7.83 45.95
CA THR B 44 3.96 9.00 45.05
C THR B 44 3.01 10.11 45.55
N ARG B 45 3.32 11.34 45.13
CA ARG B 45 2.43 12.53 45.24
C ARG B 45 2.28 13.14 43.84
N ILE B 46 1.11 12.95 43.23
CA ILE B 46 0.75 13.42 41.87
C ILE B 46 -0.08 14.68 42.03
N PRO B 47 0.23 15.77 41.30
CA PRO B 47 -0.59 16.98 41.34
C PRO B 47 -1.99 16.76 40.74
N ARG B 48 -3.03 17.25 41.42
CA ARG B 48 -4.41 17.34 40.87
C ARG B 48 -4.55 18.66 40.13
N CYS B 49 -4.61 18.62 38.79
CA CYS B 49 -4.65 19.84 37.93
C CYS B 49 -6.09 20.32 37.77
N THR B 50 -6.23 21.59 37.37
CA THR B 50 -7.52 22.33 37.18
C THR B 50 -7.85 22.39 35.69
N ARG B 51 -9.07 22.82 35.37
CA ARG B 51 -9.55 23.07 33.98
C ARG B 51 -8.72 24.20 33.37
N GLU B 52 -8.21 25.11 34.21
CA GLU B 52 -7.33 26.23 33.79
C GLU B 52 -5.98 25.62 33.38
N ASP B 53 -5.50 24.67 34.17
CA ASP B 53 -4.27 23.90 33.88
C ASP B 53 -4.47 23.16 32.55
N LEU B 54 -5.66 22.66 32.24
CA LEU B 54 -5.85 21.86 31.00
C LEU B 54 -5.98 22.79 29.79
N ASP B 55 -6.78 23.85 29.91
CA ASP B 55 -6.99 24.82 28.80
C ASP B 55 -5.62 25.31 28.36
N GLU B 56 -4.75 25.54 29.34
CA GLU B 56 -3.35 26.00 29.10
C GLU B 56 -2.55 24.94 28.35
N ALA B 57 -2.67 23.67 28.74
CA ALA B 57 -1.91 22.57 28.09
C ALA B 57 -2.29 22.52 26.61
N VAL B 58 -3.60 22.63 26.35
CA VAL B 58 -4.19 22.55 24.99
C VAL B 58 -3.66 23.74 24.23
N ALA B 59 -3.57 24.90 24.87
CA ALA B 59 -3.07 26.16 24.24
C ALA B 59 -1.61 25.99 23.83
N ALA B 60 -0.82 25.30 24.65
CA ALA B 60 0.60 25.04 24.38
C ALA B 60 0.70 24.10 23.18
N ALA B 61 0.07 22.94 23.23
CA ALA B 61 -0.05 21.93 22.15
C ALA B 61 -0.44 22.60 20.83
N ARG B 62 -1.43 23.49 20.85
CA ARG B 62 -1.82 24.21 19.62
C ARG B 62 -0.65 25.09 19.15
N ARG B 63 -0.12 25.96 20.00
CA ARG B 63 1.03 26.83 19.64
C ARG B 63 2.11 25.97 18.97
N ALA B 64 2.48 24.86 19.60
CA ALA B 64 3.60 23.99 19.18
C ALA B 64 3.29 23.39 17.81
N PHE B 65 2.02 23.08 17.55
CA PHE B 65 1.59 22.50 16.25
C PHE B 65 1.66 23.57 15.17
N GLU B 66 0.94 24.68 15.37
CA GLU B 66 0.79 25.76 14.36
C GLU B 66 2.18 26.36 14.07
N ASN B 67 3.07 26.58 15.05
CA ASN B 67 4.34 27.32 14.79
C ASN B 67 5.37 26.44 14.06
N GLY B 68 4.98 25.24 13.60
CA GLY B 68 5.79 24.33 12.76
C GLY B 68 7.02 23.76 13.48
N SER B 69 7.16 23.97 14.79
CA SER B 69 8.31 23.47 15.59
C SER B 69 8.35 21.94 15.62
N TRP B 70 7.26 21.26 15.24
CA TRP B 70 7.19 19.77 15.24
C TRP B 70 6.59 19.22 13.93
N ALA B 71 5.36 19.61 13.58
CA ALA B 71 4.75 19.20 12.28
C ALA B 71 5.61 19.66 11.11
N GLY B 72 6.30 20.80 11.25
CA GLY B 72 7.06 21.48 10.19
C GLY B 72 8.38 20.79 9.91
N LEU B 73 8.94 20.10 10.90
CA LEU B 73 10.27 19.45 10.75
C LEU B 73 10.17 18.39 9.66
N ALA B 74 11.28 18.04 9.04
CA ALA B 74 11.46 16.76 8.33
C ALA B 74 11.15 15.62 9.30
N ALA B 75 10.47 14.56 8.82
CA ALA B 75 10.20 13.30 9.56
C ALA B 75 11.50 12.78 10.21
N ALA B 76 12.64 12.98 9.57
CA ALA B 76 13.98 12.55 10.05
C ALA B 76 14.19 13.03 11.49
N ASP B 77 13.76 14.24 11.80
CA ASP B 77 14.02 14.96 13.07
C ASP B 77 13.00 14.49 14.09
N ARG B 78 11.79 14.13 13.65
CA ARG B 78 10.78 13.53 14.56
C ARG B 78 11.24 12.10 14.89
N ALA B 79 11.84 11.42 13.91
CA ALA B 79 12.38 10.06 14.06
C ALA B 79 13.61 10.12 14.99
N ALA B 80 14.45 11.14 14.88
CA ALA B 80 15.65 11.28 15.74
C ALA B 80 15.22 11.27 17.21
N VAL B 81 14.19 12.08 17.50
CA VAL B 81 13.65 12.28 18.87
C VAL B 81 13.07 10.94 19.39
N LEU B 82 12.41 10.17 18.53
CA LEU B 82 11.71 8.93 18.97
C LEU B 82 12.76 7.82 19.14
N LEU B 83 13.74 7.78 18.25
CA LEU B 83 14.90 6.85 18.38
C LEU B 83 15.67 7.22 19.65
N LYS B 84 15.99 8.51 19.91
CA LYS B 84 16.65 8.94 21.18
C LYS B 84 15.85 8.41 22.37
N ALA B 85 14.54 8.68 22.42
CA ALA B 85 13.57 8.28 23.48
C ALA B 85 13.62 6.77 23.71
N ALA B 86 13.55 6.01 22.62
CA ALA B 86 13.61 4.53 22.62
C ALA B 86 14.91 4.15 23.31
N GLY B 87 15.98 4.90 23.04
CA GLY B 87 17.32 4.65 23.60
C GLY B 87 17.36 5.00 25.08
N LEU B 88 16.83 6.16 25.43
CA LEU B 88 16.72 6.58 26.84
C LEU B 88 15.79 5.58 27.56
N LEU B 89 14.77 5.07 26.89
CA LEU B 89 13.81 4.13 27.54
C LEU B 89 14.57 2.91 28.06
N ARG B 90 15.43 2.36 27.21
CA ARG B 90 16.29 1.17 27.50
C ARG B 90 17.24 1.52 28.66
N GLU B 91 17.91 2.68 28.60
CA GLU B 91 18.82 3.12 29.67
C GLU B 91 18.09 3.06 31.02
N ARG B 92 16.84 3.54 31.12
CA ARG B 92 16.09 3.73 32.41
C ARG B 92 14.99 2.67 32.57
N ARG B 93 15.13 1.50 31.97
CA ARG B 93 14.08 0.47 32.02
C ARG B 93 13.79 0.09 33.47
N ASP B 94 14.82 -0.14 34.26
CA ASP B 94 14.70 -0.60 35.66
C ASP B 94 14.00 0.47 36.53
N ASP B 95 14.30 1.77 36.32
CA ASP B 95 13.57 2.91 36.95
C ASP B 95 12.07 2.76 36.68
N ILE B 96 11.71 2.68 35.39
CA ILE B 96 10.30 2.79 34.92
C ILE B 96 9.54 1.58 35.42
N ALA B 97 10.15 0.40 35.35
CA ALA B 97 9.58 -0.86 35.90
C ALA B 97 9.36 -0.65 37.39
N TYR B 98 10.32 -0.09 38.11
CA TYR B 98 10.22 0.11 39.58
C TYR B 98 8.96 0.92 39.89
N TRP B 99 8.80 2.06 39.25
CA TRP B 99 7.72 3.04 39.52
C TRP B 99 6.37 2.48 39.05
N GLU B 100 6.37 1.75 37.93
CA GLU B 100 5.16 1.14 37.34
C GLU B 100 4.57 0.18 38.37
N VAL B 101 5.39 -0.76 38.84
CA VAL B 101 5.03 -1.75 39.90
C VAL B 101 4.49 -0.96 41.09
N LEU B 102 5.22 0.03 41.56
CA LEU B 102 4.84 0.73 42.81
C LEU B 102 3.40 1.23 42.69
N GLU B 103 3.00 1.80 41.56
CA GLU B 103 1.67 2.46 41.46
C GLU B 103 0.58 1.45 41.02
N ASN B 104 0.95 0.39 40.31
CA ASN B 104 -0.03 -0.52 39.67
C ASN B 104 -0.19 -1.81 40.49
N GLY B 105 0.92 -2.45 40.88
CA GLY B 105 0.94 -3.72 41.62
C GLY B 105 1.41 -4.90 40.78
N LYS B 106 1.69 -4.71 39.48
CA LYS B 106 2.09 -5.81 38.55
C LYS B 106 3.47 -6.37 38.93
N PRO B 107 3.74 -7.65 38.62
CA PRO B 107 5.06 -8.22 38.82
C PRO B 107 6.14 -7.49 38.00
N ILE B 108 7.29 -7.29 38.65
CA ILE B 108 8.51 -6.62 38.11
C ILE B 108 8.96 -7.29 36.80
N SER B 109 8.81 -8.61 36.68
CA SER B 109 9.19 -9.34 35.46
C SER B 109 8.26 -8.87 34.33
N GLN B 110 6.95 -8.91 34.58
CA GLN B 110 5.91 -8.48 33.61
C GLN B 110 6.18 -7.03 33.18
N ALA B 111 6.44 -6.17 34.17
CA ALA B 111 6.74 -4.74 33.99
C ALA B 111 7.91 -4.60 33.03
N LYS B 112 9.01 -5.31 33.25
CA LYS B 112 10.25 -5.17 32.47
C LYS B 112 9.99 -5.70 31.05
N GLY B 113 9.09 -6.68 30.89
CA GLY B 113 8.68 -7.22 29.57
C GLY B 113 7.96 -6.16 28.75
N GLU B 114 7.09 -5.41 29.43
CA GLU B 114 6.27 -4.32 28.86
C GLU B 114 7.20 -3.20 28.41
N ILE B 115 8.27 -2.92 29.15
CA ILE B 115 9.19 -1.79 28.83
C ILE B 115 9.90 -2.14 27.52
N ASP B 116 10.26 -3.38 27.34
CA ASP B 116 10.91 -3.81 26.08
C ASP B 116 9.93 -3.58 24.92
N HIS B 117 8.64 -3.90 25.07
CA HIS B 117 7.59 -3.66 24.03
C HIS B 117 7.45 -2.15 23.74
N CYS B 118 7.62 -1.29 24.74
CA CYS B 118 7.50 0.19 24.60
C CYS B 118 8.64 0.68 23.70
N ILE B 119 9.87 0.31 24.05
CA ILE B 119 11.10 0.56 23.24
C ILE B 119 10.77 0.24 21.78
N ALA B 120 10.22 -0.95 21.54
CA ALA B 120 9.91 -1.47 20.18
C ALA B 120 8.89 -0.53 19.55
N CYS B 121 7.89 -0.12 20.32
CA CYS B 121 6.82 0.83 19.88
C CYS B 121 7.48 2.10 19.33
N PHE B 122 8.41 2.69 20.08
CA PHE B 122 9.07 3.97 19.79
C PHE B 122 9.88 3.84 18.49
N GLU B 123 10.63 2.74 18.38
CA GLU B 123 11.44 2.41 17.19
C GLU B 123 10.51 2.22 15.97
N MET B 124 9.36 1.57 16.15
CA MET B 124 8.39 1.35 15.05
C MET B 124 7.87 2.71 14.58
N ALA B 125 7.48 3.54 15.54
CA ALA B 125 6.93 4.90 15.30
C ALA B 125 7.96 5.72 14.53
N ALA B 126 9.24 5.64 14.95
CA ALA B 126 10.36 6.40 14.35
C ALA B 126 10.45 6.03 12.88
N GLY B 127 10.20 4.75 12.59
CA GLY B 127 10.24 4.19 11.23
C GLY B 127 9.05 4.68 10.42
N ALA B 128 7.87 4.70 11.04
CA ALA B 128 6.60 5.02 10.35
C ALA B 128 6.52 6.55 10.12
N ALA B 129 7.27 7.35 10.90
CA ALA B 129 7.43 8.81 10.70
C ALA B 129 7.93 9.07 9.28
N ARG B 130 8.94 8.31 8.84
CA ARG B 130 9.57 8.46 7.50
C ARG B 130 8.73 7.76 6.41
N MET B 131 8.03 6.66 6.76
CA MET B 131 7.25 5.82 5.80
C MET B 131 5.85 6.40 5.52
N LEU B 132 5.29 7.17 6.44
CA LEU B 132 3.96 7.80 6.25
C LEU B 132 3.93 8.44 4.87
N HIS B 133 2.95 8.04 4.05
CA HIS B 133 2.74 8.53 2.66
C HIS B 133 1.25 8.55 2.31
N GLY B 134 0.88 9.24 1.25
CA GLY B 134 -0.40 9.05 0.55
C GLY B 134 -0.16 8.54 -0.86
N ASP B 135 -0.92 8.99 -1.84
CA ASP B 135 -0.94 8.41 -3.19
C ASP B 135 -0.63 9.52 -4.18
N THR B 136 -0.23 9.13 -5.40
CA THR B 136 -0.30 9.96 -6.63
C THR B 136 -1.06 9.19 -7.69
N PHE B 137 -1.94 9.89 -8.40
CA PHE B 137 -2.71 9.39 -9.55
C PHE B 137 -2.26 10.13 -10.81
N ASN B 138 -1.31 9.53 -11.53
CA ASN B 138 -0.71 10.06 -12.78
C ASN B 138 -1.52 9.52 -13.96
N ASN B 139 -2.54 8.72 -13.67
CA ASN B 139 -3.29 7.92 -14.66
C ASN B 139 -4.67 8.55 -14.96
N LEU B 140 -4.88 9.84 -14.66
CA LEU B 140 -6.22 10.50 -14.76
C LEU B 140 -6.37 11.29 -16.07
N GLY B 141 -5.33 11.33 -16.92
CA GLY B 141 -5.37 11.96 -18.24
C GLY B 141 -4.34 13.08 -18.38
N GLU B 142 -4.15 13.58 -19.61
CA GLU B 142 -3.14 14.61 -19.94
C GLU B 142 -3.50 15.93 -19.23
N GLY B 143 -4.79 16.14 -18.91
CA GLY B 143 -5.29 17.38 -18.28
C GLY B 143 -5.22 17.37 -16.76
N LEU B 144 -5.56 16.24 -16.15
CA LEU B 144 -5.80 16.14 -14.69
C LEU B 144 -4.65 15.36 -14.06
N PHE B 145 -4.17 15.86 -12.92
CA PHE B 145 -3.23 15.19 -11.98
C PHE B 145 -3.90 15.09 -10.60
N GLY B 146 -4.05 13.86 -10.11
CA GLY B 146 -4.52 13.55 -8.75
C GLY B 146 -3.36 13.29 -7.82
N MET B 147 -3.55 13.57 -6.53
CA MET B 147 -2.69 13.06 -5.42
C MET B 147 -3.43 13.16 -4.09
N VAL B 148 -3.14 12.24 -3.17
CA VAL B 148 -3.76 12.18 -1.82
C VAL B 148 -2.67 12.40 -0.76
N LEU B 149 -2.79 13.46 0.03
CA LEU B 149 -1.77 13.81 1.05
C LEU B 149 -2.24 13.30 2.41
N ARG B 150 -1.30 12.91 3.26
CA ARG B 150 -1.54 12.70 4.71
C ARG B 150 -0.82 13.80 5.47
N GLU B 151 -1.48 14.36 6.50
CA GLU B 151 -0.94 15.40 7.39
C GLU B 151 -1.46 15.20 8.81
N PRO B 152 -0.67 15.59 9.83
CA PRO B 152 -1.14 15.50 11.23
C PRO B 152 -2.49 16.22 11.44
N ILE B 153 -3.42 15.58 12.15
CA ILE B 153 -4.76 16.18 12.44
C ILE B 153 -4.61 17.43 13.31
N GLY B 154 -3.66 17.45 14.25
CA GLY B 154 -3.40 18.63 15.10
C GLY B 154 -3.26 18.26 16.56
N VAL B 155 -4.07 18.87 17.43
CA VAL B 155 -3.90 18.71 18.90
C VAL B 155 -4.69 17.47 19.30
N VAL B 156 -4.00 16.53 19.93
CA VAL B 156 -4.58 15.21 20.27
C VAL B 156 -4.49 15.09 21.77
N GLY B 157 -5.63 14.81 22.41
CA GLY B 157 -5.71 14.44 23.83
C GLY B 157 -5.64 12.93 23.97
N LEU B 158 -4.86 12.44 24.93
CA LEU B 158 -4.68 10.99 25.17
C LEU B 158 -5.09 10.71 26.61
N ILE B 159 -6.03 9.79 26.83
CA ILE B 159 -6.47 9.35 28.18
C ILE B 159 -6.18 7.87 28.30
N THR B 160 -5.27 7.51 29.19
CA THR B 160 -4.79 6.12 29.43
C THR B 160 -5.40 5.60 30.73
N PRO B 161 -5.70 4.29 30.81
CA PRO B 161 -6.24 3.69 32.03
C PRO B 161 -5.10 3.23 32.97
N TRP B 162 -5.41 2.47 34.02
CA TRP B 162 -4.45 2.12 35.11
C TRP B 162 -3.93 0.67 35.01
N ASN B 163 -4.43 -0.10 34.06
CA ASN B 163 -4.02 -1.51 33.84
C ASN B 163 -2.58 -1.54 33.34
N PHE B 164 -2.36 -1.06 32.13
CA PHE B 164 -1.00 -0.86 31.58
C PHE B 164 -0.79 0.64 31.46
N PRO B 165 -0.48 1.36 32.56
CA PRO B 165 -0.28 2.79 32.50
C PRO B 165 0.79 3.16 31.48
N PHE B 166 1.94 2.49 31.51
CA PHE B 166 3.11 2.85 30.69
C PHE B 166 3.04 2.14 29.35
N MET B 167 2.51 0.93 29.27
CA MET B 167 2.60 0.22 27.97
C MET B 167 1.52 0.75 27.04
N ILE B 168 0.33 1.02 27.56
CA ILE B 168 -0.77 1.56 26.71
C ILE B 168 -0.35 2.95 26.26
N LEU B 169 0.16 3.79 27.18
CA LEU B 169 0.72 5.15 26.87
C LEU B 169 1.68 5.05 25.68
N CYS B 170 2.55 4.04 25.67
CA CYS B 170 3.62 3.85 24.65
C CYS B 170 3.04 3.14 23.40
N GLU B 171 1.78 2.71 23.45
CA GLU B 171 1.12 2.12 22.26
C GLU B 171 0.25 3.18 21.60
N ARG B 172 0.42 4.46 21.94
CA ARG B 172 -0.38 5.56 21.35
C ARG B 172 0.49 6.79 21.09
N ALA B 173 1.20 7.29 22.11
CA ALA B 173 1.94 8.56 22.12
C ALA B 173 2.94 8.61 20.97
N PRO B 174 3.81 7.60 20.79
CA PRO B 174 4.84 7.68 19.75
C PRO B 174 4.27 7.68 18.32
N PHE B 175 3.17 6.97 18.09
CA PHE B 175 2.46 6.90 16.79
C PHE B 175 1.74 8.24 16.49
N ILE B 176 1.19 8.84 17.55
CA ILE B 176 0.51 10.15 17.46
C ILE B 176 1.58 11.17 17.09
N LEU B 177 2.77 11.10 17.70
CA LEU B 177 3.80 12.16 17.49
C LEU B 177 4.42 12.00 16.10
N ALA B 178 4.62 10.78 15.61
CA ALA B 178 5.39 10.45 14.38
C ALA B 178 4.85 11.28 13.21
N SER B 179 3.56 11.52 13.12
CA SER B 179 2.94 12.29 12.01
C SER B 179 3.21 13.78 12.19
N GLY B 180 3.42 14.22 13.43
CA GLY B 180 3.66 15.64 13.78
C GLY B 180 2.54 16.25 14.60
N CYS B 181 1.68 15.42 15.22
CA CYS B 181 0.60 15.86 16.13
C CYS B 181 1.23 16.33 17.43
N THR B 182 0.48 17.11 18.22
CA THR B 182 0.87 17.50 19.59
C THR B 182 -0.04 16.74 20.54
N LEU B 183 0.36 16.62 21.79
CA LEU B 183 -0.31 15.75 22.78
C LEU B 183 -0.64 16.51 24.07
N VAL B 184 -1.84 16.23 24.58
CA VAL B 184 -2.26 16.50 25.99
C VAL B 184 -2.73 15.17 26.58
N VAL B 185 -1.92 14.63 27.50
CA VAL B 185 -2.11 13.29 28.12
C VAL B 185 -2.74 13.49 29.50
N LYS B 186 -3.73 12.68 29.85
CA LYS B 186 -4.20 12.59 31.25
C LYS B 186 -4.12 11.13 31.63
N PRO B 187 -3.05 10.72 32.33
CA PRO B 187 -2.96 9.35 32.85
C PRO B 187 -4.03 9.12 33.93
N ALA B 188 -4.29 7.85 34.26
CA ALA B 188 -5.01 7.47 35.49
C ALA B 188 -4.38 8.15 36.69
N GLU B 189 -5.19 8.63 37.63
CA GLU B 189 -4.76 9.35 38.88
C GLU B 189 -3.90 8.40 39.74
N VAL B 190 -4.32 7.14 39.80
CA VAL B 190 -3.68 6.04 40.56
C VAL B 190 -2.37 5.61 39.89
N THR B 191 -2.12 5.94 38.62
CA THR B 191 -0.90 5.48 37.88
C THR B 191 -0.39 6.56 36.92
N SER B 192 0.01 7.72 37.46
CA SER B 192 0.47 8.90 36.69
C SER B 192 2.01 8.96 36.59
N ALA B 193 2.76 8.20 37.38
CA ALA B 193 4.21 8.45 37.59
C ALA B 193 5.03 8.05 36.34
N THR B 194 4.79 6.87 35.78
CA THR B 194 5.52 6.36 34.58
C THR B 194 5.17 7.24 33.38
N THR B 195 3.98 7.85 33.34
CA THR B 195 3.61 8.83 32.28
C THR B 195 4.41 10.14 32.42
N LEU B 196 4.63 10.61 33.64
CA LEU B 196 5.49 11.80 33.92
C LEU B 196 6.95 11.44 33.61
N LEU B 197 7.36 10.20 33.87
CA LEU B 197 8.73 9.75 33.55
C LEU B 197 8.92 9.76 32.03
N LEU B 198 7.88 9.45 31.24
CA LEU B 198 7.97 9.51 29.76
C LEU B 198 8.15 10.97 29.36
N ALA B 199 7.43 11.88 30.02
CA ALA B 199 7.60 13.34 29.85
C ALA B 199 9.08 13.67 30.07
N GLU B 200 9.66 13.24 31.17
CA GLU B 200 11.10 13.53 31.42
C GLU B 200 11.87 13.05 30.18
N ILE B 201 11.64 11.79 29.78
CA ILE B 201 12.46 11.10 28.75
C ILE B 201 12.37 11.91 27.46
N LEU B 202 11.14 12.25 27.06
CA LEU B 202 10.88 12.92 25.76
C LEU B 202 11.56 14.29 25.75
N ALA B 203 11.45 15.03 26.85
CA ALA B 203 12.19 16.29 27.05
C ALA B 203 13.69 15.99 26.85
N ASP B 204 14.24 14.97 27.52
CA ASP B 204 15.69 14.66 27.44
C ASP B 204 16.10 14.32 26.00
N ALA B 205 15.20 13.70 25.22
CA ALA B 205 15.43 13.18 23.85
C ALA B 205 15.29 14.32 22.83
N GLY B 206 14.94 15.53 23.30
CA GLY B 206 14.90 16.77 22.50
C GLY B 206 13.55 17.03 21.84
N LEU B 207 12.46 16.60 22.47
CA LEU B 207 11.07 16.91 22.00
C LEU B 207 10.79 18.38 22.31
N PRO B 208 10.47 19.21 21.31
CA PRO B 208 10.23 20.63 21.55
C PRO B 208 9.15 20.88 22.61
N LYS B 209 9.17 22.09 23.15
CA LYS B 209 8.21 22.51 24.20
C LYS B 209 6.79 22.57 23.66
N GLY B 210 5.83 22.13 24.47
CA GLY B 210 4.41 22.20 24.09
C GLY B 210 3.92 20.94 23.38
N VAL B 211 4.82 20.15 22.78
CA VAL B 211 4.47 18.99 21.89
C VAL B 211 3.87 17.83 22.73
N PHE B 212 4.37 17.63 23.95
CA PHE B 212 3.87 16.60 24.89
C PHE B 212 3.59 17.30 26.23
N ASN B 213 2.33 17.34 26.64
CA ASN B 213 1.88 17.97 27.91
C ASN B 213 1.10 16.91 28.69
N VAL B 214 1.42 16.77 29.96
CA VAL B 214 0.74 15.86 30.92
C VAL B 214 0.03 16.73 31.93
N VAL B 215 -1.28 16.68 31.91
CA VAL B 215 -2.16 17.30 32.93
C VAL B 215 -2.77 16.14 33.71
N THR B 216 -2.42 16.02 35.00
CA THR B 216 -2.79 14.90 35.90
C THR B 216 -3.99 15.32 36.76
N GLY B 217 -4.82 14.34 37.10
CA GLY B 217 -6.02 14.59 37.91
C GLY B 217 -7.13 13.64 37.53
N THR B 218 -8.35 13.97 37.96
CA THR B 218 -9.56 13.12 37.86
C THR B 218 -10.16 13.23 36.46
N GLY B 219 -10.92 12.22 36.09
CA GLY B 219 -11.59 12.19 34.78
C GLY B 219 -12.69 13.20 34.71
N ARG B 220 -13.33 13.53 35.84
CA ARG B 220 -14.53 14.42 35.85
C ARG B 220 -14.11 15.89 35.84
N THR B 221 -12.91 16.24 36.30
CA THR B 221 -12.33 17.60 36.13
C THR B 221 -11.62 17.66 34.77
N VAL B 222 -10.49 16.93 34.63
CA VAL B 222 -9.51 17.09 33.51
C VAL B 222 -9.95 16.23 32.33
N GLY B 223 -10.44 15.02 32.60
CA GLY B 223 -10.88 14.07 31.57
C GLY B 223 -12.02 14.64 30.74
N GLN B 224 -13.14 14.98 31.38
CA GLN B 224 -14.32 15.63 30.75
C GLN B 224 -13.95 16.99 30.13
N ALA B 225 -13.05 17.77 30.73
CA ALA B 225 -12.62 19.08 30.17
C ALA B 225 -11.92 18.85 28.83
N MET B 226 -11.26 17.69 28.68
CA MET B 226 -10.61 17.24 27.40
C MET B 226 -11.66 16.68 26.43
N THR B 227 -12.58 15.85 26.90
CA THR B 227 -13.58 15.18 26.01
C THR B 227 -14.49 16.25 25.42
N GLU B 228 -14.65 17.39 26.09
CA GLU B 228 -15.56 18.48 25.64
C GLU B 228 -14.76 19.66 25.06
N HIS B 229 -13.44 19.65 25.19
CA HIS B 229 -12.58 20.81 24.81
C HIS B 229 -12.85 21.23 23.38
N GLN B 230 -12.91 22.54 23.12
CA GLN B 230 -13.35 23.05 21.80
C GLN B 230 -12.16 23.15 20.83
N ASP B 231 -10.94 22.80 21.26
CA ASP B 231 -9.72 23.00 20.44
C ASP B 231 -8.82 21.75 20.38
N ILE B 232 -9.30 20.61 20.88
CA ILE B 232 -8.64 19.28 20.73
C ILE B 232 -9.23 18.60 19.48
N ASP B 233 -8.39 18.20 18.54
CA ASP B 233 -8.85 17.75 17.21
C ASP B 233 -9.25 16.27 17.28
N MET B 234 -8.64 15.52 18.19
CA MET B 234 -8.84 14.06 18.24
C MET B 234 -8.40 13.50 19.62
N LEU B 235 -9.11 12.50 20.11
CA LEU B 235 -8.84 11.91 21.44
C LEU B 235 -8.66 10.40 21.28
N SER B 236 -7.49 9.91 21.66
CA SER B 236 -7.34 8.51 22.10
C SER B 236 -7.83 8.46 23.53
N PHE B 237 -8.82 7.62 23.74
CA PHE B 237 -9.27 7.15 25.06
C PHE B 237 -9.17 5.64 25.05
N THR B 238 -8.49 5.08 26.04
CA THR B 238 -8.49 3.63 26.32
C THR B 238 -9.08 3.45 27.71
N GLY B 239 -10.04 2.53 27.84
CA GLY B 239 -10.78 2.27 29.09
C GLY B 239 -12.06 1.46 28.86
N SER B 240 -13.14 1.86 29.50
CA SER B 240 -14.40 1.08 29.63
C SER B 240 -15.35 1.52 28.52
N THR B 241 -16.25 0.65 28.10
CA THR B 241 -17.25 1.02 27.06
C THR B 241 -18.10 2.18 27.57
N GLY B 242 -18.43 2.20 28.86
CA GLY B 242 -19.26 3.25 29.44
C GLY B 242 -18.64 4.63 29.23
N VAL B 243 -17.33 4.72 29.46
CA VAL B 243 -16.61 6.03 29.54
C VAL B 243 -16.23 6.43 28.11
N GLY B 244 -16.02 5.44 27.24
CA GLY B 244 -15.99 5.66 25.78
C GLY B 244 -17.27 6.33 25.30
N LYS B 245 -18.42 5.86 25.77
CA LYS B 245 -19.75 6.38 25.34
C LYS B 245 -19.90 7.82 25.83
N SER B 246 -19.31 8.18 26.97
CA SER B 246 -19.24 9.57 27.53
C SER B 246 -18.41 10.48 26.61
N CYS B 247 -17.27 9.97 26.17
CA CYS B 247 -16.32 10.66 25.27
C CYS B 247 -17.03 11.01 23.96
N ILE B 248 -17.84 10.06 23.45
CA ILE B 248 -18.61 10.17 22.16
C ILE B 248 -19.65 11.29 22.31
N HIS B 249 -20.49 11.21 23.34
CA HIS B 249 -21.50 12.26 23.63
C HIS B 249 -20.81 13.63 23.66
N ALA B 250 -19.69 13.73 24.38
CA ALA B 250 -18.88 14.95 24.57
C ALA B 250 -18.40 15.47 23.21
N ALA B 251 -17.91 14.58 22.34
CA ALA B 251 -17.42 14.90 20.98
C ALA B 251 -18.53 15.59 20.19
N ALA B 252 -19.65 14.91 19.99
CA ALA B 252 -20.88 15.45 19.34
C ALA B 252 -21.24 16.79 19.98
N ASP B 253 -21.24 16.87 21.32
CA ASP B 253 -21.70 18.05 22.08
C ASP B 253 -20.64 19.17 22.04
N SER B 254 -19.48 18.97 21.46
CA SER B 254 -18.40 20.00 21.49
C SER B 254 -18.03 20.42 20.07
N ASN B 255 -16.99 19.80 19.47
CA ASN B 255 -16.35 20.21 18.18
C ASN B 255 -16.17 19.05 17.19
N LEU B 256 -16.90 17.94 17.33
CA LEU B 256 -16.90 16.79 16.37
C LEU B 256 -15.50 16.17 16.28
N LYS B 257 -14.69 16.39 17.30
CA LYS B 257 -13.31 15.86 17.40
C LYS B 257 -13.39 14.37 17.08
N LYS B 258 -12.35 13.83 16.46
CA LYS B 258 -12.29 12.40 16.07
C LYS B 258 -12.03 11.62 17.36
N LEU B 259 -12.37 10.33 17.37
CA LEU B 259 -12.22 9.47 18.57
C LEU B 259 -11.59 8.15 18.17
N GLY B 260 -10.43 7.85 18.77
CA GLY B 260 -9.85 6.50 18.79
C GLY B 260 -10.20 5.82 20.09
N LEU B 261 -11.16 4.88 20.06
CA LEU B 261 -11.65 4.20 21.27
C LEU B 261 -11.12 2.76 21.33
N GLU B 262 -10.40 2.42 22.38
CA GLU B 262 -10.03 1.03 22.78
C GLU B 262 -10.77 0.72 24.08
N LEU B 263 -11.83 -0.10 24.05
CA LEU B 263 -12.86 -0.07 25.10
C LEU B 263 -13.02 -1.41 25.81
N GLY B 264 -12.07 -2.33 25.63
CA GLY B 264 -12.18 -3.67 26.29
C GLY B 264 -13.35 -4.53 25.80
N GLY B 265 -13.55 -5.68 26.43
CA GLY B 265 -14.35 -6.77 25.88
C GLY B 265 -14.54 -7.95 26.82
N LYS B 266 -15.12 -9.02 26.27
CA LYS B 266 -15.40 -10.33 26.92
C LYS B 266 -14.84 -11.42 26.00
N ASN B 267 -13.52 -11.52 25.90
CA ASN B 267 -12.83 -12.10 24.70
C ASN B 267 -12.89 -13.63 24.75
N PRO B 268 -13.31 -14.32 23.67
CA PRO B 268 -13.35 -15.77 23.67
C PRO B 268 -11.96 -16.37 23.35
N ILE B 269 -11.73 -17.58 23.86
CA ILE B 269 -10.57 -18.44 23.46
C ILE B 269 -11.16 -19.80 23.13
N VAL B 270 -11.20 -20.15 21.84
CA VAL B 270 -11.81 -21.41 21.35
C VAL B 270 -10.76 -22.52 21.38
N VAL B 271 -11.06 -23.61 22.07
CA VAL B 271 -10.15 -24.78 22.21
C VAL B 271 -10.79 -26.01 21.57
N PHE B 272 -10.13 -26.59 20.55
CA PHE B 272 -10.58 -27.82 19.84
C PHE B 272 -9.81 -28.99 20.43
N ALA B 273 -10.43 -30.17 20.35
CA ALA B 273 -9.88 -31.44 20.92
C ALA B 273 -8.57 -31.77 20.19
N ASP B 274 -8.45 -31.40 18.92
CA ASP B 274 -7.26 -31.73 18.11
C ASP B 274 -6.19 -30.65 18.28
N SER B 275 -6.20 -29.92 19.38
CA SER B 275 -5.15 -28.92 19.69
C SER B 275 -4.07 -29.54 20.58
N ASN B 276 -2.98 -28.80 20.82
CA ASN B 276 -1.95 -29.18 21.82
C ASN B 276 -2.46 -28.81 23.21
N LEU B 277 -3.33 -29.65 23.77
CA LEU B 277 -4.15 -29.36 24.99
C LEU B 277 -3.29 -28.74 26.09
N GLU B 278 -2.07 -29.26 26.30
CA GLU B 278 -1.16 -28.79 27.36
C GLU B 278 -0.87 -27.29 27.13
N ASP B 279 -0.37 -26.97 25.93
CA ASP B 279 0.06 -25.60 25.52
C ASP B 279 -1.15 -24.67 25.58
N ALA B 280 -2.29 -25.13 25.05
CA ALA B 280 -3.57 -24.39 25.08
C ALA B 280 -3.95 -24.04 26.53
N ALA B 281 -3.81 -25.00 27.45
CA ALA B 281 -4.23 -24.86 28.87
C ALA B 281 -3.33 -23.83 29.53
N ASP B 282 -2.05 -23.85 29.16
CA ASP B 282 -1.05 -22.84 29.59
C ASP B 282 -1.46 -21.45 29.08
N ALA B 283 -1.88 -21.33 27.82
CA ALA B 283 -2.28 -20.06 27.16
C ALA B 283 -3.56 -19.51 27.80
N VAL B 284 -4.58 -20.34 28.06
CA VAL B 284 -5.84 -19.90 28.73
C VAL B 284 -5.52 -19.35 30.13
N ALA B 285 -4.69 -20.07 30.90
CA ALA B 285 -4.26 -19.66 32.25
C ALA B 285 -3.57 -18.29 32.18
N PHE B 286 -2.56 -18.14 31.32
CA PHE B 286 -1.86 -16.84 31.07
C PHE B 286 -2.85 -15.77 30.63
N GLY B 287 -3.76 -16.12 29.72
CA GLY B 287 -4.71 -15.21 29.05
C GLY B 287 -5.74 -14.63 30.00
N ILE B 288 -5.95 -15.25 31.17
CA ILE B 288 -6.92 -14.72 32.16
C ILE B 288 -6.19 -14.29 33.44
N SER B 289 -4.98 -14.77 33.70
CA SER B 289 -4.25 -14.45 34.95
C SER B 289 -3.32 -13.26 34.73
N PHE B 290 -2.77 -13.10 33.54
CA PHE B 290 -1.88 -11.99 33.11
C PHE B 290 -2.46 -10.65 33.57
N ASN B 291 -1.59 -9.80 34.13
CA ASN B 291 -1.97 -8.53 34.81
C ASN B 291 -3.13 -8.79 35.77
N THR B 292 -3.09 -9.93 36.48
CA THR B 292 -4.14 -10.40 37.42
C THR B 292 -5.52 -10.26 36.74
N GLY B 293 -5.61 -10.53 35.44
CA GLY B 293 -6.89 -10.52 34.69
C GLY B 293 -7.46 -9.12 34.50
N GLN B 294 -6.68 -8.09 34.89
CA GLN B 294 -7.05 -6.66 34.77
C GLN B 294 -6.59 -6.21 33.39
N CYS B 295 -7.32 -6.64 32.36
CA CYS B 295 -6.86 -6.68 30.96
C CYS B 295 -8.03 -6.59 29.97
N CYS B 296 -8.02 -5.57 29.14
CA CYS B 296 -9.03 -5.34 28.06
C CYS B 296 -9.05 -6.53 27.08
N VAL B 297 -7.92 -7.24 26.93
CA VAL B 297 -7.72 -8.31 25.90
C VAL B 297 -7.63 -9.69 26.56
N SER B 298 -8.00 -9.83 27.85
CA SER B 298 -7.96 -11.11 28.59
C SER B 298 -8.95 -12.10 27.98
N SER B 299 -8.61 -13.39 28.01
CA SER B 299 -9.48 -14.48 27.50
C SER B 299 -10.34 -14.99 28.66
N SER B 300 -11.49 -14.35 28.86
CA SER B 300 -12.42 -14.53 30.01
C SER B 300 -13.53 -15.56 29.71
N ARG B 301 -13.79 -15.88 28.44
CA ARG B 301 -14.76 -16.90 28.00
C ARG B 301 -14.00 -18.04 27.31
N LEU B 302 -14.03 -19.24 27.90
CA LEU B 302 -13.46 -20.47 27.29
C LEU B 302 -14.55 -21.15 26.47
N ILE B 303 -14.27 -21.46 25.22
CA ILE B 303 -15.20 -22.16 24.29
C ILE B 303 -14.48 -23.39 23.76
N VAL B 304 -14.80 -24.56 24.32
CA VAL B 304 -14.01 -25.83 24.26
C VAL B 304 -14.88 -26.92 23.65
N GLU B 305 -14.29 -27.74 22.78
CA GLU B 305 -14.95 -28.89 22.13
C GLU B 305 -15.32 -29.84 23.26
N ARG B 306 -16.57 -30.31 23.25
CA ARG B 306 -17.16 -31.12 24.33
C ARG B 306 -16.30 -32.35 24.58
N SER B 307 -15.70 -32.94 23.53
CA SER B 307 -14.96 -34.21 23.63
C SER B 307 -13.83 -34.12 24.66
N VAL B 308 -13.28 -32.92 24.90
CA VAL B 308 -12.18 -32.69 25.89
C VAL B 308 -12.57 -31.59 26.90
N ALA B 309 -13.83 -31.13 26.93
CA ALA B 309 -14.28 -29.96 27.74
C ALA B 309 -13.92 -30.14 29.22
N GLU B 310 -14.41 -31.21 29.85
CA GLU B 310 -14.24 -31.54 31.31
C GLU B 310 -12.77 -31.73 31.66
N LYS B 311 -12.07 -32.52 30.86
CA LYS B 311 -10.60 -32.67 30.91
C LYS B 311 -9.94 -31.29 30.82
N PHE B 312 -10.18 -30.56 29.73
CA PHE B 312 -9.47 -29.29 29.41
C PHE B 312 -9.66 -28.32 30.59
N GLU B 313 -10.90 -28.12 31.04
CA GLU B 313 -11.23 -27.27 32.20
C GLU B 313 -10.25 -27.57 33.33
N ARG B 314 -10.12 -28.85 33.70
CA ARG B 314 -9.35 -29.27 34.89
C ARG B 314 -7.83 -29.12 34.62
N LEU B 315 -7.40 -29.21 33.34
CA LEU B 315 -6.00 -28.85 32.92
C LEU B 315 -5.77 -27.36 33.22
N VAL B 316 -6.75 -26.53 32.95
CA VAL B 316 -6.67 -25.06 33.18
C VAL B 316 -6.50 -24.86 34.69
N VAL B 317 -7.27 -25.60 35.50
CA VAL B 317 -7.21 -25.49 36.99
C VAL B 317 -5.77 -25.79 37.39
N ALA B 318 -5.20 -26.87 36.84
CA ALA B 318 -3.83 -27.34 37.15
C ALA B 318 -2.85 -26.18 36.97
N LYS B 319 -3.03 -25.40 35.89
CA LYS B 319 -2.17 -24.25 35.54
C LYS B 319 -2.47 -23.08 36.49
N MET B 320 -3.75 -22.80 36.75
CA MET B 320 -4.22 -21.63 37.54
C MET B 320 -3.70 -21.72 38.98
N GLU B 321 -3.68 -22.92 39.56
CA GLU B 321 -3.26 -23.16 40.97
C GLU B 321 -1.73 -23.18 41.10
N LYS B 322 -1.01 -23.36 40.00
CA LYS B 322 0.48 -23.35 40.00
C LYS B 322 1.01 -21.91 39.88
N ILE B 323 0.14 -20.93 39.62
CA ILE B 323 0.55 -19.51 39.37
C ILE B 323 1.12 -18.93 40.68
N ARG B 324 2.35 -18.43 40.64
CA ARG B 324 3.03 -17.85 41.82
C ARG B 324 2.48 -16.43 42.07
N VAL B 325 1.72 -16.27 43.15
CA VAL B 325 1.16 -14.95 43.57
C VAL B 325 1.97 -14.48 44.78
N GLY B 326 2.46 -13.23 44.77
CA GLY B 326 3.22 -12.65 45.90
C GLY B 326 3.63 -11.20 45.71
N ASP B 327 4.74 -10.85 46.34
CA ASP B 327 5.38 -9.53 46.20
C ASP B 327 5.65 -9.31 44.72
N PRO B 328 5.16 -8.19 44.14
CA PRO B 328 5.41 -7.88 42.74
C PRO B 328 6.91 -7.81 42.47
N PHE B 329 7.70 -7.40 43.48
CA PHE B 329 9.16 -7.21 43.32
C PHE B 329 9.90 -8.54 43.24
N ASP B 330 9.31 -9.65 43.68
CA ASP B 330 9.94 -10.99 43.56
C ASP B 330 10.00 -11.36 42.08
N PRO B 331 11.19 -11.61 41.48
CA PRO B 331 11.25 -11.99 40.07
C PRO B 331 10.45 -13.26 39.76
N GLU B 332 10.25 -14.10 40.78
CA GLU B 332 9.53 -15.41 40.72
C GLU B 332 8.00 -15.20 40.76
N THR B 333 7.50 -14.09 41.31
CA THR B 333 6.06 -13.78 41.28
C THR B 333 5.59 -13.67 39.83
N GLN B 334 4.43 -14.27 39.52
CA GLN B 334 3.79 -14.38 38.17
C GLN B 334 2.59 -13.42 38.06
N ILE B 335 1.78 -13.21 39.11
CA ILE B 335 0.66 -12.22 39.09
C ILE B 335 0.70 -11.31 40.33
N GLY B 336 0.32 -10.04 40.14
CA GLY B 336 0.42 -8.99 41.17
C GLY B 336 -0.94 -8.63 41.70
N ALA B 337 -1.06 -7.42 42.28
CA ALA B 337 -2.20 -6.96 43.12
C ALA B 337 -3.28 -6.33 42.26
N ILE B 338 -4.51 -6.35 42.76
CA ILE B 338 -5.63 -5.57 42.18
C ILE B 338 -5.32 -4.08 42.44
N THR B 339 -5.40 -3.26 41.40
CA THR B 339 -4.83 -1.89 41.36
C THR B 339 -5.65 -0.95 42.25
N THR B 340 -6.99 -1.03 42.20
CA THR B 340 -7.92 -0.11 42.92
C THR B 340 -8.91 -0.92 43.76
N GLU B 341 -9.31 -0.38 44.90
CA GLU B 341 -10.24 -1.04 45.85
C GLU B 341 -11.62 -1.18 45.18
N ALA B 342 -11.96 -0.22 44.32
CA ALA B 342 -13.19 -0.23 43.49
C ALA B 342 -13.20 -1.54 42.66
N GLN B 343 -12.14 -1.78 41.89
CA GLN B 343 -12.07 -2.97 41.00
C GLN B 343 -12.06 -4.22 41.86
N ASN B 344 -11.35 -4.22 42.97
CA ASN B 344 -11.34 -5.34 43.94
C ASN B 344 -12.78 -5.70 44.33
N LYS B 345 -13.62 -4.76 44.69
CA LYS B 345 -14.98 -5.12 45.17
C LYS B 345 -15.83 -5.61 44.01
N THR B 346 -15.66 -5.03 42.82
CA THR B 346 -16.40 -5.46 41.61
C THR B 346 -16.13 -6.94 41.35
N ILE B 347 -14.87 -7.29 41.24
CA ILE B 347 -14.47 -8.69 40.95
C ILE B 347 -15.05 -9.64 42.00
N LEU B 348 -14.80 -9.38 43.27
CA LEU B 348 -15.27 -10.27 44.36
C LEU B 348 -16.80 -10.36 44.33
N ASP B 349 -17.47 -9.30 43.89
CA ASP B 349 -18.95 -9.27 43.85
C ASP B 349 -19.46 -10.09 42.67
N TYR B 350 -18.64 -10.21 41.64
CA TYR B 350 -19.05 -10.95 40.43
C TYR B 350 -18.93 -12.44 40.72
N ILE B 351 -17.80 -12.85 41.31
CA ILE B 351 -17.63 -14.28 41.70
C ILE B 351 -18.84 -14.62 42.53
N ALA B 352 -19.07 -13.83 43.58
CA ALA B 352 -20.29 -14.01 44.39
C ALA B 352 -21.46 -14.32 43.50
N LYS B 353 -21.98 -13.30 42.82
CA LYS B 353 -23.16 -13.48 41.93
C LYS B 353 -23.04 -14.78 41.15
N GLY B 354 -21.88 -15.08 40.59
CA GLY B 354 -21.77 -16.29 39.75
C GLY B 354 -22.19 -17.50 40.53
N LYS B 355 -21.67 -17.63 41.75
CA LYS B 355 -21.97 -18.79 42.61
C LYS B 355 -23.46 -18.78 42.88
N ALA B 356 -24.08 -17.61 42.89
CA ALA B 356 -25.51 -17.48 43.19
C ALA B 356 -26.33 -17.72 41.95
N GLU B 357 -25.83 -17.27 40.80
CA GLU B 357 -26.55 -17.43 39.51
C GLU B 357 -26.63 -18.91 39.14
N GLY B 358 -25.75 -19.73 39.70
CA GLY B 358 -25.85 -21.18 39.49
C GLY B 358 -24.68 -21.80 38.78
N ALA B 359 -23.47 -21.30 39.04
CA ALA B 359 -22.32 -21.83 38.28
C ALA B 359 -21.42 -22.59 39.24
N LYS B 360 -20.62 -23.49 38.72
CA LYS B 360 -19.76 -24.35 39.56
C LYS B 360 -18.41 -23.68 39.69
N LEU B 361 -17.98 -23.44 40.92
CA LEU B 361 -16.62 -22.92 41.12
C LEU B 361 -15.69 -24.13 41.09
N LEU B 362 -14.87 -24.22 40.06
CA LEU B 362 -13.93 -25.35 39.88
C LEU B 362 -12.63 -25.00 40.60
N CYS B 363 -12.25 -23.72 40.61
CA CYS B 363 -11.08 -23.29 41.43
C CYS B 363 -11.20 -21.79 41.72
N GLY B 364 -10.31 -21.29 42.60
CA GLY B 364 -10.27 -19.92 43.15
C GLY B 364 -11.61 -19.51 43.73
N GLY B 365 -11.93 -18.22 43.63
CA GLY B 365 -13.17 -17.62 44.15
C GLY B 365 -12.94 -16.76 45.41
N GLY B 366 -11.69 -16.69 45.88
CA GLY B 366 -11.33 -15.96 47.11
C GLY B 366 -10.12 -15.06 46.92
N ILE B 367 -9.90 -14.16 47.88
CA ILE B 367 -8.70 -13.28 47.98
C ILE B 367 -7.52 -14.16 48.38
N VAL B 368 -6.31 -13.61 48.30
CA VAL B 368 -5.04 -14.25 48.75
C VAL B 368 -4.53 -13.40 49.91
N ASP B 369 -4.57 -13.95 51.13
CA ASP B 369 -4.33 -13.18 52.38
C ASP B 369 -2.82 -12.91 52.48
N PHE B 370 -2.41 -11.65 52.38
CA PHE B 370 -0.99 -11.25 52.52
C PHE B 370 -0.77 -10.31 53.71
N GLY B 371 -1.82 -10.01 54.48
CA GLY B 371 -1.74 -9.04 55.59
C GLY B 371 -1.83 -7.62 55.05
N LYS B 372 -0.94 -7.26 54.13
CA LYS B 372 -1.01 -6.00 53.34
C LYS B 372 -1.47 -6.33 51.91
N GLY B 373 -2.17 -5.37 51.28
CA GLY B 373 -2.50 -5.35 49.84
C GLY B 373 -3.83 -6.02 49.51
N GLN B 374 -4.16 -6.08 48.22
CA GLN B 374 -5.40 -6.67 47.68
C GLN B 374 -5.03 -7.64 46.57
N TYR B 375 -5.31 -8.93 46.76
CA TYR B 375 -4.97 -10.01 45.79
C TYR B 375 -6.18 -10.91 45.56
N ILE B 376 -6.29 -11.46 44.34
CA ILE B 376 -7.43 -12.32 43.94
C ILE B 376 -6.86 -13.62 43.35
N GLN B 377 -7.52 -14.73 43.68
CA GLN B 377 -7.15 -16.08 43.19
C GLN B 377 -7.64 -16.18 41.76
N PRO B 378 -6.83 -16.75 40.85
CA PRO B 378 -7.34 -17.13 39.55
C PRO B 378 -8.55 -18.06 39.80
N THR B 379 -9.65 -17.81 39.09
CA THR B 379 -10.98 -18.43 39.30
C THR B 379 -11.52 -18.97 37.96
N LEU B 380 -12.12 -20.17 37.99
CA LEU B 380 -12.79 -20.83 36.83
C LEU B 380 -14.23 -21.17 37.20
N PHE B 381 -15.16 -20.93 36.30
CA PHE B 381 -16.60 -21.21 36.46
C PHE B 381 -17.07 -22.08 35.29
N THR B 382 -17.77 -23.18 35.57
CA THR B 382 -18.43 -24.04 34.56
C THR B 382 -19.93 -24.07 34.82
N ASP B 383 -20.67 -24.72 33.93
CA ASP B 383 -22.15 -24.85 33.95
C ASP B 383 -22.72 -23.43 33.83
N VAL B 384 -22.15 -22.62 32.94
CA VAL B 384 -22.52 -21.18 32.75
C VAL B 384 -23.55 -21.05 31.63
N LYS B 385 -24.70 -20.44 31.93
CA LYS B 385 -25.73 -20.11 30.91
C LYS B 385 -25.34 -18.78 30.30
N PRO B 386 -25.65 -18.50 29.00
CA PRO B 386 -25.35 -17.21 28.39
C PRO B 386 -26.16 -16.06 29.03
N SER B 387 -27.26 -16.37 29.72
CA SER B 387 -28.01 -15.40 30.56
C SER B 387 -27.12 -14.82 31.68
N MET B 388 -26.26 -15.62 32.31
CA MET B 388 -25.61 -15.30 33.61
C MET B 388 -24.76 -14.03 33.49
N GLY B 389 -24.58 -13.30 34.60
CA GLY B 389 -23.82 -12.03 34.64
C GLY B 389 -22.36 -12.24 34.28
N ILE B 390 -21.76 -13.36 34.69
CA ILE B 390 -20.30 -13.65 34.49
C ILE B 390 -20.06 -14.10 33.05
N ALA B 391 -21.12 -14.42 32.31
CA ALA B 391 -21.07 -14.85 30.89
C ALA B 391 -21.06 -13.65 29.94
N ARG B 392 -21.62 -12.51 30.35
CA ARG B 392 -21.84 -11.31 29.48
C ARG B 392 -20.96 -10.12 29.90
N ASP B 393 -20.94 -9.81 31.20
CA ASP B 393 -20.25 -8.61 31.75
C ASP B 393 -18.73 -8.82 31.77
N GLU B 394 -17.98 -7.81 31.32
CA GLU B 394 -16.54 -7.68 31.60
C GLU B 394 -16.31 -7.54 33.11
N ILE B 395 -15.57 -8.49 33.71
CA ILE B 395 -15.27 -8.54 35.17
C ILE B 395 -13.91 -7.88 35.43
N PHE B 396 -12.96 -8.00 34.51
CA PHE B 396 -11.63 -7.35 34.59
C PHE B 396 -10.92 -7.88 35.83
N GLY B 397 -11.20 -9.13 36.17
CA GLY B 397 -10.41 -9.91 37.13
C GLY B 397 -10.02 -11.23 36.51
N PRO B 398 -9.32 -12.10 37.29
CA PRO B 398 -8.86 -13.40 36.80
C PRO B 398 -9.94 -14.47 36.95
N VAL B 399 -11.13 -14.19 36.43
CA VAL B 399 -12.32 -15.08 36.50
C VAL B 399 -12.60 -15.50 35.07
N LEU B 400 -12.77 -16.79 34.88
CA LEU B 400 -12.87 -17.45 33.55
C LEU B 400 -14.16 -18.25 33.56
N ALA B 401 -15.02 -18.06 32.57
CA ALA B 401 -16.24 -18.87 32.40
C ALA B 401 -15.96 -19.84 31.25
N SER B 402 -16.44 -21.08 31.40
CA SER B 402 -16.26 -22.16 30.40
C SER B 402 -17.60 -22.39 29.73
N PHE B 403 -17.56 -22.65 28.43
CA PHE B 403 -18.74 -22.95 27.58
C PHE B 403 -18.36 -24.13 26.68
N HIS B 404 -19.34 -24.97 26.36
CA HIS B 404 -19.16 -26.21 25.59
C HIS B 404 -19.81 -26.06 24.21
N PHE B 405 -19.23 -26.76 23.22
CA PHE B 405 -19.65 -26.74 21.80
C PHE B 405 -19.39 -28.09 21.14
N ASP B 406 -20.29 -28.47 20.24
CA ASP B 406 -20.22 -29.74 19.49
C ASP B 406 -19.57 -29.46 18.14
N THR B 407 -20.03 -28.43 17.41
CA THR B 407 -19.64 -28.18 15.99
C THR B 407 -18.89 -26.83 15.85
N VAL B 408 -18.08 -26.68 14.81
CA VAL B 408 -17.29 -25.44 14.56
C VAL B 408 -18.23 -24.23 14.52
N ASP B 409 -19.38 -24.33 13.82
CA ASP B 409 -20.44 -23.28 13.71
C ASP B 409 -20.92 -22.83 15.11
N GLU B 410 -21.01 -23.76 16.06
CA GLU B 410 -21.52 -23.50 17.44
C GLU B 410 -20.48 -22.68 18.22
N ALA B 411 -19.21 -23.00 18.07
CA ALA B 411 -18.09 -22.33 18.77
C ALA B 411 -18.06 -20.88 18.30
N ILE B 412 -18.21 -20.64 16.99
CA ILE B 412 -18.11 -19.27 16.42
C ILE B 412 -19.31 -18.46 16.89
N ALA B 413 -20.43 -19.13 17.10
CA ALA B 413 -21.67 -18.47 17.53
C ALA B 413 -21.56 -18.07 19.00
N ILE B 414 -21.07 -18.97 19.84
CA ILE B 414 -20.86 -18.67 21.28
C ILE B 414 -19.78 -17.60 21.42
N ALA B 415 -18.77 -17.61 20.57
CA ALA B 415 -17.70 -16.59 20.59
C ALA B 415 -18.21 -15.23 20.11
N ASN B 416 -19.21 -15.25 19.25
CA ASN B 416 -19.73 -14.00 18.65
C ASN B 416 -20.93 -13.51 19.45
N ASP B 417 -21.40 -14.29 20.42
CA ASP B 417 -22.52 -13.84 21.30
C ASP B 417 -21.99 -12.85 22.32
N THR B 418 -21.49 -11.72 21.83
CA THR B 418 -21.09 -10.63 22.74
C THR B 418 -21.46 -9.31 22.08
N VAL B 419 -21.43 -8.24 22.85
CA VAL B 419 -21.70 -6.86 22.34
C VAL B 419 -20.34 -6.32 22.01
N TYR B 420 -19.32 -7.04 22.46
CA TYR B 420 -17.93 -6.60 22.33
C TYR B 420 -17.25 -7.33 21.18
N GLY B 421 -15.96 -7.11 21.04
CA GLY B 421 -15.19 -7.75 19.95
C GLY B 421 -13.74 -7.33 19.91
N LEU B 422 -13.05 -7.29 21.05
CA LEU B 422 -11.65 -6.79 21.08
C LEU B 422 -10.68 -7.89 20.65
N ALA B 423 -10.58 -8.98 21.40
CA ALA B 423 -9.63 -10.06 21.07
C ALA B 423 -10.37 -11.39 20.91
N ALA B 424 -9.66 -12.38 20.36
CA ALA B 424 -10.11 -13.79 20.26
C ALA B 424 -8.89 -14.71 20.12
N SER B 425 -9.05 -15.97 20.51
CA SER B 425 -7.98 -17.01 20.48
C SER B 425 -8.58 -18.30 19.90
N VAL B 426 -7.83 -19.03 19.09
CA VAL B 426 -8.28 -20.34 18.58
C VAL B 426 -7.11 -21.32 18.70
N TRP B 427 -7.41 -22.46 19.32
CA TRP B 427 -6.40 -23.52 19.57
C TRP B 427 -6.86 -24.77 18.82
N SER B 428 -6.14 -25.16 17.77
CA SER B 428 -6.34 -26.39 16.98
C SER B 428 -5.12 -26.60 16.09
N LYS B 429 -4.86 -27.84 15.71
CA LYS B 429 -3.77 -28.21 14.76
C LYS B 429 -4.34 -28.22 13.34
N ASP B 430 -5.67 -28.22 13.19
CA ASP B 430 -6.36 -28.30 11.88
C ASP B 430 -6.35 -26.93 11.20
N ILE B 431 -5.58 -26.75 10.12
CA ILE B 431 -5.52 -25.48 9.33
C ILE B 431 -6.94 -25.01 8.98
N ASP B 432 -7.88 -25.90 8.66
CA ASP B 432 -9.26 -25.54 8.23
C ASP B 432 -10.06 -24.93 9.39
N LYS B 433 -9.97 -25.52 10.59
CA LYS B 433 -10.68 -25.05 11.80
C LYS B 433 -10.08 -23.73 12.23
N ALA B 434 -8.76 -23.58 12.15
CA ALA B 434 -8.05 -22.37 12.64
C ALA B 434 -8.48 -21.17 11.78
N LEU B 435 -8.64 -21.38 10.48
CA LEU B 435 -8.94 -20.35 9.47
C LEU B 435 -10.43 -19.99 9.53
N ALA B 436 -11.30 -20.97 9.71
CA ALA B 436 -12.77 -20.76 9.84
C ALA B 436 -13.05 -19.88 11.07
N VAL B 437 -12.52 -20.25 12.23
CA VAL B 437 -12.73 -19.48 13.49
C VAL B 437 -12.06 -18.12 13.33
N THR B 438 -10.80 -18.07 12.91
CA THR B 438 -10.05 -16.81 12.65
C THR B 438 -10.88 -15.85 11.78
N ARG B 439 -11.54 -16.34 10.73
CA ARG B 439 -12.19 -15.50 9.68
C ARG B 439 -13.63 -15.16 10.07
N ARG B 440 -14.27 -15.95 10.95
CA ARG B 440 -15.74 -15.89 11.24
C ARG B 440 -16.05 -15.38 12.67
N VAL B 441 -15.04 -15.22 13.54
CA VAL B 441 -15.24 -14.59 14.88
C VAL B 441 -14.91 -13.10 14.77
N ARG B 442 -15.91 -12.23 15.01
CA ARG B 442 -15.82 -10.76 14.87
C ARG B 442 -15.05 -10.15 16.04
N ALA B 443 -13.73 -10.16 15.96
CA ALA B 443 -12.74 -9.59 16.90
C ALA B 443 -11.57 -9.04 16.11
N GLY B 444 -10.91 -8.00 16.59
CA GLY B 444 -9.87 -7.27 15.84
C GLY B 444 -8.48 -7.79 16.14
N ARG B 445 -8.34 -8.55 17.24
CA ARG B 445 -7.02 -9.03 17.70
C ARG B 445 -7.07 -10.55 17.92
N PHE B 446 -6.51 -11.28 16.95
CA PHE B 446 -6.61 -12.75 16.96
C PHE B 446 -5.27 -13.45 17.13
N TRP B 447 -5.29 -14.56 17.85
CA TRP B 447 -4.11 -15.42 18.12
C TRP B 447 -4.48 -16.87 17.84
N VAL B 448 -3.69 -17.51 16.98
CA VAL B 448 -3.80 -18.93 16.55
C VAL B 448 -2.67 -19.70 17.22
N ASN B 449 -2.96 -20.51 18.24
CA ASN B 449 -1.97 -21.38 18.93
C ASN B 449 -0.87 -20.49 19.53
N THR B 450 -1.31 -19.32 20.06
CA THR B 450 -0.45 -18.29 20.71
C THR B 450 -1.32 -17.48 21.67
N ILE B 451 -0.75 -16.52 22.41
CA ILE B 451 -1.47 -15.64 23.39
C ILE B 451 -0.68 -14.33 23.58
N MET B 452 -1.32 -13.19 23.31
CA MET B 452 -0.78 -11.82 23.57
C MET B 452 0.61 -11.66 22.91
N SER B 453 0.81 -12.27 21.76
CA SER B 453 2.01 -12.05 20.90
C SER B 453 1.80 -10.83 20.01
N GLY B 454 2.78 -10.56 19.15
CA GLY B 454 2.66 -9.45 18.19
C GLY B 454 3.30 -8.20 18.75
N GLY B 455 4.18 -7.62 17.96
CA GLY B 455 4.82 -6.34 18.26
C GLY B 455 4.04 -5.21 17.61
N PRO B 456 4.61 -4.01 17.62
CA PRO B 456 3.95 -2.83 17.08
C PRO B 456 3.92 -2.81 15.53
N GLU B 457 4.51 -3.82 14.89
CA GLU B 457 4.49 -4.00 13.42
C GLU B 457 3.03 -3.96 12.93
N THR B 458 2.09 -4.49 13.71
CA THR B 458 0.70 -4.80 13.29
C THR B 458 -0.25 -3.93 14.07
N PRO B 459 -1.43 -3.56 13.51
CA PRO B 459 -2.44 -2.82 14.27
C PRO B 459 -3.15 -3.65 15.34
N LEU B 460 -3.85 -2.93 16.21
CA LEU B 460 -4.70 -3.48 17.28
C LEU B 460 -5.94 -2.58 17.47
N GLY B 461 -7.08 -3.22 17.70
CA GLY B 461 -8.35 -2.56 18.08
C GLY B 461 -9.50 -3.55 18.00
N GLY B 462 -10.73 -3.03 18.11
CA GLY B 462 -11.93 -3.84 18.37
C GLY B 462 -12.99 -3.72 17.29
N PHE B 463 -13.80 -4.78 17.20
CA PHE B 463 -15.10 -4.78 16.50
C PHE B 463 -16.19 -4.30 17.46
N LYS B 464 -17.38 -4.17 16.90
CA LYS B 464 -18.62 -4.02 17.67
C LYS B 464 -18.39 -2.88 18.69
N GLN B 465 -18.47 -3.20 19.98
CA GLN B 465 -18.55 -2.19 21.06
C GLN B 465 -17.18 -2.06 21.73
N SER B 466 -16.18 -2.73 21.18
CA SER B 466 -14.81 -2.72 21.73
C SER B 466 -14.06 -1.49 21.23
N GLY B 467 -14.66 -0.74 20.31
CA GLY B 467 -14.25 0.67 20.11
C GLY B 467 -14.17 1.06 18.66
N TRP B 468 -13.36 2.07 18.35
CA TRP B 468 -13.24 2.72 17.02
C TRP B 468 -11.77 2.91 16.67
N GLY B 469 -11.42 2.69 15.41
CA GLY B 469 -10.05 2.92 14.90
C GLY B 469 -9.09 1.83 15.34
N ARG B 470 -7.83 1.95 14.92
CA ARG B 470 -6.77 0.96 15.22
C ARG B 470 -5.52 1.70 15.70
N GLU B 471 -4.76 1.13 16.64
CA GLU B 471 -3.54 1.76 17.19
C GLU B 471 -2.33 0.91 16.80
N ALA B 472 -1.14 1.52 16.73
CA ALA B 472 0.17 0.85 16.45
C ALA B 472 0.27 0.45 14.97
N GLY B 473 1.42 -0.05 14.56
CA GLY B 473 1.71 -0.36 13.14
C GLY B 473 1.73 0.93 12.34
N LEU B 474 1.85 0.84 11.02
CA LEU B 474 1.66 2.05 10.19
C LEU B 474 0.19 2.54 10.28
N TYR B 475 -0.80 1.67 10.56
CA TYR B 475 -2.24 2.08 10.61
C TYR B 475 -2.46 3.08 11.76
N GLY B 476 -1.73 2.93 12.84
CA GLY B 476 -1.94 3.75 14.06
C GLY B 476 -1.32 5.12 13.92
N VAL B 477 -0.18 5.21 13.26
CA VAL B 477 0.36 6.53 12.86
C VAL B 477 -0.72 7.27 12.06
N GLU B 478 -1.35 6.56 11.11
CA GLU B 478 -2.24 7.08 10.05
C GLU B 478 -3.56 7.59 10.65
N GLU B 479 -4.02 6.91 11.68
CA GLU B 479 -5.27 7.27 12.39
C GLU B 479 -5.24 8.76 12.75
N TYR B 480 -4.08 9.34 13.03
CA TYR B 480 -4.01 10.70 13.61
C TYR B 480 -3.53 11.66 12.53
N THR B 481 -3.67 11.21 11.29
CA THR B 481 -3.47 12.05 10.09
C THR B 481 -4.81 12.24 9.39
N GLN B 482 -4.94 13.33 8.63
CA GLN B 482 -6.13 13.67 7.82
C GLN B 482 -5.79 13.46 6.35
N ILE B 483 -6.67 12.80 5.63
CA ILE B 483 -6.51 12.52 4.18
C ILE B 483 -7.00 13.76 3.38
N LYS B 484 -6.10 14.30 2.55
CA LYS B 484 -6.34 15.48 1.69
C LYS B 484 -6.25 15.00 0.23
N SER B 485 -7.32 15.12 -0.53
CA SER B 485 -7.31 14.84 -1.98
C SER B 485 -7.02 16.15 -2.67
N VAL B 486 -6.12 16.13 -3.65
CA VAL B 486 -5.68 17.35 -4.41
C VAL B 486 -5.80 17.03 -5.89
N HIS B 487 -6.65 17.77 -6.60
CA HIS B 487 -6.76 17.71 -8.07
C HIS B 487 -6.18 19.01 -8.64
N ILE B 488 -5.18 18.89 -9.52
CA ILE B 488 -4.57 19.97 -10.34
C ILE B 488 -5.02 19.79 -11.80
N GLU B 489 -5.58 20.83 -12.43
CA GLU B 489 -5.80 20.88 -13.90
C GLU B 489 -4.68 21.71 -14.53
N THR B 490 -4.11 21.14 -15.60
CA THR B 490 -2.95 21.68 -16.34
C THR B 490 -3.48 22.19 -17.67
N GLY B 491 -3.12 23.41 -18.05
CA GLY B 491 -3.54 24.04 -19.33
C GLY B 491 -4.78 24.90 -19.15
N LYS B 492 -5.60 24.99 -20.20
CA LYS B 492 -6.85 25.81 -20.24
C LYS B 492 -8.07 24.94 -19.86
N ARG B 493 -9.05 25.60 -19.23
CA ARG B 493 -10.31 24.94 -18.81
C ARG B 493 -11.43 25.41 -19.73
N SER B 494 -12.38 24.54 -20.00
CA SER B 494 -13.55 24.95 -20.80
C SER B 494 -14.51 25.66 -19.83
N HIS B 495 -14.78 26.94 -20.06
CA HIS B 495 -15.71 27.76 -19.26
C HIS B 495 -17.11 27.14 -19.27
N TRP B 496 -17.77 27.19 -18.12
CA TRP B 496 -19.16 26.74 -17.89
C TRP B 496 -20.11 27.76 -18.48
N ILE B 497 -19.77 29.05 -18.34
CA ILE B 497 -20.72 30.15 -18.68
C ILE B 497 -20.33 30.74 -20.04
N SER B 498 -21.31 30.73 -20.94
CA SER B 498 -21.36 31.40 -22.27
C SER B 498 -20.04 31.21 -23.03
N SER C 9 -18.43 -32.71 -35.91
CA SER C 9 -17.78 -31.46 -36.38
C SER C 9 -16.55 -31.81 -37.23
N LEU C 10 -16.27 -31.01 -38.26
CA LEU C 10 -15.10 -31.26 -39.13
C LEU C 10 -14.76 -29.97 -39.89
N PRO C 11 -13.51 -29.47 -39.84
CA PRO C 11 -13.14 -28.28 -40.61
C PRO C 11 -13.03 -28.61 -42.11
N LEU C 12 -13.82 -27.95 -42.95
CA LEU C 12 -13.84 -28.24 -44.41
C LEU C 12 -12.48 -27.87 -45.04
N LYS C 13 -12.02 -26.64 -44.86
CA LYS C 13 -10.74 -26.12 -45.45
C LYS C 13 -10.00 -25.37 -44.33
N PRO C 14 -8.67 -25.17 -44.43
CA PRO C 14 -7.96 -24.29 -43.50
C PRO C 14 -8.44 -22.82 -43.56
N ARG C 15 -8.52 -22.19 -42.39
CA ARG C 15 -8.93 -20.77 -42.23
C ARG C 15 -7.69 -19.92 -42.32
N GLU C 16 -7.58 -19.14 -43.39
CA GLU C 16 -6.39 -18.31 -43.66
C GLU C 16 -6.57 -16.99 -42.92
N PHE C 17 -5.68 -16.67 -41.96
CA PHE C 17 -5.74 -15.42 -41.16
C PHE C 17 -4.79 -14.38 -41.73
N GLY C 18 -4.94 -13.14 -41.25
CA GLY C 18 -4.02 -12.01 -41.44
C GLY C 18 -3.36 -11.64 -40.12
N PHE C 19 -2.30 -10.84 -40.16
CA PHE C 19 -1.69 -10.24 -38.94
C PHE C 19 -2.27 -8.84 -38.77
N PHE C 20 -2.02 -8.21 -37.63
CA PHE C 20 -2.73 -6.97 -37.20
C PHE C 20 -1.69 -5.92 -36.83
N ILE C 21 -1.59 -4.91 -37.67
CA ILE C 21 -0.67 -3.78 -37.43
C ILE C 21 -1.48 -2.48 -37.62
N ASP C 22 -1.34 -1.58 -36.65
CA ASP C 22 -1.86 -0.21 -36.72
C ASP C 22 -3.35 -0.31 -37.05
N GLY C 23 -4.02 -1.31 -36.49
CA GLY C 23 -5.49 -1.39 -36.54
C GLY C 23 -5.98 -2.05 -37.82
N GLU C 24 -5.13 -2.22 -38.82
CA GLU C 24 -5.52 -2.86 -40.12
C GLU C 24 -5.11 -4.34 -40.12
N TRP C 25 -5.86 -5.16 -40.86
CA TRP C 25 -5.49 -6.56 -41.18
C TRP C 25 -4.58 -6.54 -42.41
N ARG C 26 -3.39 -7.10 -42.30
CA ARG C 26 -2.46 -7.17 -43.44
C ARG C 26 -2.48 -8.65 -43.87
N ALA C 27 -2.25 -8.90 -45.16
CA ALA C 27 -2.29 -10.24 -45.78
C ALA C 27 -0.90 -10.90 -45.72
N GLY C 28 -0.88 -12.19 -45.39
CA GLY C 28 0.34 -13.01 -45.42
C GLY C 28 0.83 -13.27 -46.84
N LYS C 29 2.14 -13.13 -47.08
CA LYS C 29 2.80 -13.43 -48.39
C LYS C 29 3.42 -14.83 -48.31
N ASP C 30 3.72 -15.31 -47.10
CA ASP C 30 4.10 -16.72 -46.82
C ASP C 30 3.33 -17.14 -45.57
N PHE C 31 3.17 -18.44 -45.30
CA PHE C 31 2.20 -18.97 -44.31
C PHE C 31 2.73 -20.22 -43.63
N PHE C 32 2.36 -20.41 -42.36
CA PHE C 32 2.49 -21.71 -41.67
C PHE C 32 1.17 -22.47 -41.79
N ASP C 33 1.23 -23.70 -42.26
CA ASP C 33 0.02 -24.55 -42.43
C ASP C 33 -0.08 -25.46 -41.22
N ARG C 34 -0.86 -25.01 -40.23
CA ARG C 34 -1.10 -25.79 -38.99
C ARG C 34 -2.19 -26.83 -39.27
N SER C 35 -1.99 -28.05 -38.75
CA SER C 35 -3.00 -29.14 -38.65
C SER C 35 -3.30 -29.36 -37.16
N SER C 36 -4.55 -29.71 -36.85
CA SER C 36 -4.98 -30.07 -35.47
C SER C 36 -4.04 -31.15 -34.97
N PRO C 37 -3.41 -30.99 -33.78
CA PRO C 37 -2.56 -32.05 -33.24
C PRO C 37 -3.36 -33.31 -32.89
N ALA C 38 -4.69 -33.17 -32.77
CA ALA C 38 -5.62 -34.22 -32.29
C ALA C 38 -6.32 -34.92 -33.47
N HIS C 39 -6.30 -34.34 -34.68
CA HIS C 39 -7.13 -34.75 -35.84
C HIS C 39 -6.33 -34.92 -37.15
N ASP C 40 -5.06 -34.48 -37.21
CA ASP C 40 -4.16 -34.61 -38.40
C ASP C 40 -4.86 -34.12 -39.67
N VAL C 41 -5.54 -32.97 -39.61
CA VAL C 41 -6.33 -32.35 -40.73
C VAL C 41 -6.05 -30.85 -40.77
N PRO C 42 -5.72 -30.27 -41.94
CA PRO C 42 -5.39 -28.84 -42.03
C PRO C 42 -6.47 -27.92 -41.44
N VAL C 43 -6.10 -27.12 -40.43
CA VAL C 43 -7.05 -26.32 -39.61
C VAL C 43 -6.86 -24.82 -39.85
N THR C 44 -5.63 -24.35 -39.96
CA THR C 44 -5.39 -22.88 -40.07
C THR C 44 -4.21 -22.52 -40.97
N ARG C 45 -4.16 -21.26 -41.41
CA ARG C 45 -3.06 -20.70 -42.25
C ARG C 45 -2.59 -19.40 -41.60
N ILE C 46 -1.47 -19.41 -40.87
CA ILE C 46 -0.89 -18.28 -40.10
C ILE C 46 0.13 -17.56 -40.97
N PRO C 47 -0.01 -16.23 -41.19
CA PRO C 47 1.00 -15.48 -41.93
C PRO C 47 2.34 -15.53 -41.18
N ARG C 48 3.38 -16.04 -41.86
CA ARG C 48 4.81 -15.88 -41.46
C ARG C 48 5.26 -14.51 -41.94
N CYS C 49 5.48 -13.61 -40.98
CA CYS C 49 5.82 -12.19 -41.22
C CYS C 49 7.33 -12.01 -41.27
N THR C 50 7.75 -10.83 -41.73
CA THR C 50 9.15 -10.43 -41.93
C THR C 50 9.56 -9.50 -40.79
N ARG C 51 10.87 -9.33 -40.61
CA ARG C 51 11.49 -8.45 -39.60
C ARG C 51 11.16 -7.00 -39.95
N GLU C 52 10.69 -6.73 -41.16
CA GLU C 52 10.24 -5.36 -41.54
C GLU C 52 8.78 -5.21 -41.12
N ASP C 53 8.02 -6.29 -41.17
CA ASP C 53 6.64 -6.28 -40.60
C ASP C 53 6.73 -5.95 -39.09
N LEU C 54 7.69 -6.59 -38.40
CA LEU C 54 7.92 -6.40 -36.95
C LEU C 54 8.30 -4.93 -36.70
N ASP C 55 9.34 -4.42 -37.38
CA ASP C 55 9.72 -2.99 -37.27
C ASP C 55 8.49 -2.10 -37.52
N GLU C 56 7.63 -2.46 -38.48
CA GLU C 56 6.41 -1.68 -38.85
C GLU C 56 5.42 -1.62 -37.67
N ALA C 57 5.23 -2.78 -37.01
CA ALA C 57 4.31 -2.95 -35.87
C ALA C 57 4.82 -2.13 -34.67
N VAL C 58 6.12 -2.20 -34.37
CA VAL C 58 6.75 -1.52 -33.20
C VAL C 58 6.65 -0.02 -33.41
N ALA C 59 6.81 0.42 -34.66
CA ALA C 59 6.63 1.82 -35.11
C ALA C 59 5.18 2.27 -34.86
N ALA C 60 4.20 1.40 -35.08
CA ALA C 60 2.78 1.68 -34.79
C ALA C 60 2.58 1.79 -33.27
N ALA C 61 3.05 0.82 -32.50
CA ALA C 61 2.87 0.81 -31.03
C ALA C 61 3.49 2.07 -30.46
N ARG C 62 4.77 2.32 -30.83
CA ARG C 62 5.54 3.56 -30.51
C ARG C 62 4.73 4.81 -30.86
N ARG C 63 4.20 4.89 -32.09
CA ARG C 63 3.39 6.04 -32.54
C ARG C 63 2.23 6.22 -31.55
N ALA C 64 1.49 5.13 -31.23
CA ALA C 64 0.23 5.12 -30.46
C ALA C 64 0.51 5.49 -28.99
N PHE C 65 1.67 5.07 -28.47
CA PHE C 65 2.17 5.45 -27.12
C PHE C 65 2.45 6.95 -27.07
N GLU C 66 3.26 7.44 -28.02
CA GLU C 66 3.82 8.80 -28.04
C GLU C 66 2.76 9.86 -28.32
N ASN C 67 1.73 9.59 -29.15
CA ASN C 67 0.66 10.56 -29.53
C ASN C 67 -0.42 10.67 -28.41
N GLY C 68 -0.20 10.04 -27.25
CA GLY C 68 -1.14 10.06 -26.10
C GLY C 68 -2.53 9.51 -26.44
N SER C 69 -2.63 8.69 -27.49
CA SER C 69 -3.92 8.16 -27.99
C SER C 69 -4.44 7.08 -27.03
N TRP C 70 -3.59 6.63 -26.10
CA TRP C 70 -3.89 5.54 -25.13
C TRP C 70 -3.35 5.89 -23.73
N ALA C 71 -2.02 6.03 -23.59
CA ALA C 71 -1.36 6.45 -22.33
C ALA C 71 -1.93 7.80 -21.85
N GLY C 72 -2.25 8.70 -22.78
CA GLY C 72 -2.78 10.04 -22.49
C GLY C 72 -4.22 10.02 -21.99
N LEU C 73 -4.99 8.95 -22.24
CA LEU C 73 -6.44 8.96 -21.86
C LEU C 73 -6.52 8.80 -20.34
N ALA C 74 -7.63 9.26 -19.76
CA ALA C 74 -8.02 8.93 -18.37
C ALA C 74 -8.11 7.41 -18.26
N ALA C 75 -7.74 6.86 -17.09
CA ALA C 75 -7.85 5.42 -16.76
C ALA C 75 -9.27 4.96 -17.04
N ALA C 76 -10.25 5.84 -16.81
CA ALA C 76 -11.69 5.58 -17.00
C ALA C 76 -11.91 5.04 -18.43
N ASP C 77 -11.18 5.59 -19.40
CA ASP C 77 -11.35 5.27 -20.83
C ASP C 77 -10.67 3.93 -21.09
N ARG C 78 -9.45 3.72 -20.56
CA ARG C 78 -8.74 2.42 -20.71
C ARG C 78 -9.61 1.34 -20.10
N ALA C 79 -10.19 1.61 -18.93
CA ALA C 79 -11.00 0.62 -18.20
C ALA C 79 -12.23 0.27 -19.05
N ALA C 80 -12.86 1.26 -19.69
CA ALA C 80 -14.06 1.03 -20.53
C ALA C 80 -13.73 -0.03 -21.60
N VAL C 81 -12.66 0.22 -22.35
CA VAL C 81 -12.21 -0.63 -23.50
C VAL C 81 -11.93 -2.02 -22.96
N LEU C 82 -11.36 -2.13 -21.77
CA LEU C 82 -11.01 -3.45 -21.21
C LEU C 82 -12.30 -4.16 -20.77
N LEU C 83 -13.21 -3.49 -20.09
CA LEU C 83 -14.49 -4.08 -19.59
C LEU C 83 -15.34 -4.50 -20.79
N LYS C 84 -15.39 -3.65 -21.83
CA LYS C 84 -16.08 -3.95 -23.11
C LYS C 84 -15.46 -5.20 -23.74
N ALA C 85 -14.13 -5.30 -23.73
CA ALA C 85 -13.40 -6.47 -24.28
C ALA C 85 -13.81 -7.72 -23.51
N ALA C 86 -13.93 -7.62 -22.18
CA ALA C 86 -14.37 -8.73 -21.29
C ALA C 86 -15.78 -9.14 -21.73
N GLY C 87 -16.61 -8.15 -22.02
CA GLY C 87 -17.99 -8.35 -22.52
C GLY C 87 -17.99 -9.21 -23.77
N LEU C 88 -17.24 -8.76 -24.79
CA LEU C 88 -17.18 -9.40 -26.13
C LEU C 88 -16.55 -10.80 -25.99
N LEU C 89 -15.62 -10.96 -25.06
CA LEU C 89 -14.99 -12.27 -24.76
C LEU C 89 -16.06 -13.27 -24.28
N ARG C 90 -16.94 -12.85 -23.37
CA ARG C 90 -18.01 -13.72 -22.84
C ARG C 90 -18.94 -14.06 -24.01
N GLU C 91 -19.34 -13.06 -24.78
CA GLU C 91 -20.33 -13.27 -25.87
C GLU C 91 -19.67 -14.01 -27.04
N ARG C 92 -18.34 -14.18 -27.09
CA ARG C 92 -17.63 -14.94 -28.16
C ARG C 92 -16.91 -16.16 -27.57
N ARG C 93 -17.22 -16.50 -26.31
CA ARG C 93 -16.55 -17.59 -25.57
C ARG C 93 -16.46 -18.85 -26.41
N ASP C 94 -17.54 -19.22 -27.12
CA ASP C 94 -17.63 -20.50 -27.87
C ASP C 94 -16.64 -20.50 -29.05
N ASP C 95 -16.65 -19.46 -29.87
CA ASP C 95 -15.74 -19.27 -31.04
C ASP C 95 -14.31 -19.53 -30.58
N ILE C 96 -13.86 -18.84 -29.52
CA ILE C 96 -12.44 -18.87 -29.07
C ILE C 96 -12.11 -20.27 -28.51
N ALA C 97 -13.02 -20.90 -27.76
CA ALA C 97 -12.85 -22.29 -27.28
C ALA C 97 -12.60 -23.23 -28.47
N TYR C 98 -13.41 -23.08 -29.52
CA TYR C 98 -13.36 -23.89 -30.77
C TYR C 98 -11.93 -23.85 -31.37
N TRP C 99 -11.50 -22.67 -31.80
CA TRP C 99 -10.16 -22.43 -32.38
C TRP C 99 -9.06 -22.80 -31.38
N GLU C 100 -9.26 -22.60 -30.06
CA GLU C 100 -8.24 -22.93 -29.03
C GLU C 100 -7.98 -24.44 -29.04
N VAL C 101 -9.03 -25.25 -29.06
CA VAL C 101 -8.89 -26.74 -29.18
C VAL C 101 -8.25 -27.08 -30.54
N LEU C 102 -8.79 -26.53 -31.62
CA LEU C 102 -8.36 -26.86 -33.01
C LEU C 102 -6.84 -26.77 -33.13
N GLU C 103 -6.21 -25.77 -32.52
CA GLU C 103 -4.75 -25.50 -32.70
C GLU C 103 -3.91 -26.14 -31.60
N ASN C 104 -4.49 -26.49 -30.45
CA ASN C 104 -3.73 -26.88 -29.23
C ASN C 104 -3.97 -28.34 -28.90
N GLY C 105 -5.22 -28.82 -29.02
CA GLY C 105 -5.60 -30.22 -28.73
C GLY C 105 -6.14 -30.38 -27.30
N LYS C 106 -6.46 -29.26 -26.69
CA LYS C 106 -6.93 -29.26 -25.28
C LYS C 106 -8.41 -29.58 -25.24
N PRO C 107 -8.89 -30.29 -24.22
CA PRO C 107 -10.32 -30.54 -24.10
C PRO C 107 -11.17 -29.25 -24.02
N ILE C 108 -12.28 -29.21 -24.75
CA ILE C 108 -13.21 -28.04 -24.88
C ILE C 108 -13.70 -27.61 -23.49
N SER C 109 -13.86 -28.56 -22.56
CA SER C 109 -14.31 -28.26 -21.18
C SER C 109 -13.26 -27.39 -20.51
N GLN C 110 -12.01 -27.79 -20.64
CA GLN C 110 -10.84 -27.07 -20.06
C GLN C 110 -10.68 -25.73 -20.80
N ALA C 111 -10.82 -25.70 -22.11
CA ALA C 111 -10.68 -24.46 -22.89
C ALA C 111 -11.66 -23.40 -22.39
N LYS C 112 -12.90 -23.77 -22.06
CA LYS C 112 -13.94 -22.79 -21.68
C LYS C 112 -13.66 -22.26 -20.27
N GLY C 113 -13.30 -23.16 -19.34
CA GLY C 113 -12.85 -22.82 -17.98
C GLY C 113 -11.75 -21.77 -17.99
N GLU C 114 -10.91 -21.79 -19.04
CA GLU C 114 -9.82 -20.81 -19.26
C GLU C 114 -10.44 -19.49 -19.69
N ILE C 115 -11.31 -19.48 -20.69
CA ILE C 115 -11.91 -18.20 -21.17
C ILE C 115 -12.51 -17.48 -19.94
N ASP C 116 -13.06 -18.22 -19.00
CA ASP C 116 -13.64 -17.62 -17.75
C ASP C 116 -12.56 -16.90 -16.92
N HIS C 117 -11.37 -17.49 -16.74
CA HIS C 117 -10.20 -16.85 -16.08
C HIS C 117 -9.69 -15.66 -16.91
N CYS C 118 -9.73 -15.75 -18.25
CA CYS C 118 -9.31 -14.68 -19.18
C CYS C 118 -10.21 -13.47 -18.96
N ILE C 119 -11.52 -13.69 -18.80
CA ILE C 119 -12.52 -12.60 -18.56
C ILE C 119 -12.23 -11.97 -17.20
N ALA C 120 -11.87 -12.79 -16.22
CA ALA C 120 -11.46 -12.34 -14.88
C ALA C 120 -10.25 -11.39 -15.02
N CYS C 121 -9.26 -11.79 -15.81
CA CYS C 121 -8.00 -11.01 -16.05
C CYS C 121 -8.37 -9.63 -16.60
N PHE C 122 -9.27 -9.59 -17.58
CA PHE C 122 -9.66 -8.34 -18.27
C PHE C 122 -10.32 -7.38 -17.26
N GLU C 123 -11.22 -7.88 -16.42
CA GLU C 123 -12.00 -7.04 -15.46
C GLU C 123 -11.06 -6.50 -14.37
N MET C 124 -10.21 -7.36 -13.80
CA MET C 124 -9.16 -6.98 -12.83
C MET C 124 -8.36 -5.84 -13.45
N ALA C 125 -7.67 -6.12 -14.55
CA ALA C 125 -6.88 -5.14 -15.31
C ALA C 125 -7.64 -3.81 -15.36
N ALA C 126 -8.90 -3.81 -15.79
CA ALA C 126 -9.71 -2.57 -15.94
C ALA C 126 -9.79 -1.85 -14.59
N GLY C 127 -10.00 -2.61 -13.49
CA GLY C 127 -9.98 -2.05 -12.13
C GLY C 127 -8.63 -1.44 -11.83
N ALA C 128 -7.54 -2.15 -12.14
CA ALA C 128 -6.13 -1.76 -11.88
C ALA C 128 -5.78 -0.47 -12.64
N ALA C 129 -6.23 -0.32 -13.88
CA ALA C 129 -5.97 0.89 -14.68
C ALA C 129 -6.34 2.14 -13.83
N ARG C 130 -7.47 2.09 -13.12
CA ARG C 130 -7.96 3.24 -12.30
C ARG C 130 -7.21 3.31 -10.96
N MET C 131 -6.89 2.18 -10.34
CA MET C 131 -6.26 2.16 -8.99
C MET C 131 -4.74 2.28 -9.02
N LEU C 132 -4.10 2.23 -10.19
CA LEU C 132 -2.63 2.37 -10.34
C LEU C 132 -2.17 3.72 -9.76
N HIS C 133 -1.41 3.70 -8.67
CA HIS C 133 -0.98 4.91 -7.92
C HIS C 133 0.45 4.76 -7.38
N GLY C 134 1.15 5.88 -7.21
CA GLY C 134 2.43 5.95 -6.48
C GLY C 134 2.22 6.56 -5.12
N ASP C 135 3.19 7.33 -4.61
CA ASP C 135 3.16 7.85 -3.22
C ASP C 135 3.43 9.36 -3.17
N THR C 136 2.91 9.97 -2.10
CA THR C 136 3.21 11.37 -1.71
C THR C 136 4.03 11.31 -0.42
N PHE C 137 5.09 12.12 -0.32
CA PHE C 137 5.81 12.38 0.95
C PHE C 137 5.64 13.85 1.34
N ASN C 138 4.64 14.07 2.18
CA ASN C 138 4.31 15.36 2.80
C ASN C 138 5.08 15.51 4.13
N ASN C 139 5.91 14.53 4.47
CA ASN C 139 6.54 14.43 5.81
C ASN C 139 7.98 14.89 5.78
N LEU C 140 8.43 15.65 4.78
CA LEU C 140 9.88 15.88 4.55
C LEU C 140 10.30 17.29 5.00
N GLY C 141 9.36 18.12 5.44
CA GLY C 141 9.65 19.52 5.86
C GLY C 141 8.82 20.59 5.17
N GLU C 142 8.71 21.76 5.81
CA GLU C 142 8.01 22.98 5.33
C GLU C 142 8.50 23.37 3.92
N GLY C 143 9.80 23.20 3.62
CA GLY C 143 10.41 23.62 2.34
C GLY C 143 10.50 22.52 1.28
N LEU C 144 10.48 21.25 1.66
CA LEU C 144 10.69 20.11 0.75
C LEU C 144 9.38 19.31 0.63
N PHE C 145 8.92 19.05 -0.59
CA PHE C 145 7.80 18.11 -0.88
C PHE C 145 8.31 17.00 -1.83
N GLY C 146 7.86 15.77 -1.57
CA GLY C 146 8.36 14.57 -2.25
C GLY C 146 7.19 13.74 -2.76
N MET C 147 7.43 12.99 -3.81
CA MET C 147 6.34 12.43 -4.65
C MET C 147 6.95 11.34 -5.51
N VAL C 148 6.26 10.19 -5.63
CA VAL C 148 6.71 9.05 -6.46
C VAL C 148 5.62 8.75 -7.49
N LEU C 149 5.94 8.91 -8.78
CA LEU C 149 4.97 8.69 -9.88
C LEU C 149 5.29 7.36 -10.53
N ARG C 150 4.24 6.71 -11.03
CA ARG C 150 4.31 5.52 -11.91
C ARG C 150 3.79 5.96 -13.27
N GLU C 151 4.44 5.53 -14.35
CA GLU C 151 3.98 5.81 -15.74
C GLU C 151 4.20 4.58 -16.62
N PRO C 152 3.34 4.36 -17.62
CA PRO C 152 3.52 3.23 -18.51
C PRO C 152 4.94 3.32 -19.12
N ILE C 153 5.70 2.21 -19.11
CA ILE C 153 7.09 2.15 -19.63
C ILE C 153 7.16 2.55 -21.11
N GLY C 154 6.12 2.25 -21.92
CA GLY C 154 6.12 2.45 -23.38
C GLY C 154 5.78 1.17 -24.14
N VAL C 155 6.51 0.89 -25.22
CA VAL C 155 6.15 -0.17 -26.22
C VAL C 155 6.62 -1.51 -25.66
N VAL C 156 5.70 -2.42 -25.34
CA VAL C 156 6.08 -3.73 -24.76
C VAL C 156 6.02 -4.82 -25.82
N GLY C 157 7.00 -5.71 -25.84
CA GLY C 157 6.92 -6.97 -26.60
C GLY C 157 6.33 -8.03 -25.71
N LEU C 158 5.46 -8.89 -26.26
CA LEU C 158 4.79 -10.01 -25.58
C LEU C 158 4.95 -11.25 -26.46
N ILE C 159 5.63 -12.26 -25.96
CA ILE C 159 5.80 -13.60 -26.60
C ILE C 159 5.10 -14.63 -25.71
N THR C 160 4.15 -15.37 -26.28
CA THR C 160 3.31 -16.38 -25.59
C THR C 160 3.71 -17.76 -26.09
N PRO C 161 3.59 -18.81 -25.23
CA PRO C 161 3.94 -20.16 -25.64
C PRO C 161 2.66 -20.80 -26.23
N TRP C 162 2.70 -22.12 -26.46
CA TRP C 162 1.61 -22.90 -27.12
C TRP C 162 0.80 -23.75 -26.14
N ASN C 163 1.23 -23.89 -24.89
CA ASN C 163 0.49 -24.74 -23.92
C ASN C 163 -0.85 -24.07 -23.52
N PHE C 164 -0.84 -22.77 -23.19
CA PHE C 164 -2.02 -21.93 -22.84
C PHE C 164 -2.02 -20.67 -23.71
N PRO C 165 -2.14 -20.83 -25.05
CA PRO C 165 -2.03 -19.69 -25.96
C PRO C 165 -2.87 -18.47 -25.56
N PHE C 166 -4.16 -18.67 -25.30
CA PHE C 166 -5.12 -17.56 -25.08
C PHE C 166 -5.11 -17.18 -23.59
N MET C 167 -4.98 -18.16 -22.69
CA MET C 167 -5.04 -17.87 -21.23
C MET C 167 -3.78 -17.10 -20.81
N ILE C 168 -2.61 -17.44 -21.33
CA ILE C 168 -1.34 -16.74 -20.94
C ILE C 168 -1.34 -15.36 -21.61
N LEU C 169 -1.81 -15.27 -22.86
CA LEU C 169 -2.00 -14.00 -23.60
C LEU C 169 -2.82 -13.03 -22.74
N CYS C 170 -3.95 -13.49 -22.20
CA CYS C 170 -4.90 -12.71 -21.35
C CYS C 170 -4.31 -12.49 -19.95
N GLU C 171 -3.33 -13.28 -19.55
CA GLU C 171 -2.66 -13.16 -18.23
C GLU C 171 -1.49 -12.16 -18.35
N ARG C 172 -1.36 -11.47 -19.49
CA ARG C 172 -0.28 -10.47 -19.72
C ARG C 172 -0.85 -9.20 -20.37
N ALA C 173 -1.53 -9.35 -21.51
CA ALA C 173 -1.91 -8.26 -22.41
C ALA C 173 -2.77 -7.20 -21.69
N PRO C 174 -3.87 -7.58 -20.99
CA PRO C 174 -4.71 -6.59 -20.29
C PRO C 174 -4.00 -5.84 -19.16
N PHE C 175 -3.13 -6.53 -18.44
CA PHE C 175 -2.34 -5.91 -17.35
C PHE C 175 -1.33 -4.93 -17.95
N ILE C 176 -0.69 -5.29 -19.08
CA ILE C 176 0.31 -4.44 -19.80
C ILE C 176 -0.43 -3.19 -20.32
N LEU C 177 -1.60 -3.40 -20.93
CA LEU C 177 -2.45 -2.33 -21.50
C LEU C 177 -2.97 -1.38 -20.41
N ALA C 178 -3.26 -1.85 -19.19
CA ALA C 178 -3.98 -1.10 -18.13
C ALA C 178 -3.21 0.15 -17.73
N SER C 179 -1.88 0.11 -17.68
CA SER C 179 -0.99 1.23 -17.27
C SER C 179 -0.91 2.34 -18.35
N GLY C 180 -1.19 2.03 -19.61
CA GLY C 180 -0.96 2.96 -20.74
C GLY C 180 0.02 2.42 -21.78
N CYS C 181 0.56 1.21 -21.59
CA CYS C 181 1.55 0.59 -22.49
C CYS C 181 0.86 0.13 -23.79
N THR C 182 1.63 0.15 -24.89
CA THR C 182 1.26 -0.41 -26.22
C THR C 182 2.06 -1.71 -26.38
N LEU C 183 1.59 -2.59 -27.25
CA LEU C 183 1.98 -4.02 -27.27
C LEU C 183 2.32 -4.46 -28.70
N VAL C 184 3.29 -5.37 -28.82
CA VAL C 184 3.60 -6.08 -30.09
C VAL C 184 3.73 -7.57 -29.79
N VAL C 185 2.67 -8.32 -30.12
CA VAL C 185 2.48 -9.74 -29.73
C VAL C 185 3.02 -10.65 -30.83
N LYS C 186 3.76 -11.70 -30.47
CA LYS C 186 4.06 -12.85 -31.34
C LYS C 186 3.57 -14.13 -30.64
N PRO C 187 2.31 -14.54 -30.87
CA PRO C 187 1.88 -15.85 -30.41
C PRO C 187 2.79 -16.96 -30.99
N ALA C 188 2.73 -18.12 -30.35
CA ALA C 188 3.36 -19.37 -30.82
C ALA C 188 2.85 -19.69 -32.22
N GLU C 189 3.75 -20.17 -33.08
CA GLU C 189 3.50 -20.31 -34.54
C GLU C 189 2.36 -21.31 -34.73
N VAL C 190 2.35 -22.36 -33.92
CA VAL C 190 1.35 -23.46 -33.97
C VAL C 190 0.01 -22.99 -33.39
N THR C 191 -0.04 -21.91 -32.58
CA THR C 191 -1.27 -21.46 -31.85
C THR C 191 -1.46 -19.93 -31.93
N SER C 192 -1.59 -19.36 -33.14
CA SER C 192 -1.68 -17.89 -33.35
C SER C 192 -3.14 -17.41 -33.43
N ALA C 193 -4.09 -18.32 -33.63
CA ALA C 193 -5.48 -17.98 -34.03
C ALA C 193 -6.19 -17.17 -32.94
N THR C 194 -6.28 -17.73 -31.75
CA THR C 194 -7.01 -17.16 -30.58
C THR C 194 -6.44 -15.78 -30.26
N THR C 195 -5.13 -15.58 -30.43
CA THR C 195 -4.48 -14.25 -30.26
C THR C 195 -5.03 -13.30 -31.33
N LEU C 196 -5.13 -13.74 -32.58
CA LEU C 196 -5.69 -12.88 -33.67
C LEU C 196 -7.17 -12.58 -33.40
N LEU C 197 -7.90 -13.52 -32.80
CA LEU C 197 -9.30 -13.30 -32.35
C LEU C 197 -9.34 -12.28 -31.22
N LEU C 198 -8.34 -12.26 -30.34
CA LEU C 198 -8.29 -11.20 -29.30
C LEU C 198 -8.09 -9.83 -29.96
N ALA C 199 -7.25 -9.73 -30.98
CA ALA C 199 -6.99 -8.46 -31.71
C ALA C 199 -8.31 -7.93 -32.26
N GLU C 200 -9.11 -8.82 -32.87
CA GLU C 200 -10.45 -8.51 -33.44
C GLU C 200 -11.34 -8.00 -32.31
N ILE C 201 -11.32 -8.66 -31.16
CA ILE C 201 -12.16 -8.25 -30.00
C ILE C 201 -11.76 -6.83 -29.56
N LEU C 202 -10.47 -6.59 -29.30
CA LEU C 202 -9.99 -5.31 -28.72
C LEU C 202 -10.37 -4.18 -29.66
N ALA C 203 -10.25 -4.40 -30.97
CA ALA C 203 -10.65 -3.42 -32.00
C ALA C 203 -12.14 -3.12 -31.82
N ASP C 204 -12.99 -4.14 -31.87
CA ASP C 204 -14.46 -3.95 -31.73
C ASP C 204 -14.80 -3.23 -30.40
N ALA C 205 -13.99 -3.41 -29.36
CA ALA C 205 -14.20 -2.84 -28.01
C ALA C 205 -13.75 -1.38 -28.00
N GLY C 206 -13.06 -0.92 -29.04
CA GLY C 206 -12.69 0.49 -29.19
C GLY C 206 -11.26 0.76 -28.78
N LEU C 207 -10.39 -0.24 -28.84
CA LEU C 207 -8.96 -0.04 -28.53
C LEU C 207 -8.35 0.71 -29.72
N PRO C 208 -7.69 1.87 -29.52
CA PRO C 208 -7.11 2.61 -30.65
C PRO C 208 -6.18 1.75 -31.52
N LYS C 209 -5.90 2.23 -32.71
CA LYS C 209 -4.97 1.55 -33.64
C LYS C 209 -3.57 1.70 -33.06
N GLY C 210 -2.69 0.71 -33.26
CA GLY C 210 -1.29 0.73 -32.80
C GLY C 210 -1.11 0.23 -31.35
N VAL C 211 -2.15 0.26 -30.53
CA VAL C 211 -2.05 -0.12 -29.09
C VAL C 211 -1.83 -1.63 -28.97
N PHE C 212 -2.38 -2.44 -29.88
CA PHE C 212 -2.28 -3.92 -29.87
C PHE C 212 -2.02 -4.42 -31.28
N ASN C 213 -0.76 -4.82 -31.54
CA ASN C 213 -0.27 -5.33 -32.85
C ASN C 213 0.11 -6.81 -32.68
N VAL C 214 -0.28 -7.63 -33.66
CA VAL C 214 0.06 -9.08 -33.69
C VAL C 214 0.89 -9.35 -34.94
N VAL C 215 2.14 -9.78 -34.77
CA VAL C 215 3.09 -10.10 -35.88
C VAL C 215 3.44 -11.58 -35.75
N THR C 216 2.69 -12.39 -36.48
CA THR C 216 2.78 -13.86 -36.48
C THR C 216 4.00 -14.30 -37.27
N GLY C 217 4.60 -15.40 -36.83
CA GLY C 217 5.75 -16.02 -37.51
C GLY C 217 6.62 -16.78 -36.53
N THR C 218 7.88 -17.00 -36.90
CA THR C 218 8.84 -17.88 -36.18
C THR C 218 9.55 -17.09 -35.06
N GLY C 219 10.02 -17.81 -34.05
CA GLY C 219 10.85 -17.29 -32.95
C GLY C 219 12.19 -16.82 -33.47
N ARG C 220 12.70 -17.48 -34.52
CA ARG C 220 14.03 -17.18 -35.10
C ARG C 220 13.99 -15.89 -35.94
N THR C 221 12.88 -15.58 -36.60
CA THR C 221 12.73 -14.35 -37.42
C THR C 221 12.17 -13.22 -36.54
N VAL C 222 10.97 -13.38 -36.01
CA VAL C 222 10.15 -12.29 -35.42
C VAL C 222 10.46 -12.15 -33.93
N GLY C 223 10.38 -13.24 -33.18
CA GLY C 223 10.70 -13.28 -31.74
C GLY C 223 12.07 -12.69 -31.47
N GLN C 224 13.09 -13.16 -32.18
CA GLN C 224 14.49 -12.72 -32.01
C GLN C 224 14.64 -11.28 -32.48
N ALA C 225 13.86 -10.88 -33.49
CA ALA C 225 13.80 -9.49 -33.96
C ALA C 225 13.36 -8.59 -32.81
N MET C 226 12.47 -9.13 -31.97
CA MET C 226 11.80 -8.41 -30.87
C MET C 226 12.75 -8.28 -29.67
N THR C 227 13.30 -9.39 -29.20
CA THR C 227 14.23 -9.41 -28.04
C THR C 227 15.44 -8.49 -28.32
N GLU C 228 15.84 -8.35 -29.60
CA GLU C 228 16.95 -7.43 -30.02
C GLU C 228 16.45 -6.01 -30.35
N HIS C 229 15.15 -5.78 -30.47
CA HIS C 229 14.65 -4.53 -31.11
C HIS C 229 15.12 -3.34 -30.29
N GLN C 230 15.57 -2.27 -30.97
CA GLN C 230 16.20 -1.13 -30.29
C GLN C 230 15.14 -0.21 -29.66
N ASP C 231 13.85 -0.34 -30.02
CA ASP C 231 12.77 0.60 -29.61
C ASP C 231 11.66 -0.09 -28.79
N ILE C 232 11.81 -1.38 -28.49
CA ILE C 232 10.90 -2.08 -27.54
C ILE C 232 11.43 -1.84 -26.11
N ASP C 233 10.62 -1.27 -25.23
CA ASP C 233 11.06 -0.82 -23.89
C ASP C 233 11.02 -1.99 -22.89
N MET C 234 10.21 -3.00 -23.13
CA MET C 234 10.12 -4.15 -22.22
C MET C 234 9.54 -5.34 -22.98
N LEU C 235 9.85 -6.53 -22.50
CA LEU C 235 9.44 -7.80 -23.15
C LEU C 235 8.93 -8.72 -22.05
N SER C 236 7.65 -9.06 -22.09
CA SER C 236 7.13 -10.28 -21.44
C SER C 236 7.44 -11.45 -22.35
N PHE C 237 8.11 -12.49 -21.84
CA PHE C 237 8.32 -13.79 -22.56
C PHE C 237 7.94 -14.91 -21.60
N THR C 238 7.03 -15.79 -21.99
CA THR C 238 6.67 -16.97 -21.18
C THR C 238 7.11 -18.21 -21.95
N GLY C 239 7.87 -19.10 -21.31
CA GLY C 239 8.25 -20.36 -21.96
C GLY C 239 9.36 -21.14 -21.29
N SER C 240 10.49 -21.30 -21.96
CA SER C 240 11.60 -22.13 -21.46
C SER C 240 12.74 -21.25 -20.91
N THR C 241 13.54 -21.80 -20.01
CA THR C 241 14.63 -21.03 -19.39
C THR C 241 15.67 -20.68 -20.47
N GLY C 242 15.84 -21.54 -21.45
CA GLY C 242 16.86 -21.30 -22.49
C GLY C 242 16.52 -20.18 -23.43
N VAL C 243 15.24 -20.05 -23.80
CA VAL C 243 14.80 -18.92 -24.66
C VAL C 243 14.71 -17.69 -23.75
N GLY C 244 14.49 -17.90 -22.45
CA GLY C 244 14.58 -16.79 -21.50
C GLY C 244 15.99 -16.25 -21.46
N LYS C 245 16.95 -17.14 -21.35
CA LYS C 245 18.38 -16.78 -21.33
C LYS C 245 18.72 -16.04 -22.64
N SER C 246 18.21 -16.52 -23.79
CA SER C 246 18.44 -15.90 -25.12
C SER C 246 17.89 -14.49 -25.13
N CYS C 247 16.71 -14.32 -24.56
CA CYS C 247 16.07 -12.99 -24.36
C CYS C 247 16.99 -12.13 -23.48
N ILE C 248 17.56 -12.70 -22.40
CA ILE C 248 18.41 -11.89 -21.49
C ILE C 248 19.58 -11.35 -22.31
N HIS C 249 20.30 -12.23 -23.02
CA HIS C 249 21.50 -11.85 -23.83
C HIS C 249 21.09 -10.75 -24.80
N ALA C 250 19.97 -10.97 -25.50
CA ALA C 250 19.49 -10.08 -26.59
C ALA C 250 19.22 -8.68 -26.02
N ALA C 251 18.62 -8.61 -24.83
CA ALA C 251 18.32 -7.36 -24.10
C ALA C 251 19.62 -6.61 -23.80
N ALA C 252 20.61 -7.29 -23.24
CA ALA C 252 21.93 -6.72 -22.88
C ALA C 252 22.58 -6.19 -24.14
N ASP C 253 22.49 -6.96 -25.22
CA ASP C 253 23.26 -6.74 -26.46
C ASP C 253 22.59 -5.63 -27.25
N SER C 254 21.34 -5.29 -26.90
CA SER C 254 20.57 -4.23 -27.58
C SER C 254 20.54 -2.95 -26.73
N ASN C 255 19.39 -2.63 -26.13
CA ASN C 255 18.99 -1.31 -25.57
C ASN C 255 18.59 -1.44 -24.09
N LEU C 256 18.94 -2.56 -23.43
CA LEU C 256 18.71 -2.79 -21.96
C LEU C 256 17.21 -2.81 -21.64
N LYS C 257 16.37 -3.32 -22.54
CA LYS C 257 14.91 -3.53 -22.26
C LYS C 257 14.75 -4.34 -20.96
N LYS C 258 13.80 -3.95 -20.13
CA LYS C 258 13.40 -4.70 -18.91
C LYS C 258 12.76 -6.01 -19.40
N LEU C 259 12.73 -7.06 -18.57
CA LEU C 259 12.28 -8.43 -18.95
C LEU C 259 11.39 -9.04 -17.86
N GLY C 260 10.10 -9.18 -18.16
CA GLY C 260 9.12 -10.00 -17.40
C GLY C 260 9.19 -11.42 -17.90
N LEU C 261 10.03 -12.25 -17.28
CA LEU C 261 10.25 -13.64 -17.70
C LEU C 261 9.42 -14.55 -16.80
N GLU C 262 8.62 -15.42 -17.42
CA GLU C 262 7.90 -16.53 -16.75
C GLU C 262 8.38 -17.80 -17.44
N LEU C 263 9.25 -18.56 -16.79
CA LEU C 263 9.94 -19.69 -17.45
C LEU C 263 9.35 -21.01 -16.94
N GLY C 264 10.13 -22.09 -16.97
CA GLY C 264 9.65 -23.45 -16.68
C GLY C 264 9.95 -23.82 -15.24
N GLY C 265 9.61 -25.05 -14.85
CA GLY C 265 9.79 -25.55 -13.48
C GLY C 265 9.83 -27.07 -13.40
N LYS C 266 10.19 -27.58 -12.22
CA LYS C 266 10.04 -29.00 -11.78
C LYS C 266 9.35 -28.97 -10.42
N ASN C 267 8.05 -28.76 -10.44
CA ASN C 267 7.30 -28.25 -9.26
C ASN C 267 6.89 -29.43 -8.40
N PRO C 268 7.29 -29.43 -7.11
CA PRO C 268 6.99 -30.54 -6.23
C PRO C 268 5.58 -30.35 -5.64
N ILE C 269 4.90 -31.48 -5.40
CA ILE C 269 3.64 -31.55 -4.59
C ILE C 269 3.95 -32.43 -3.37
N VAL C 270 3.90 -31.86 -2.16
CA VAL C 270 4.24 -32.60 -0.92
C VAL C 270 2.98 -33.17 -0.30
N VAL C 271 2.93 -34.48 -0.07
CA VAL C 271 1.73 -35.15 0.53
C VAL C 271 2.12 -35.78 1.86
N PHE C 272 1.47 -35.34 2.94
CA PHE C 272 1.73 -35.89 4.28
C PHE C 272 0.57 -36.84 4.61
N ALA C 273 0.71 -37.62 5.67
CA ALA C 273 -0.36 -38.53 6.08
C ALA C 273 -1.44 -37.72 6.75
N ASP C 274 -1.05 -36.62 7.39
CA ASP C 274 -1.98 -35.70 8.07
C ASP C 274 -2.99 -35.20 7.07
N SER C 275 -2.87 -35.61 5.82
CA SER C 275 -3.72 -35.07 4.74
C SER C 275 -4.97 -35.89 4.46
N ASN C 276 -5.83 -35.37 3.57
CA ASN C 276 -6.97 -36.13 3.05
C ASN C 276 -6.34 -36.80 1.85
N LEU C 277 -5.64 -37.91 2.07
CA LEU C 277 -4.86 -38.56 1.00
C LEU C 277 -5.72 -38.80 -0.23
N GLU C 278 -7.03 -38.83 -0.07
CA GLU C 278 -7.96 -39.10 -1.19
C GLU C 278 -8.14 -37.80 -1.98
N ASP C 279 -8.20 -36.68 -1.29
CA ASP C 279 -8.36 -35.37 -1.95
C ASP C 279 -7.03 -35.00 -2.60
N ALA C 280 -5.93 -35.44 -2.01
CA ALA C 280 -4.59 -35.16 -2.55
C ALA C 280 -4.39 -35.95 -3.83
N ALA C 281 -4.67 -37.24 -3.78
CA ALA C 281 -4.49 -38.12 -4.95
C ALA C 281 -5.20 -37.52 -6.15
N ASP C 282 -6.44 -37.11 -5.95
CA ASP C 282 -7.19 -36.47 -7.04
C ASP C 282 -6.41 -35.25 -7.50
N ALA C 283 -5.81 -34.53 -6.54
CA ALA C 283 -5.15 -33.27 -6.91
C ALA C 283 -3.82 -33.55 -7.64
N VAL C 284 -3.04 -34.53 -7.17
CA VAL C 284 -1.73 -34.95 -7.78
C VAL C 284 -2.00 -35.41 -9.22
N ALA C 285 -2.94 -36.34 -9.41
CA ALA C 285 -3.41 -36.77 -10.75
C ALA C 285 -3.63 -35.53 -11.60
N PHE C 286 -4.51 -34.65 -11.17
CA PHE C 286 -4.81 -33.35 -11.85
C PHE C 286 -3.50 -32.60 -12.11
N GLY C 287 -2.76 -32.30 -11.05
CA GLY C 287 -1.54 -31.48 -11.09
C GLY C 287 -0.65 -31.85 -12.26
N ILE C 288 -0.52 -33.16 -12.53
CA ILE C 288 0.40 -33.73 -13.57
C ILE C 288 -0.33 -33.95 -14.90
N SER C 289 -1.65 -34.17 -14.89
CA SER C 289 -2.46 -34.58 -16.07
C SER C 289 -3.10 -33.36 -16.73
N PHE C 290 -3.36 -32.30 -15.99
CA PHE C 290 -3.97 -31.07 -16.54
C PHE C 290 -3.12 -30.60 -17.72
N ASN C 291 -3.70 -30.58 -18.94
CA ASN C 291 -3.09 -30.07 -20.20
C ASN C 291 -2.08 -31.08 -20.75
N THR C 292 -2.27 -32.36 -20.37
CA THR C 292 -1.35 -33.51 -20.59
C THR C 292 0.07 -33.15 -20.12
N GLY C 293 0.18 -32.51 -18.95
CA GLY C 293 1.44 -32.16 -18.29
C GLY C 293 2.22 -31.05 -19.01
N GLN C 294 1.59 -30.41 -20.00
CA GLN C 294 2.15 -29.28 -20.81
C GLN C 294 1.98 -27.94 -20.05
N CYS C 295 2.47 -27.88 -18.81
CA CYS C 295 2.27 -26.73 -17.88
C CYS C 295 3.62 -26.39 -17.28
N CYS C 296 3.91 -25.10 -17.17
CA CYS C 296 5.09 -24.62 -16.42
C CYS C 296 4.84 -24.88 -14.91
N VAL C 297 3.59 -24.95 -14.47
CA VAL C 297 3.24 -25.04 -13.02
C VAL C 297 2.77 -26.46 -12.64
N SER C 298 2.91 -27.45 -13.53
CA SER C 298 2.40 -28.84 -13.30
C SER C 298 3.19 -29.52 -12.16
N SER C 299 2.49 -30.20 -11.26
CA SER C 299 3.11 -30.94 -10.13
C SER C 299 3.77 -32.22 -10.68
N SER C 300 5.08 -32.14 -10.99
CA SER C 300 5.89 -33.17 -11.70
C SER C 300 6.79 -33.98 -10.77
N ARG C 301 6.87 -33.60 -9.48
CA ARG C 301 7.67 -34.33 -8.47
C ARG C 301 6.81 -34.55 -7.23
N LEU C 302 6.09 -35.68 -7.16
CA LEU C 302 5.36 -36.13 -5.95
C LEU C 302 6.35 -36.33 -4.80
N ILE C 303 6.09 -35.68 -3.67
CA ILE C 303 6.89 -35.80 -2.42
C ILE C 303 5.93 -36.31 -1.33
N VAL C 304 5.99 -37.60 -1.00
CA VAL C 304 5.01 -38.31 -0.13
C VAL C 304 5.73 -38.89 1.10
N GLU C 305 5.05 -38.95 2.24
CA GLU C 305 5.59 -39.42 3.54
C GLU C 305 5.75 -40.94 3.42
N ARG C 306 6.90 -41.50 3.81
CA ARG C 306 7.18 -42.94 3.57
C ARG C 306 6.02 -43.77 4.10
N SER C 307 5.60 -43.51 5.34
CA SER C 307 4.64 -44.35 6.11
C SER C 307 3.34 -44.60 5.31
N VAL C 308 3.00 -43.74 4.35
CA VAL C 308 1.74 -43.86 3.57
C VAL C 308 2.06 -43.91 2.05
N ALA C 309 3.34 -43.85 1.68
CA ALA C 309 3.85 -43.66 0.30
C ALA C 309 3.26 -44.71 -0.65
N GLU C 310 3.47 -45.99 -0.31
CA GLU C 310 3.12 -47.12 -1.21
C GLU C 310 1.60 -47.14 -1.40
N LYS C 311 0.83 -46.95 -0.31
CA LYS C 311 -0.65 -46.81 -0.34
C LYS C 311 -1.05 -45.68 -1.29
N PHE C 312 -0.47 -44.47 -1.08
CA PHE C 312 -0.78 -43.22 -1.80
C PHE C 312 -0.44 -43.39 -3.29
N GLU C 313 0.78 -43.85 -3.57
CA GLU C 313 1.26 -44.18 -4.92
C GLU C 313 0.17 -44.97 -5.66
N ARG C 314 -0.35 -46.01 -5.03
CA ARG C 314 -1.46 -46.85 -5.56
C ARG C 314 -2.70 -45.99 -5.77
N LEU C 315 -3.10 -45.24 -4.74
CA LEU C 315 -4.34 -44.42 -4.79
C LEU C 315 -4.27 -43.46 -5.99
N VAL C 316 -3.07 -42.96 -6.30
CA VAL C 316 -2.83 -42.03 -7.43
C VAL C 316 -2.88 -42.81 -8.75
N VAL C 317 -2.18 -43.95 -8.81
CA VAL C 317 -2.21 -44.92 -9.96
C VAL C 317 -3.66 -45.14 -10.42
N ALA C 318 -4.54 -45.50 -9.47
CA ALA C 318 -6.00 -45.71 -9.67
C ALA C 318 -6.66 -44.46 -10.27
N LYS C 319 -6.28 -43.31 -9.73
CA LYS C 319 -6.79 -41.99 -10.17
C LYS C 319 -6.32 -41.75 -11.61
N MET C 320 -5.04 -42.02 -11.89
CA MET C 320 -4.46 -41.76 -13.23
C MET C 320 -5.08 -42.74 -14.23
N GLU C 321 -5.20 -44.02 -13.87
CA GLU C 321 -5.73 -45.09 -14.78
C GLU C 321 -7.23 -44.86 -15.05
N LYS C 322 -7.87 -43.90 -14.39
CA LYS C 322 -9.31 -43.58 -14.55
C LYS C 322 -9.53 -42.32 -15.40
N ILE C 323 -8.48 -41.50 -15.65
CA ILE C 323 -8.61 -40.20 -16.37
C ILE C 323 -9.09 -40.47 -17.81
N ARG C 324 -10.10 -39.74 -18.27
CA ARG C 324 -10.78 -40.00 -19.56
C ARG C 324 -10.08 -39.23 -20.70
N VAL C 325 -9.27 -39.93 -21.49
CA VAL C 325 -8.50 -39.40 -22.66
C VAL C 325 -9.32 -39.69 -23.92
N GLY C 326 -9.28 -38.81 -24.92
CA GLY C 326 -10.04 -38.96 -26.18
C GLY C 326 -10.15 -37.65 -26.94
N ASP C 327 -11.12 -37.60 -27.87
CA ASP C 327 -11.40 -36.41 -28.71
C ASP C 327 -11.57 -35.20 -27.81
N PRO C 328 -10.72 -34.15 -27.97
CA PRO C 328 -10.84 -32.95 -27.16
C PRO C 328 -12.20 -32.22 -27.36
N PHE C 329 -12.92 -32.53 -28.44
CA PHE C 329 -14.27 -31.95 -28.75
C PHE C 329 -15.38 -32.70 -27.98
N ASP C 330 -15.07 -33.86 -27.41
CA ASP C 330 -15.99 -34.57 -26.49
C ASP C 330 -15.94 -33.83 -25.15
N PRO C 331 -17.05 -33.23 -24.67
CA PRO C 331 -17.01 -32.42 -23.45
C PRO C 331 -16.72 -33.29 -22.23
N GLU C 332 -16.76 -34.61 -22.41
CA GLU C 332 -16.43 -35.59 -21.34
C GLU C 332 -14.93 -35.90 -21.37
N THR C 333 -14.18 -35.47 -22.40
CA THR C 333 -12.71 -35.71 -22.49
C THR C 333 -12.01 -34.84 -21.42
N GLN C 334 -11.06 -35.43 -20.70
CA GLN C 334 -10.39 -34.80 -19.53
C GLN C 334 -8.94 -34.41 -19.87
N ILE C 335 -8.24 -35.14 -20.74
CA ILE C 335 -6.92 -34.67 -21.28
C ILE C 335 -6.89 -34.87 -22.80
N GLY C 336 -6.24 -33.95 -23.50
CA GLY C 336 -6.24 -33.88 -24.97
C GLY C 336 -4.89 -34.24 -25.54
N ALA C 337 -4.63 -33.74 -26.75
CA ALA C 337 -3.46 -34.11 -27.60
C ALA C 337 -2.18 -33.47 -27.05
N ILE C 338 -1.06 -33.84 -27.65
CA ILE C 338 0.25 -33.15 -27.50
C ILE C 338 0.33 -32.12 -28.64
N THR C 339 0.66 -30.89 -28.29
CA THR C 339 0.53 -29.73 -29.21
C THR C 339 1.58 -29.85 -30.33
N THR C 340 2.77 -30.39 -30.03
CA THR C 340 3.90 -30.52 -30.99
C THR C 340 4.43 -31.97 -31.03
N GLU C 341 4.83 -32.43 -32.23
CA GLU C 341 5.57 -33.71 -32.42
C GLU C 341 6.91 -33.64 -31.68
N ALA C 342 7.56 -32.47 -31.72
CA ALA C 342 8.80 -32.15 -30.99
C ALA C 342 8.61 -32.49 -29.51
N GLN C 343 7.60 -31.92 -28.85
CA GLN C 343 7.35 -32.23 -27.41
C GLN C 343 7.02 -33.72 -27.29
N ASN C 344 6.09 -34.24 -28.11
CA ASN C 344 5.65 -35.66 -28.04
C ASN C 344 6.90 -36.56 -27.99
N LYS C 345 7.88 -36.31 -28.87
CA LYS C 345 9.10 -37.17 -28.94
C LYS C 345 9.89 -36.96 -27.63
N THR C 346 10.04 -35.72 -27.15
CA THR C 346 10.80 -35.41 -25.91
C THR C 346 10.21 -36.22 -24.75
N ILE C 347 8.87 -36.35 -24.70
CA ILE C 347 8.13 -36.98 -23.57
C ILE C 347 8.39 -38.48 -23.60
N LEU C 348 8.20 -39.10 -24.76
CA LEU C 348 8.48 -40.54 -24.96
C LEU C 348 9.97 -40.80 -24.71
N ASP C 349 10.86 -39.98 -25.27
CA ASP C 349 12.31 -40.03 -24.99
C ASP C 349 12.51 -40.11 -23.47
N TYR C 350 11.75 -39.32 -22.70
CA TYR C 350 11.98 -39.15 -21.24
C TYR C 350 11.39 -40.33 -20.49
N ILE C 351 10.20 -40.78 -20.88
CA ILE C 351 9.62 -42.04 -20.32
C ILE C 351 10.62 -43.18 -20.61
N ALA C 352 11.15 -43.23 -21.85
CA ALA C 352 12.14 -44.24 -22.31
C ALA C 352 13.40 -44.22 -21.44
N LYS C 353 14.03 -43.05 -21.32
CA LYS C 353 15.24 -42.85 -20.48
C LYS C 353 14.91 -43.26 -19.03
N GLY C 354 13.71 -42.96 -18.57
CA GLY C 354 13.29 -43.22 -17.17
C GLY C 354 13.32 -44.70 -16.84
N LYS C 355 12.76 -45.54 -17.72
CA LYS C 355 12.78 -47.02 -17.56
C LYS C 355 14.24 -47.43 -17.44
N ALA C 356 15.06 -46.91 -18.35
CA ALA C 356 16.49 -47.21 -18.57
C ALA C 356 17.33 -46.92 -17.31
N GLU C 357 16.96 -45.92 -16.51
CA GLU C 357 17.79 -45.44 -15.38
C GLU C 357 17.51 -46.28 -14.11
N GLY C 358 16.58 -47.23 -14.19
CA GLY C 358 16.24 -48.15 -13.09
C GLY C 358 15.15 -47.59 -12.17
N ALA C 359 14.27 -46.71 -12.67
CA ALA C 359 13.04 -46.27 -11.97
C ALA C 359 11.94 -47.26 -12.34
N LYS C 360 11.00 -47.52 -11.44
CA LYS C 360 9.91 -48.50 -11.66
C LYS C 360 8.68 -47.74 -12.17
N LEU C 361 8.12 -48.16 -13.30
CA LEU C 361 6.85 -47.61 -13.84
C LEU C 361 5.68 -48.33 -13.17
N LEU C 362 4.82 -47.60 -12.46
CA LEU C 362 3.59 -48.14 -11.79
C LEU C 362 2.39 -48.07 -12.75
N CYS C 363 2.38 -47.10 -13.68
CA CYS C 363 1.30 -46.89 -14.71
C CYS C 363 1.79 -46.02 -15.88
N GLY C 364 0.95 -45.89 -16.92
CA GLY C 364 1.29 -45.23 -18.20
C GLY C 364 2.51 -45.83 -18.89
N GLY C 365 3.24 -45.03 -19.69
CA GLY C 365 4.57 -45.40 -20.22
C GLY C 365 4.65 -45.38 -21.74
N GLY C 366 3.51 -45.17 -22.43
CA GLY C 366 3.43 -45.21 -23.90
C GLY C 366 2.33 -44.31 -24.44
N ILE C 367 2.21 -44.25 -25.78
CA ILE C 367 1.24 -43.39 -26.52
C ILE C 367 -0.17 -43.97 -26.31
N VAL C 368 -1.19 -43.24 -26.77
CA VAL C 368 -2.59 -43.75 -26.74
C VAL C 368 -3.07 -43.73 -28.18
N ASP C 369 -3.00 -44.87 -28.88
CA ASP C 369 -3.33 -44.90 -30.34
C ASP C 369 -4.80 -44.58 -30.58
N PHE C 370 -5.20 -43.35 -30.27
CA PHE C 370 -6.63 -42.97 -30.41
C PHE C 370 -6.95 -42.69 -31.87
N GLY C 371 -6.59 -43.59 -32.77
CA GLY C 371 -6.99 -43.42 -34.18
C GLY C 371 -6.16 -42.36 -34.86
N LYS C 372 -5.99 -41.21 -34.23
CA LYS C 372 -5.12 -40.19 -34.81
C LYS C 372 -4.54 -39.29 -33.72
N GLY C 373 -3.72 -38.33 -34.10
CA GLY C 373 -3.22 -37.33 -33.13
C GLY C 373 -2.11 -37.84 -32.26
N GLN C 374 -1.67 -37.01 -31.32
CA GLN C 374 -0.66 -37.47 -30.35
C GLN C 374 -1.29 -37.42 -28.96
N TYR C 375 -1.50 -38.59 -28.37
CA TYR C 375 -2.07 -38.71 -27.01
C TYR C 375 -1.13 -39.60 -26.21
N ILE C 376 -0.65 -39.14 -25.06
CA ILE C 376 0.24 -39.96 -24.18
C ILE C 376 -0.54 -40.22 -22.89
N GLN C 377 -0.26 -41.32 -22.21
CA GLN C 377 -1.06 -41.75 -21.04
C GLN C 377 -0.37 -41.22 -19.79
N PRO C 378 -1.17 -40.81 -18.79
CA PRO C 378 -0.65 -40.44 -17.47
C PRO C 378 0.31 -41.49 -16.93
N THR C 379 1.52 -41.06 -16.56
CA THR C 379 2.68 -41.94 -16.25
C THR C 379 3.24 -41.66 -14.85
N LEU C 380 3.44 -42.70 -14.06
CA LEU C 380 3.98 -42.57 -12.69
C LEU C 380 5.23 -43.43 -12.55
N PHE C 381 6.34 -42.83 -12.17
CA PHE C 381 7.59 -43.53 -11.82
C PHE C 381 7.82 -43.40 -10.33
N THR C 382 8.11 -44.51 -9.66
CA THR C 382 8.57 -44.55 -8.25
C THR C 382 9.98 -45.14 -8.23
N ASP C 383 10.59 -45.16 -7.04
CA ASP C 383 12.00 -45.56 -6.82
C ASP C 383 12.88 -44.69 -7.73
N VAL C 384 12.65 -43.38 -7.66
CA VAL C 384 13.41 -42.35 -8.42
C VAL C 384 14.49 -41.78 -7.49
N LYS C 385 15.73 -41.76 -7.98
CA LYS C 385 16.88 -41.10 -7.32
C LYS C 385 16.94 -39.68 -7.89
N PRO C 386 17.40 -38.70 -7.08
CA PRO C 386 17.51 -37.31 -7.55
C PRO C 386 18.41 -37.14 -8.79
N SER C 387 19.40 -38.01 -9.00
CA SER C 387 20.40 -37.91 -10.10
C SER C 387 19.74 -38.17 -11.46
N MET C 388 18.62 -38.90 -11.47
CA MET C 388 17.97 -39.41 -12.72
C MET C 388 17.56 -38.22 -13.60
N GLY C 389 17.48 -38.45 -14.91
CA GLY C 389 17.02 -37.45 -15.89
C GLY C 389 15.61 -36.98 -15.60
N ILE C 390 14.71 -37.92 -15.29
CA ILE C 390 13.24 -37.67 -15.06
C ILE C 390 13.04 -36.91 -13.73
N ALA C 391 13.97 -37.04 -12.79
CA ALA C 391 13.95 -36.30 -11.52
C ALA C 391 14.17 -34.80 -11.79
N ARG C 392 15.15 -34.46 -12.65
CA ARG C 392 15.79 -33.11 -12.68
C ARG C 392 15.13 -32.22 -13.75
N ASP C 393 15.06 -32.72 -14.98
CA ASP C 393 14.71 -31.95 -16.20
C ASP C 393 13.20 -31.81 -16.33
N GLU C 394 12.74 -30.67 -16.83
CA GLU C 394 11.31 -30.40 -17.11
C GLU C 394 10.87 -31.24 -18.33
N ILE C 395 9.90 -32.16 -18.17
CA ILE C 395 9.44 -33.11 -19.22
C ILE C 395 8.36 -32.43 -20.08
N PHE C 396 7.50 -31.62 -19.46
CA PHE C 396 6.30 -30.97 -20.09
C PHE C 396 5.39 -32.04 -20.71
N GLY C 397 5.30 -33.19 -20.07
CA GLY C 397 4.33 -34.24 -20.40
C GLY C 397 3.74 -34.80 -19.12
N PRO C 398 2.70 -35.66 -19.19
CA PRO C 398 2.01 -36.15 -18.00
C PRO C 398 2.81 -37.30 -17.37
N VAL C 399 4.03 -36.99 -16.92
CA VAL C 399 4.99 -37.97 -16.35
C VAL C 399 5.33 -37.50 -14.95
N LEU C 400 4.93 -38.27 -13.94
CA LEU C 400 5.11 -37.90 -12.50
C LEU C 400 6.21 -38.79 -11.94
N ALA C 401 7.10 -38.24 -11.12
CA ALA C 401 8.15 -38.98 -10.41
C ALA C 401 7.91 -38.91 -8.90
N SER C 402 7.94 -40.06 -8.22
CA SER C 402 7.58 -40.23 -6.78
C SER C 402 8.83 -40.29 -5.91
N PHE C 403 8.88 -39.46 -4.88
CA PHE C 403 9.95 -39.43 -3.86
C PHE C 403 9.30 -39.78 -2.54
N HIS C 404 10.08 -40.36 -1.62
CA HIS C 404 9.60 -40.76 -0.28
C HIS C 404 10.37 -39.91 0.73
N PHE C 405 9.78 -39.66 1.90
CA PHE C 405 10.42 -38.89 2.99
C PHE C 405 9.90 -39.38 4.36
N ASP C 406 10.69 -39.10 5.40
CA ASP C 406 10.38 -39.42 6.83
C ASP C 406 10.14 -38.13 7.62
N THR C 407 10.94 -37.09 7.39
CA THR C 407 10.91 -35.80 8.14
C THR C 407 10.34 -34.68 7.26
N VAL C 408 9.86 -33.59 7.89
CA VAL C 408 9.43 -32.33 7.20
C VAL C 408 10.65 -31.68 6.52
N ASP C 409 11.75 -31.47 7.24
CA ASP C 409 12.99 -30.88 6.68
C ASP C 409 13.45 -31.72 5.49
N GLU C 410 13.41 -33.04 5.60
CA GLU C 410 13.74 -33.92 4.45
C GLU C 410 12.85 -33.51 3.28
N ALA C 411 11.52 -33.45 3.46
CA ALA C 411 10.52 -33.13 2.40
C ALA C 411 10.86 -31.80 1.74
N ILE C 412 11.26 -30.81 2.54
CA ILE C 412 11.52 -29.43 2.03
C ILE C 412 12.78 -29.39 1.19
N ALA C 413 13.74 -30.26 1.48
CA ALA C 413 15.02 -30.29 0.76
C ALA C 413 14.81 -30.83 -0.64
N ILE C 414 14.06 -31.90 -0.75
CA ILE C 414 13.77 -32.49 -2.08
C ILE C 414 13.00 -31.44 -2.90
N ALA C 415 11.95 -30.86 -2.33
CA ALA C 415 11.16 -29.83 -3.04
C ALA C 415 12.05 -28.68 -3.51
N ASN C 416 13.08 -28.34 -2.73
CA ASN C 416 13.99 -27.22 -3.06
C ASN C 416 15.22 -27.77 -3.80
N ASP C 417 15.21 -29.05 -4.14
CA ASP C 417 16.30 -29.66 -4.93
C ASP C 417 15.98 -29.43 -6.39
N THR C 418 15.90 -28.17 -6.80
CA THR C 418 15.73 -27.86 -8.24
C THR C 418 16.43 -26.54 -8.54
N VAL C 419 16.72 -26.28 -9.81
CA VAL C 419 17.32 -24.99 -10.25
C VAL C 419 16.16 -24.04 -10.38
N TYR C 420 14.95 -24.51 -10.10
CA TYR C 420 13.73 -23.72 -10.34
C TYR C 420 13.02 -23.26 -9.08
N GLY C 421 11.89 -22.56 -9.25
CA GLY C 421 11.06 -22.08 -8.13
C GLY C 421 9.77 -21.42 -8.59
N LEU C 422 9.03 -22.07 -9.49
CA LEU C 422 7.75 -21.54 -10.03
C LEU C 422 6.59 -21.95 -9.12
N ALA C 423 6.29 -23.24 -9.08
CA ALA C 423 5.11 -23.67 -8.29
C ALA C 423 5.53 -24.66 -7.19
N ALA C 424 4.61 -24.88 -6.25
CA ALA C 424 4.69 -25.90 -5.17
C ALA C 424 3.28 -26.22 -4.67
N SER C 425 3.09 -27.41 -4.09
CA SER C 425 1.83 -27.84 -3.43
C SER C 425 2.18 -28.49 -2.10
N VAL C 426 1.34 -28.28 -1.09
CA VAL C 426 1.47 -28.97 0.22
C VAL C 426 0.08 -29.50 0.56
N TRP C 427 0.01 -30.77 0.94
CA TRP C 427 -1.24 -31.43 1.36
C TRP C 427 -1.04 -31.98 2.77
N SER C 428 -1.64 -31.30 3.74
CA SER C 428 -1.56 -31.58 5.19
C SER C 428 -2.68 -30.82 5.89
N LYS C 429 -3.24 -31.39 6.95
CA LYS C 429 -4.25 -30.74 7.81
C LYS C 429 -3.53 -30.07 8.98
N ASP C 430 -2.23 -30.36 9.17
CA ASP C 430 -1.40 -29.75 10.24
C ASP C 430 -0.94 -28.39 9.76
N ILE C 431 -1.57 -27.32 10.27
CA ILE C 431 -1.21 -25.89 10.07
C ILE C 431 0.29 -25.71 10.22
N ASP C 432 0.93 -26.39 11.17
CA ASP C 432 2.37 -26.18 11.40
C ASP C 432 3.14 -26.61 10.14
N LYS C 433 2.80 -27.76 9.55
CA LYS C 433 3.52 -28.34 8.36
C LYS C 433 3.21 -27.54 7.10
N ALA C 434 1.94 -27.34 6.78
CA ALA C 434 1.51 -26.45 5.69
C ALA C 434 2.31 -25.15 5.77
N LEU C 435 2.41 -24.58 6.97
CA LEU C 435 3.01 -23.24 7.17
C LEU C 435 4.52 -23.27 6.97
N ALA C 436 5.20 -24.29 7.52
CA ALA C 436 6.65 -24.50 7.38
C ALA C 436 7.02 -24.68 5.91
N VAL C 437 6.36 -25.61 5.22
CA VAL C 437 6.65 -25.93 3.78
C VAL C 437 6.47 -24.63 2.97
N THR C 438 5.28 -24.00 3.03
CA THR C 438 4.93 -22.74 2.34
C THR C 438 6.04 -21.70 2.57
N ARG C 439 6.51 -21.56 3.80
CA ARG C 439 7.48 -20.52 4.22
C ARG C 439 8.91 -20.87 3.78
N ARG C 440 9.26 -22.15 3.69
CA ARG C 440 10.67 -22.56 3.56
C ARG C 440 11.00 -23.15 2.17
N VAL C 441 10.00 -23.41 1.31
CA VAL C 441 10.20 -24.00 -0.05
C VAL C 441 10.21 -22.84 -1.05
N ARG C 442 11.33 -22.67 -1.75
CA ARG C 442 11.54 -21.48 -2.62
C ARG C 442 10.77 -21.70 -3.93
N ALA C 443 9.49 -21.32 -3.90
CA ALA C 443 8.56 -21.39 -5.07
C ALA C 443 7.58 -20.21 -4.99
N GLY C 444 7.37 -19.51 -6.11
CA GLY C 444 6.65 -18.23 -6.17
C GLY C 444 5.14 -18.41 -6.29
N ARG C 445 4.67 -19.62 -6.57
CA ARG C 445 3.22 -19.90 -6.72
C ARG C 445 2.87 -21.13 -5.89
N PHE C 446 2.21 -20.90 -4.75
CA PHE C 446 1.95 -21.87 -3.68
C PHE C 446 0.45 -22.18 -3.63
N TRP C 447 0.19 -23.44 -3.30
CA TRP C 447 -1.13 -24.11 -3.16
C TRP C 447 -1.07 -25.04 -1.96
N VAL C 448 -1.85 -24.71 -0.95
CA VAL C 448 -2.01 -25.49 0.29
C VAL C 448 -3.38 -26.14 0.19
N ASN C 449 -3.43 -27.46 0.30
CA ASN C 449 -4.67 -28.28 0.16
C ASN C 449 -5.52 -27.78 -1.01
N THR C 450 -4.89 -27.44 -2.14
CA THR C 450 -5.55 -27.06 -3.42
C THR C 450 -4.53 -27.15 -4.55
N ILE C 451 -4.94 -26.86 -5.79
CA ILE C 451 -4.06 -27.01 -6.99
C ILE C 451 -4.55 -26.14 -8.17
N MET C 452 -3.65 -25.34 -8.74
CA MET C 452 -3.87 -24.43 -9.91
C MET C 452 -5.03 -23.45 -9.65
N SER C 453 -5.38 -23.26 -8.38
CA SER C 453 -6.41 -22.29 -7.99
C SER C 453 -5.76 -20.91 -8.06
N GLY C 454 -6.51 -19.87 -7.74
CA GLY C 454 -5.91 -18.54 -7.90
C GLY C 454 -6.45 -17.79 -9.09
N GLY C 455 -6.90 -16.57 -8.86
CA GLY C 455 -7.41 -15.72 -9.93
C GLY C 455 -6.53 -14.53 -10.13
N PRO C 456 -6.90 -13.59 -11.01
CA PRO C 456 -6.04 -12.46 -11.33
C PRO C 456 -5.71 -11.50 -10.19
N GLU C 457 -6.29 -11.70 -9.02
CA GLU C 457 -6.13 -10.74 -7.87
C GLU C 457 -4.69 -10.84 -7.33
N THR C 458 -4.09 -12.02 -7.45
CA THR C 458 -2.78 -12.40 -6.84
C THR C 458 -1.72 -12.43 -7.93
N PRO C 459 -0.49 -11.94 -7.65
CA PRO C 459 0.59 -11.99 -8.61
C PRO C 459 1.12 -13.42 -8.72
N LEU C 460 1.86 -13.70 -9.81
CA LEU C 460 2.41 -15.04 -10.14
C LEU C 460 3.74 -14.88 -10.84
N GLY C 461 4.63 -15.83 -10.61
CA GLY C 461 6.04 -15.73 -11.01
C GLY C 461 6.88 -16.67 -10.16
N GLY C 462 8.17 -16.75 -10.51
CA GLY C 462 9.06 -17.82 -10.06
C GLY C 462 10.19 -17.29 -9.23
N PHE C 463 10.72 -18.15 -8.36
CA PHE C 463 12.06 -18.01 -7.74
C PHE C 463 13.10 -18.51 -8.73
N LYS C 464 14.37 -18.25 -8.44
CA LYS C 464 15.53 -19.01 -8.97
C LYS C 464 15.57 -18.91 -10.50
N GLN C 465 15.52 -20.04 -11.21
CA GLN C 465 15.73 -20.09 -12.68
C GLN C 465 14.38 -20.23 -13.41
N SER C 466 13.28 -19.99 -12.69
CA SER C 466 11.89 -20.00 -13.22
C SER C 466 11.44 -18.59 -13.57
N GLY C 467 12.26 -17.56 -13.32
CA GLY C 467 12.24 -16.31 -14.14
C GLY C 467 12.50 -15.03 -13.36
N TRP C 468 12.00 -13.91 -13.87
CA TRP C 468 12.15 -12.54 -13.28
C TRP C 468 10.81 -11.83 -13.30
N GLY C 469 10.55 -11.09 -12.23
CA GLY C 469 9.36 -10.24 -12.06
C GLY C 469 8.10 -11.05 -11.81
N ARG C 470 7.00 -10.33 -11.59
CA ARG C 470 5.67 -10.94 -11.34
C ARG C 470 4.70 -10.49 -12.43
N GLU C 471 3.64 -11.27 -12.62
CA GLU C 471 2.53 -11.02 -13.57
C GLU C 471 1.22 -11.00 -12.77
N ALA C 472 0.20 -10.29 -13.28
CA ALA C 472 -1.18 -10.25 -12.76
C ALA C 472 -1.24 -9.54 -11.39
N GLY C 473 -2.46 -9.40 -10.84
CA GLY C 473 -2.77 -8.51 -9.70
C GLY C 473 -2.34 -7.07 -10.00
N LEU C 474 -2.47 -6.17 -9.02
CA LEU C 474 -2.01 -4.76 -9.19
C LEU C 474 -0.48 -4.72 -9.35
N TYR C 475 0.24 -5.57 -8.61
CA TYR C 475 1.71 -5.71 -8.70
C TYR C 475 2.07 -6.02 -10.15
N GLY C 476 1.30 -6.90 -10.79
CA GLY C 476 1.59 -7.30 -12.18
C GLY C 476 1.45 -6.15 -13.15
N VAL C 477 0.43 -5.31 -12.98
CA VAL C 477 0.17 -4.09 -13.81
C VAL C 477 1.35 -3.12 -13.63
N GLU C 478 1.90 -3.06 -12.41
CA GLU C 478 2.96 -2.11 -12.01
C GLU C 478 4.31 -2.53 -12.60
N GLU C 479 4.50 -3.80 -12.92
CA GLU C 479 5.79 -4.31 -13.47
C GLU C 479 6.10 -3.62 -14.80
N TYR C 480 5.10 -3.16 -15.54
CA TYR C 480 5.30 -2.51 -16.84
C TYR C 480 5.22 -0.99 -16.68
N THR C 481 5.19 -0.50 -15.43
CA THR C 481 5.30 0.95 -15.12
C THR C 481 6.74 1.26 -14.65
N GLN C 482 7.14 2.51 -14.85
CA GLN C 482 8.47 3.02 -14.48
C GLN C 482 8.25 4.00 -13.34
N ILE C 483 9.07 3.90 -12.28
CA ILE C 483 8.97 4.73 -11.05
C ILE C 483 9.82 5.99 -11.20
N LYS C 484 9.17 7.13 -11.11
CA LYS C 484 9.80 8.46 -11.16
C LYS C 484 9.68 9.09 -9.79
N SER C 485 10.81 9.47 -9.19
CA SER C 485 10.88 10.25 -7.93
C SER C 485 10.91 11.74 -8.28
N VAL C 486 10.05 12.52 -7.62
CA VAL C 486 9.98 13.99 -7.79
C VAL C 486 10.15 14.66 -6.43
N HIS C 487 11.18 15.50 -6.30
CA HIS C 487 11.38 16.37 -5.12
C HIS C 487 11.25 17.83 -5.57
N ILE C 488 10.33 18.58 -4.95
CA ILE C 488 10.13 20.05 -5.19
C ILE C 488 10.59 20.80 -3.93
N GLU C 489 11.35 21.88 -4.09
CA GLU C 489 11.67 22.84 -2.99
C GLU C 489 10.81 24.08 -3.20
N THR C 490 10.33 24.67 -2.11
CA THR C 490 9.47 25.88 -2.12
C THR C 490 10.27 27.05 -1.52
N GLY C 491 10.19 28.23 -2.15
CA GLY C 491 10.85 29.48 -1.73
C GLY C 491 12.27 29.62 -2.28
N LYS C 492 13.02 30.60 -1.77
CA LYS C 492 14.44 30.85 -2.17
C LYS C 492 15.38 29.78 -1.55
N ARG C 493 16.42 29.48 -2.33
CA ARG C 493 17.36 28.39 -1.97
C ARG C 493 18.66 28.91 -1.41
N SER C 494 19.12 28.26 -0.35
CA SER C 494 20.47 28.53 0.17
C SER C 494 21.45 28.30 -0.99
N HIS C 495 22.04 29.37 -1.53
CA HIS C 495 23.03 29.29 -2.65
C HIS C 495 24.26 28.51 -2.19
N TRP C 496 24.75 27.61 -3.04
CA TRP C 496 25.99 26.81 -2.83
C TRP C 496 27.25 27.68 -2.98
N ILE C 497 27.23 28.71 -3.82
CA ILE C 497 28.36 29.67 -4.01
C ILE C 497 27.84 31.09 -3.77
N SER C 498 28.48 31.85 -2.88
CA SER C 498 28.10 33.24 -2.49
C SER C 498 27.97 34.12 -3.76
N VAL D 8 45.60 19.43 9.05
CA VAL D 8 45.02 18.03 8.95
C VAL D 8 46.08 17.06 8.39
N SER D 9 46.46 16.08 9.20
CA SER D 9 47.66 15.23 9.00
C SER D 9 47.40 14.22 7.88
N LEU D 10 48.39 13.94 7.05
CA LEU D 10 48.36 12.82 6.07
C LEU D 10 49.05 11.61 6.68
N PRO D 11 48.68 10.37 6.32
CA PRO D 11 49.23 9.19 6.99
C PRO D 11 50.75 9.11 6.78
N LEU D 12 51.48 8.73 7.81
CA LEU D 12 52.95 8.61 7.74
C LEU D 12 53.28 7.38 6.89
N LYS D 13 52.51 6.30 7.02
CA LYS D 13 52.68 5.07 6.22
C LYS D 13 51.30 4.61 5.79
N PRO D 14 51.17 3.88 4.66
CA PRO D 14 49.86 3.44 4.22
C PRO D 14 49.31 2.42 5.22
N ARG D 15 48.00 2.53 5.48
CA ARG D 15 47.24 1.70 6.45
C ARG D 15 46.88 0.38 5.78
N GLU D 16 47.29 -0.74 6.38
CA GLU D 16 47.16 -2.09 5.80
C GLU D 16 45.89 -2.73 6.34
N PHE D 17 44.94 -3.02 5.47
CA PHE D 17 43.67 -3.68 5.85
C PHE D 17 43.77 -5.19 5.62
N GLY D 18 42.78 -5.91 6.14
CA GLY D 18 42.46 -7.27 5.70
C GLY D 18 41.07 -7.25 5.10
N PHE D 19 40.62 -8.38 4.56
CA PHE D 19 39.22 -8.52 4.09
C PHE D 19 38.41 -9.14 5.24
N PHE D 20 37.10 -9.19 5.08
CA PHE D 20 36.18 -9.66 6.14
C PHE D 20 35.35 -10.84 5.62
N ILE D 21 35.52 -12.00 6.24
CA ILE D 21 34.79 -13.24 5.85
C ILE D 21 34.34 -13.95 7.13
N ASP D 22 33.05 -14.32 7.15
CA ASP D 22 32.39 -15.08 8.25
C ASP D 22 32.77 -14.45 9.59
N GLY D 23 32.68 -13.12 9.70
CA GLY D 23 32.87 -12.38 10.96
C GLY D 23 34.32 -12.19 11.36
N GLU D 24 35.28 -12.77 10.63
CA GLU D 24 36.74 -12.66 10.93
C GLU D 24 37.45 -11.83 9.85
N TRP D 25 38.37 -10.98 10.29
CA TRP D 25 39.35 -10.23 9.45
C TRP D 25 40.38 -11.22 8.93
N ARG D 26 40.72 -11.17 7.63
CA ARG D 26 41.71 -12.09 7.01
C ARG D 26 42.80 -11.25 6.35
N ALA D 27 44.06 -11.64 6.55
CA ALA D 27 45.21 -10.88 6.05
C ALA D 27 45.29 -11.10 4.55
N GLY D 28 45.86 -10.12 3.85
CA GLY D 28 46.16 -10.21 2.41
C GLY D 28 47.40 -11.04 2.19
N LYS D 29 47.50 -11.72 1.03
CA LYS D 29 48.75 -12.36 0.53
C LYS D 29 49.42 -11.39 -0.43
N ASP D 30 48.64 -10.73 -1.27
CA ASP D 30 49.09 -9.76 -2.29
C ASP D 30 48.27 -8.47 -2.04
N PHE D 31 48.79 -7.30 -2.39
CA PHE D 31 48.18 -6.01 -2.00
C PHE D 31 48.17 -4.99 -3.15
N PHE D 32 47.04 -4.30 -3.34
CA PHE D 32 46.90 -3.06 -4.14
C PHE D 32 47.33 -1.88 -3.26
N ASP D 33 48.25 -1.07 -3.76
CA ASP D 33 48.77 0.09 -3.02
C ASP D 33 48.10 1.33 -3.61
N ARG D 34 47.39 2.09 -2.78
CA ARG D 34 46.63 3.26 -3.25
C ARG D 34 47.25 4.51 -2.67
N SER D 35 47.42 5.53 -3.51
CA SER D 35 47.94 6.84 -3.07
C SER D 35 46.83 7.87 -3.18
N SER D 36 46.90 8.95 -2.41
CA SER D 36 45.85 9.99 -2.43
C SER D 36 45.74 10.58 -3.83
N PRO D 37 44.54 10.57 -4.44
CA PRO D 37 44.34 11.17 -5.74
C PRO D 37 44.57 12.68 -5.74
N ALA D 38 44.91 13.27 -4.59
CA ALA D 38 44.99 14.74 -4.46
C ALA D 38 46.31 15.17 -3.83
N HIS D 39 47.01 14.25 -3.22
CA HIS D 39 48.22 14.59 -2.45
C HIS D 39 49.39 13.85 -3.08
N ASP D 40 49.09 12.74 -3.75
CA ASP D 40 50.12 11.94 -4.44
C ASP D 40 50.99 11.31 -3.37
N VAL D 41 50.39 10.97 -2.23
CA VAL D 41 51.14 10.31 -1.12
C VAL D 41 50.46 8.98 -0.85
N PRO D 42 51.21 7.88 -0.69
CA PRO D 42 50.62 6.61 -0.34
C PRO D 42 49.70 6.74 0.88
N VAL D 43 48.59 6.03 0.89
CA VAL D 43 47.60 6.16 2.00
C VAL D 43 47.15 4.77 2.45
N THR D 44 47.02 3.81 1.55
CA THR D 44 46.46 2.48 1.94
C THR D 44 47.05 1.31 1.18
N ARG D 45 46.93 0.11 1.75
CA ARG D 45 47.35 -1.15 1.11
C ARG D 45 46.19 -2.12 1.32
N ILE D 46 45.47 -2.49 0.26
CA ILE D 46 44.24 -3.31 0.39
C ILE D 46 44.46 -4.71 -0.17
N PRO D 47 43.95 -5.79 0.46
CA PRO D 47 44.22 -7.13 -0.01
C PRO D 47 43.62 -7.31 -1.42
N ARG D 48 44.40 -7.89 -2.34
CA ARG D 48 43.91 -8.33 -3.66
C ARG D 48 43.51 -9.78 -3.53
N CYS D 49 42.21 -10.04 -3.41
CA CYS D 49 41.65 -11.38 -3.11
C CYS D 49 41.54 -12.22 -4.39
N THR D 50 41.23 -13.50 -4.21
CA THR D 50 41.12 -14.53 -5.27
C THR D 50 39.66 -14.97 -5.40
N ARG D 51 39.38 -15.88 -6.33
CA ARG D 51 38.02 -16.43 -6.50
C ARG D 51 37.74 -17.41 -5.36
N GLU D 52 38.79 -17.99 -4.78
CA GLU D 52 38.71 -18.84 -3.56
C GLU D 52 38.19 -17.98 -2.39
N ASP D 53 38.76 -16.80 -2.19
CA ASP D 53 38.33 -15.83 -1.15
C ASP D 53 36.87 -15.45 -1.42
N LEU D 54 36.53 -15.17 -2.67
CA LEU D 54 35.11 -14.90 -3.05
C LEU D 54 34.25 -16.12 -2.73
N ASP D 55 34.64 -17.32 -3.18
CA ASP D 55 33.87 -18.58 -2.93
C ASP D 55 33.67 -18.78 -1.44
N GLU D 56 34.68 -18.48 -0.61
CA GLU D 56 34.61 -18.64 0.87
C GLU D 56 33.58 -17.68 1.49
N ALA D 57 33.54 -16.43 1.00
CA ALA D 57 32.62 -15.36 1.49
C ALA D 57 31.18 -15.74 1.13
N VAL D 58 30.96 -16.21 -0.10
CA VAL D 58 29.63 -16.61 -0.64
C VAL D 58 29.12 -17.77 0.22
N ALA D 59 29.97 -18.76 0.48
CA ALA D 59 29.62 -19.94 1.30
C ALA D 59 29.31 -19.48 2.74
N ALA D 60 29.95 -18.39 3.21
CA ALA D 60 29.67 -17.83 4.55
C ALA D 60 28.27 -17.20 4.55
N ALA D 61 28.03 -16.34 3.57
CA ALA D 61 26.76 -15.62 3.36
C ALA D 61 25.62 -16.63 3.16
N ARG D 62 25.87 -17.70 2.43
CA ARG D 62 24.89 -18.80 2.23
C ARG D 62 24.57 -19.50 3.56
N ARG D 63 25.57 -19.78 4.40
CA ARG D 63 25.34 -20.48 5.69
C ARG D 63 24.63 -19.57 6.67
N ALA D 64 24.82 -18.27 6.56
CA ALA D 64 24.21 -17.29 7.47
C ALA D 64 22.74 -17.08 7.15
N PHE D 65 22.34 -17.30 5.92
CA PHE D 65 20.93 -17.13 5.51
C PHE D 65 20.16 -18.40 5.82
N GLU D 66 20.81 -19.56 5.75
CA GLU D 66 20.08 -20.83 5.90
C GLU D 66 20.14 -21.32 7.34
N ASN D 67 20.87 -20.64 8.21
CA ASN D 67 21.03 -21.04 9.63
C ASN D 67 20.07 -20.26 10.52
N GLY D 68 19.45 -19.19 10.02
CA GLY D 68 18.47 -18.41 10.79
C GLY D 68 19.13 -17.46 11.75
N SER D 69 20.41 -17.20 11.57
CA SER D 69 21.20 -16.31 12.45
C SER D 69 20.83 -14.87 12.17
N TRP D 70 20.17 -14.63 11.03
CA TRP D 70 19.81 -13.26 10.63
C TRP D 70 18.45 -13.23 9.95
N ALA D 71 18.16 -14.24 9.15
CA ALA D 71 16.90 -14.20 8.37
C ALA D 71 15.75 -14.83 9.16
N GLY D 72 16.08 -15.71 10.09
CA GLY D 72 15.05 -16.31 10.94
C GLY D 72 14.82 -15.44 12.13
N LEU D 73 15.73 -14.50 12.31
CA LEU D 73 15.61 -13.51 13.40
C LEU D 73 14.37 -12.68 13.14
N ALA D 74 13.88 -12.02 14.17
CA ALA D 74 12.70 -11.15 14.01
C ALA D 74 13.15 -9.82 13.42
N ALA D 75 12.22 -9.14 12.79
CA ALA D 75 12.54 -7.81 12.22
C ALA D 75 13.03 -6.87 13.33
N ALA D 76 12.55 -7.06 14.56
CA ALA D 76 13.01 -6.32 15.75
C ALA D 76 14.53 -6.43 15.90
N ASP D 77 15.08 -7.64 15.76
CA ASP D 77 16.52 -7.90 16.01
C ASP D 77 17.34 -7.21 14.90
N ARG D 78 16.95 -7.37 13.64
CA ARG D 78 17.68 -6.75 12.52
C ARG D 78 17.66 -5.24 12.71
N ALA D 79 16.52 -4.66 13.06
CA ALA D 79 16.39 -3.20 13.23
C ALA D 79 17.34 -2.76 14.33
N ALA D 80 17.49 -3.56 15.37
CA ALA D 80 18.32 -3.26 16.56
C ALA D 80 19.79 -3.13 16.15
N VAL D 81 20.25 -3.99 15.23
CA VAL D 81 21.66 -3.97 14.72
C VAL D 81 21.83 -2.76 13.79
N LEU D 82 20.89 -2.51 12.89
CA LEU D 82 20.94 -1.38 11.93
C LEU D 82 20.88 -0.05 12.69
N LEU D 83 20.10 0.06 13.75
CA LEU D 83 20.01 1.31 14.54
C LEU D 83 21.32 1.54 15.31
N LYS D 84 21.90 0.49 15.88
CA LYS D 84 23.18 0.59 16.62
C LYS D 84 24.29 0.96 15.63
N ALA D 85 24.20 0.41 14.42
CA ALA D 85 25.17 0.67 13.34
C ALA D 85 25.09 2.15 13.02
N ALA D 86 23.89 2.66 12.79
CA ALA D 86 23.71 4.08 12.44
C ALA D 86 24.37 4.90 13.55
N GLY D 87 24.24 4.44 14.80
CA GLY D 87 24.72 5.11 16.02
C GLY D 87 26.22 5.15 16.08
N LEU D 88 26.84 4.02 15.77
CA LEU D 88 28.33 3.90 15.67
C LEU D 88 28.86 4.71 14.48
N LEU D 89 28.04 4.86 13.44
CA LEU D 89 28.41 5.65 12.24
C LEU D 89 28.53 7.13 12.60
N ARG D 90 27.54 7.73 13.28
CA ARG D 90 27.62 9.14 13.71
C ARG D 90 28.79 9.32 14.68
N GLU D 91 29.00 8.37 15.58
CA GLU D 91 30.11 8.37 16.59
C GLU D 91 31.46 8.46 15.87
N ARG D 92 31.65 7.72 14.75
CA ARG D 92 32.94 7.55 14.01
C ARG D 92 32.91 8.34 12.71
N ARG D 93 32.03 9.35 12.61
CA ARG D 93 31.79 10.15 11.38
C ARG D 93 33.10 10.69 10.82
N ASP D 94 33.88 11.39 11.65
CA ASP D 94 35.14 12.08 11.26
C ASP D 94 36.18 11.07 10.76
N ASP D 95 36.16 9.84 11.24
CA ASP D 95 37.18 8.81 10.91
C ASP D 95 36.85 8.25 9.53
N ILE D 96 35.57 8.04 9.21
CA ILE D 96 35.11 7.54 7.88
C ILE D 96 35.38 8.61 6.82
N ALA D 97 35.04 9.87 7.13
CA ALA D 97 35.32 11.04 6.27
C ALA D 97 36.82 11.09 5.95
N TYR D 98 37.67 11.03 6.98
CA TYR D 98 39.13 11.16 6.80
C TYR D 98 39.55 10.20 5.67
N TRP D 99 39.18 8.92 5.79
CA TRP D 99 39.61 7.81 4.91
C TRP D 99 38.86 7.90 3.59
N GLU D 100 37.60 8.31 3.59
CA GLU D 100 36.85 8.47 2.32
C GLU D 100 37.64 9.46 1.45
N VAL D 101 37.94 10.63 2.03
CA VAL D 101 38.68 11.78 1.38
C VAL D 101 40.06 11.29 0.86
N LEU D 102 40.82 10.60 1.70
CA LEU D 102 42.20 10.15 1.36
C LEU D 102 42.18 9.29 0.09
N GLU D 103 41.16 8.44 -0.09
CA GLU D 103 41.13 7.45 -1.21
C GLU D 103 40.41 8.02 -2.44
N ASN D 104 39.50 8.98 -2.25
CA ASN D 104 38.55 9.37 -3.32
C ASN D 104 38.87 10.75 -3.90
N GLY D 105 39.16 11.73 -3.05
CA GLY D 105 39.47 13.12 -3.46
C GLY D 105 38.38 14.08 -3.03
N LYS D 106 37.21 13.56 -2.60
CA LYS D 106 36.06 14.34 -2.06
C LYS D 106 36.56 15.44 -1.13
N PRO D 107 35.95 16.64 -1.23
CA PRO D 107 36.07 17.63 -0.17
C PRO D 107 35.48 17.03 1.11
N ILE D 108 36.22 17.18 2.22
CA ILE D 108 35.86 16.79 3.62
C ILE D 108 34.48 17.32 4.00
N SER D 109 34.11 18.56 3.65
CA SER D 109 32.76 19.09 3.97
C SER D 109 31.70 18.20 3.31
N GLN D 110 31.82 17.97 2.00
CA GLN D 110 30.91 17.09 1.23
C GLN D 110 30.93 15.67 1.85
N ALA D 111 32.13 15.18 2.19
CA ALA D 111 32.33 13.86 2.83
C ALA D 111 31.37 13.78 4.00
N LYS D 112 31.38 14.78 4.86
CA LYS D 112 30.68 14.75 6.17
C LYS D 112 29.17 14.75 5.93
N GLY D 113 28.72 15.55 4.97
CA GLY D 113 27.30 15.60 4.54
C GLY D 113 26.85 14.26 4.01
N GLU D 114 27.68 13.61 3.20
CA GLU D 114 27.40 12.26 2.65
C GLU D 114 27.26 11.25 3.81
N ILE D 115 27.99 11.45 4.90
CA ILE D 115 27.90 10.56 6.10
C ILE D 115 26.50 10.76 6.71
N ASP D 116 26.02 11.99 6.82
CA ASP D 116 24.72 12.28 7.47
C ASP D 116 23.63 11.51 6.71
N HIS D 117 23.68 11.54 5.38
CA HIS D 117 22.73 10.80 4.51
C HIS D 117 22.86 9.28 4.75
N CYS D 118 24.08 8.79 4.95
CA CYS D 118 24.33 7.35 5.22
C CYS D 118 23.62 6.95 6.51
N ILE D 119 23.64 7.83 7.51
CA ILE D 119 22.98 7.59 8.83
C ILE D 119 21.47 7.49 8.54
N ALA D 120 20.92 8.52 7.90
CA ALA D 120 19.54 8.56 7.39
C ALA D 120 19.22 7.22 6.72
N CYS D 121 20.07 6.73 5.83
CA CYS D 121 19.81 5.48 5.06
C CYS D 121 19.64 4.32 6.04
N PHE D 122 20.53 4.23 7.04
CA PHE D 122 20.56 3.13 8.02
C PHE D 122 19.27 3.16 8.83
N GLU D 123 18.86 4.33 9.33
CA GLU D 123 17.63 4.45 10.15
C GLU D 123 16.41 4.01 9.32
N MET D 124 16.39 4.40 8.05
CA MET D 124 15.27 4.09 7.13
C MET D 124 15.20 2.56 6.98
N ALA D 125 16.30 1.90 6.62
CA ALA D 125 16.33 0.42 6.48
C ALA D 125 15.88 -0.25 7.78
N ALA D 126 16.34 0.23 8.94
CA ALA D 126 15.92 -0.31 10.24
C ALA D 126 14.40 -0.25 10.35
N GLY D 127 13.80 0.87 9.97
CA GLY D 127 12.33 1.04 10.03
C GLY D 127 11.63 0.12 9.06
N ALA D 128 12.16 -0.01 7.85
CA ALA D 128 11.65 -0.89 6.79
C ALA D 128 11.80 -2.36 7.19
N ALA D 129 12.79 -2.71 8.01
CA ALA D 129 12.98 -4.10 8.47
C ALA D 129 11.69 -4.64 9.08
N ARG D 130 11.00 -3.80 9.86
CA ARG D 130 9.74 -4.09 10.61
C ARG D 130 8.52 -3.90 9.70
N MET D 131 8.58 -2.93 8.77
CA MET D 131 7.42 -2.53 7.94
C MET D 131 7.22 -3.50 6.76
N LEU D 132 8.31 -4.07 6.24
CA LEU D 132 8.25 -5.04 5.11
C LEU D 132 7.03 -5.93 5.30
N HIS D 133 6.09 -5.89 4.36
CA HIS D 133 4.86 -6.72 4.42
C HIS D 133 4.39 -7.16 3.04
N GLY D 134 3.60 -8.22 3.00
CA GLY D 134 2.89 -8.67 1.79
C GLY D 134 1.43 -8.27 1.82
N ASP D 135 0.57 -9.05 1.15
CA ASP D 135 -0.88 -8.77 1.03
C ASP D 135 -1.69 -10.00 1.43
N THR D 136 -2.83 -9.82 2.09
CA THR D 136 -3.84 -10.88 2.27
C THR D 136 -5.05 -10.57 1.37
N PHE D 137 -5.66 -11.63 0.83
CA PHE D 137 -6.90 -11.60 0.03
C PHE D 137 -7.95 -12.43 0.78
N ASN D 138 -8.76 -11.74 1.58
CA ASN D 138 -9.87 -12.36 2.32
C ASN D 138 -11.11 -12.41 1.43
N ASN D 139 -11.06 -11.78 0.26
CA ASN D 139 -12.26 -11.52 -0.57
C ASN D 139 -12.43 -12.62 -1.63
N LEU D 140 -11.77 -13.77 -1.49
CA LEU D 140 -11.72 -14.70 -2.65
C LEU D 140 -12.85 -15.72 -2.56
N GLY D 141 -13.72 -15.58 -1.55
CA GLY D 141 -14.85 -16.48 -1.23
C GLY D 141 -14.62 -17.18 0.09
N GLU D 142 -15.66 -17.87 0.61
CA GLU D 142 -15.56 -18.60 1.91
C GLU D 142 -14.73 -19.87 1.75
N GLY D 143 -14.62 -20.40 0.53
CA GLY D 143 -13.80 -21.58 0.23
C GLY D 143 -12.32 -21.27 0.17
N LEU D 144 -11.95 -20.15 -0.46
CA LEU D 144 -10.57 -19.89 -0.91
C LEU D 144 -10.02 -18.71 -0.07
N PHE D 145 -8.84 -18.88 0.52
CA PHE D 145 -8.10 -17.79 1.21
C PHE D 145 -6.75 -17.59 0.52
N GLY D 146 -6.46 -16.35 0.18
CA GLY D 146 -5.26 -15.93 -0.56
C GLY D 146 -4.36 -15.09 0.31
N MET D 147 -3.12 -14.98 -0.10
CA MET D 147 -2.01 -14.54 0.78
C MET D 147 -0.79 -14.40 -0.12
N VAL D 148 -0.06 -13.30 0.05
CA VAL D 148 1.17 -12.98 -0.73
C VAL D 148 2.28 -12.63 0.27
N LEU D 149 3.29 -13.48 0.33
CA LEU D 149 4.43 -13.32 1.26
C LEU D 149 5.61 -12.68 0.52
N ARG D 150 6.39 -11.89 1.24
CA ARG D 150 7.74 -11.47 0.85
C ARG D 150 8.72 -12.17 1.79
N GLU D 151 9.88 -12.56 1.26
CA GLU D 151 10.99 -13.20 1.99
C GLU D 151 12.27 -12.75 1.34
N PRO D 152 13.39 -12.62 2.10
CA PRO D 152 14.68 -12.27 1.51
C PRO D 152 15.01 -13.25 0.37
N ILE D 153 15.60 -12.74 -0.72
CA ILE D 153 16.00 -13.54 -1.92
C ILE D 153 17.15 -14.50 -1.57
N GLY D 154 18.11 -14.09 -0.71
CA GLY D 154 19.19 -14.95 -0.21
C GLY D 154 20.53 -14.25 -0.19
N VAL D 155 21.55 -14.80 -0.86
CA VAL D 155 22.92 -14.22 -0.93
C VAL D 155 22.99 -13.17 -2.05
N VAL D 156 23.14 -11.90 -1.66
CA VAL D 156 23.21 -10.73 -2.57
C VAL D 156 24.67 -10.32 -2.77
N GLY D 157 25.11 -10.24 -4.03
CA GLY D 157 26.41 -9.64 -4.36
C GLY D 157 26.23 -8.15 -4.49
N LEU D 158 27.05 -7.34 -3.82
CA LEU D 158 27.02 -5.88 -3.96
C LEU D 158 28.34 -5.45 -4.59
N ILE D 159 28.32 -4.70 -5.70
CA ILE D 159 29.53 -4.14 -6.38
C ILE D 159 29.36 -2.63 -6.52
N THR D 160 30.29 -1.86 -5.94
CA THR D 160 30.18 -0.38 -5.80
C THR D 160 31.27 0.30 -6.61
N PRO D 161 31.03 1.53 -7.06
CA PRO D 161 32.05 2.33 -7.74
C PRO D 161 32.83 3.22 -6.78
N TRP D 162 33.75 4.00 -7.33
CA TRP D 162 34.74 4.80 -6.55
C TRP D 162 34.29 6.25 -6.37
N ASN D 163 33.20 6.64 -7.01
CA ASN D 163 32.70 8.05 -7.03
C ASN D 163 32.00 8.38 -5.70
N PHE D 164 31.14 7.50 -5.18
CA PHE D 164 30.55 7.62 -3.82
C PHE D 164 30.70 6.26 -3.13
N PRO D 165 31.92 5.89 -2.67
CA PRO D 165 32.21 4.55 -2.17
C PRO D 165 31.35 4.15 -0.96
N PHE D 166 31.36 5.01 0.07
CA PHE D 166 30.63 4.80 1.33
C PHE D 166 29.14 5.12 1.19
N MET D 167 28.78 6.12 0.37
CA MET D 167 27.39 6.63 0.35
C MET D 167 26.52 5.68 -0.46
N ILE D 168 27.03 5.19 -1.60
CA ILE D 168 26.29 4.21 -2.43
C ILE D 168 26.23 2.90 -1.65
N LEU D 169 27.31 2.59 -0.93
CA LEU D 169 27.35 1.38 -0.05
C LEU D 169 26.16 1.44 0.92
N CYS D 170 26.02 2.57 1.61
CA CYS D 170 25.01 2.79 2.68
C CYS D 170 23.62 2.99 2.07
N GLU D 171 23.55 3.23 0.75
CA GLU D 171 22.28 3.41 0.01
C GLU D 171 21.82 2.05 -0.54
N ARG D 172 22.58 0.98 -0.27
CA ARG D 172 22.30 -0.40 -0.77
C ARG D 172 22.35 -1.41 0.37
N ALA D 173 23.50 -1.50 1.05
CA ALA D 173 23.81 -2.58 2.02
C ALA D 173 22.74 -2.67 3.10
N PRO D 174 22.43 -1.56 3.82
CA PRO D 174 21.40 -1.61 4.87
C PRO D 174 19.99 -2.01 4.39
N PHE D 175 19.60 -1.57 3.21
CA PHE D 175 18.31 -1.93 2.58
C PHE D 175 18.29 -3.43 2.29
N ILE D 176 19.35 -3.95 1.69
CA ILE D 176 19.53 -5.40 1.39
C ILE D 176 19.46 -6.19 2.69
N LEU D 177 20.13 -5.72 3.74
CA LEU D 177 20.22 -6.45 5.03
C LEU D 177 18.83 -6.50 5.70
N ALA D 178 18.03 -5.44 5.56
CA ALA D 178 16.79 -5.22 6.36
C ALA D 178 15.83 -6.41 6.22
N SER D 179 15.76 -7.01 5.05
CA SER D 179 14.83 -8.12 4.77
C SER D 179 15.40 -9.42 5.34
N GLY D 180 16.69 -9.47 5.62
CA GLY D 180 17.36 -10.70 6.08
C GLY D 180 18.24 -11.32 5.02
N CYS D 181 18.53 -10.61 3.93
CA CYS D 181 19.52 -11.05 2.91
C CYS D 181 20.92 -10.99 3.50
N THR D 182 21.83 -11.85 3.08
CA THR D 182 23.26 -11.75 3.48
C THR D 182 24.00 -11.06 2.32
N LEU D 183 25.24 -10.61 2.53
CA LEU D 183 26.00 -9.77 1.55
C LEU D 183 27.40 -10.35 1.34
N VAL D 184 27.82 -10.33 0.08
CA VAL D 184 29.24 -10.37 -0.32
C VAL D 184 29.47 -9.06 -1.09
N VAL D 185 30.32 -8.20 -0.54
CA VAL D 185 30.57 -6.82 -1.08
C VAL D 185 31.93 -6.82 -1.78
N LYS D 186 31.99 -6.21 -2.96
CA LYS D 186 33.29 -5.94 -3.63
C LYS D 186 33.33 -4.45 -3.96
N PRO D 187 33.87 -3.57 -3.11
CA PRO D 187 34.06 -2.17 -3.49
C PRO D 187 35.21 -2.00 -4.47
N ALA D 188 35.24 -0.82 -5.09
CA ALA D 188 36.26 -0.37 -6.07
C ALA D 188 37.64 -0.36 -5.41
N GLU D 189 38.66 -0.91 -6.07
CA GLU D 189 39.97 -1.18 -5.43
C GLU D 189 40.57 0.15 -4.97
N VAL D 190 40.42 1.18 -5.80
CA VAL D 190 40.94 2.56 -5.49
C VAL D 190 40.25 3.16 -4.25
N THR D 191 39.05 2.68 -3.88
CA THR D 191 38.26 3.17 -2.72
C THR D 191 37.64 1.98 -1.96
N SER D 192 38.47 1.13 -1.34
CA SER D 192 38.02 -0.07 -0.57
C SER D 192 37.96 0.20 0.95
N ALA D 193 38.60 1.26 1.44
CA ALA D 193 38.87 1.46 2.89
C ALA D 193 37.58 1.64 3.70
N THR D 194 36.70 2.56 3.30
CA THR D 194 35.47 2.88 4.06
C THR D 194 34.48 1.70 4.04
N THR D 195 34.53 0.83 3.04
CA THR D 195 33.70 -0.40 3.02
C THR D 195 34.16 -1.35 4.13
N LEU D 196 35.47 -1.50 4.30
CA LEU D 196 36.04 -2.34 5.39
C LEU D 196 35.74 -1.67 6.74
N LEU D 197 35.77 -0.33 6.82
CA LEU D 197 35.40 0.36 8.08
C LEU D 197 33.91 0.13 8.37
N LEU D 198 33.09 -0.10 7.35
CA LEU D 198 31.65 -0.42 7.60
C LEU D 198 31.53 -1.83 8.13
N ALA D 199 32.39 -2.76 7.64
CA ALA D 199 32.43 -4.17 8.13
C ALA D 199 32.78 -4.18 9.62
N GLU D 200 33.76 -3.36 10.01
CA GLU D 200 34.17 -3.21 11.42
C GLU D 200 32.96 -2.71 12.21
N ILE D 201 32.27 -1.70 11.66
CA ILE D 201 31.12 -0.99 12.31
C ILE D 201 29.99 -1.99 12.49
N LEU D 202 29.62 -2.68 11.41
CA LEU D 202 28.51 -3.64 11.43
C LEU D 202 28.77 -4.69 12.51
N ALA D 203 30.00 -5.22 12.56
CA ALA D 203 30.42 -6.25 13.53
C ALA D 203 30.23 -5.70 14.94
N ASP D 204 30.72 -4.48 15.17
CA ASP D 204 30.67 -3.79 16.51
C ASP D 204 29.21 -3.67 16.95
N ALA D 205 28.25 -3.53 16.03
CA ALA D 205 26.82 -3.28 16.30
C ALA D 205 26.05 -4.59 16.52
N GLY D 206 26.72 -5.75 16.35
CA GLY D 206 26.17 -7.08 16.72
C GLY D 206 25.62 -7.85 15.52
N LEU D 207 26.07 -7.50 14.30
CA LEU D 207 25.72 -8.24 13.06
C LEU D 207 26.38 -9.59 13.17
N PRO D 208 25.62 -10.69 13.08
CA PRO D 208 26.19 -12.04 13.06
C PRO D 208 27.30 -12.24 12.03
N LYS D 209 28.15 -13.25 12.23
CA LYS D 209 29.16 -13.62 11.22
C LYS D 209 28.44 -14.14 9.97
N GLY D 210 29.04 -13.93 8.78
CA GLY D 210 28.55 -14.44 7.48
C GLY D 210 27.55 -13.51 6.79
N VAL D 211 26.86 -12.64 7.53
CA VAL D 211 25.82 -11.73 7.00
C VAL D 211 26.47 -10.68 6.08
N PHE D 212 27.69 -10.22 6.39
CA PHE D 212 28.34 -9.09 5.69
C PHE D 212 29.80 -9.41 5.54
N ASN D 213 30.20 -9.88 4.37
CA ASN D 213 31.58 -10.21 4.01
C ASN D 213 32.04 -9.16 3.02
N VAL D 214 33.32 -8.80 3.03
CA VAL D 214 33.88 -7.94 1.96
C VAL D 214 35.07 -8.68 1.37
N VAL D 215 35.02 -8.92 0.06
CA VAL D 215 36.14 -9.47 -0.75
C VAL D 215 36.63 -8.35 -1.66
N THR D 216 37.74 -7.74 -1.30
CA THR D 216 38.39 -6.65 -2.06
C THR D 216 39.19 -7.25 -3.22
N GLY D 217 39.44 -6.47 -4.26
CA GLY D 217 40.13 -6.93 -5.48
C GLY D 217 39.49 -6.34 -6.71
N THR D 218 39.93 -6.81 -7.89
CA THR D 218 39.62 -6.26 -9.23
C THR D 218 38.32 -6.85 -9.75
N GLY D 219 37.72 -6.20 -10.73
CA GLY D 219 36.49 -6.66 -11.38
C GLY D 219 36.77 -7.86 -12.25
N ARG D 220 37.97 -7.93 -12.82
CA ARG D 220 38.34 -9.00 -13.78
C ARG D 220 38.55 -10.29 -12.99
N THR D 221 38.76 -10.18 -11.69
CA THR D 221 38.95 -11.35 -10.80
C THR D 221 37.67 -11.54 -9.98
N VAL D 222 37.45 -10.70 -8.97
CA VAL D 222 36.41 -10.98 -7.93
C VAL D 222 35.05 -10.52 -8.48
N GLY D 223 35.00 -9.36 -9.13
CA GLY D 223 33.75 -8.78 -9.66
C GLY D 223 33.08 -9.76 -10.60
N GLN D 224 33.81 -10.18 -11.62
CA GLN D 224 33.32 -11.12 -12.65
C GLN D 224 32.97 -12.44 -11.96
N ALA D 225 33.77 -12.87 -10.99
CA ALA D 225 33.54 -14.10 -10.22
C ALA D 225 32.18 -13.99 -9.53
N MET D 226 31.78 -12.80 -9.13
CA MET D 226 30.48 -12.58 -8.44
C MET D 226 29.36 -12.59 -9.47
N THR D 227 29.52 -11.89 -10.59
CA THR D 227 28.46 -11.77 -11.64
C THR D 227 28.10 -13.15 -12.21
N GLU D 228 29.01 -14.12 -12.19
CA GLU D 228 28.80 -15.48 -12.73
C GLU D 228 28.62 -16.52 -11.61
N HIS D 229 28.68 -16.10 -10.35
CA HIS D 229 28.66 -17.06 -9.21
C HIS D 229 27.36 -17.86 -9.26
N GLN D 230 27.46 -19.20 -9.13
CA GLN D 230 26.30 -20.12 -9.24
C GLN D 230 25.48 -20.14 -7.94
N ASP D 231 25.91 -19.53 -6.83
CA ASP D 231 25.15 -19.48 -5.54
C ASP D 231 24.78 -18.05 -5.12
N ILE D 232 24.93 -17.02 -5.96
CA ILE D 232 24.45 -15.64 -5.65
C ILE D 232 23.04 -15.46 -6.24
N ASP D 233 22.08 -15.03 -5.42
CA ASP D 233 20.64 -15.03 -5.77
C ASP D 233 20.29 -13.72 -6.48
N MET D 234 21.04 -12.67 -6.20
CA MET D 234 20.76 -11.34 -6.77
C MET D 234 22.03 -10.52 -6.63
N LEU D 235 22.23 -9.52 -7.49
CA LEU D 235 23.46 -8.71 -7.53
C LEU D 235 23.08 -7.27 -7.74
N SER D 236 23.49 -6.41 -6.83
CA SER D 236 23.43 -4.93 -6.96
C SER D 236 24.75 -4.49 -7.55
N PHE D 237 24.72 -3.97 -8.78
CA PHE D 237 25.88 -3.31 -9.43
C PHE D 237 25.56 -1.82 -9.59
N THR D 238 26.50 -0.96 -9.21
CA THR D 238 26.47 0.49 -9.55
C THR D 238 27.77 0.89 -10.24
N GLY D 239 27.65 1.65 -11.32
CA GLY D 239 28.75 1.94 -12.25
C GLY D 239 28.22 2.19 -13.66
N SER D 240 28.98 1.71 -14.66
CA SER D 240 28.87 2.10 -16.10
C SER D 240 27.91 1.16 -16.81
N THR D 241 27.19 1.67 -17.82
CA THR D 241 26.26 0.86 -18.64
C THR D 241 27.02 -0.33 -19.21
N GLY D 242 28.27 -0.13 -19.64
CA GLY D 242 29.08 -1.17 -20.29
C GLY D 242 29.28 -2.38 -19.38
N VAL D 243 29.62 -2.17 -18.10
CA VAL D 243 29.86 -3.26 -17.12
C VAL D 243 28.50 -3.82 -16.66
N GLY D 244 27.49 -2.96 -16.53
CA GLY D 244 26.10 -3.38 -16.28
C GLY D 244 25.68 -4.44 -17.28
N LYS D 245 25.99 -4.24 -18.56
CA LYS D 245 25.62 -5.17 -19.66
C LYS D 245 26.38 -6.47 -19.46
N SER D 246 27.69 -6.41 -19.15
CA SER D 246 28.53 -7.56 -18.76
C SER D 246 27.76 -8.37 -17.72
N CYS D 247 27.34 -7.71 -16.64
CA CYS D 247 26.67 -8.33 -15.47
C CYS D 247 25.44 -9.10 -15.96
N ILE D 248 24.71 -8.52 -16.91
CA ILE D 248 23.46 -9.10 -17.46
C ILE D 248 23.86 -10.39 -18.18
N HIS D 249 24.87 -10.33 -19.06
CA HIS D 249 25.38 -11.52 -19.81
C HIS D 249 25.72 -12.60 -18.81
N ALA D 250 26.46 -12.27 -17.75
CA ALA D 250 26.91 -13.23 -16.71
C ALA D 250 25.71 -13.90 -16.04
N ALA D 251 24.67 -13.15 -15.70
CA ALA D 251 23.48 -13.68 -14.98
C ALA D 251 22.80 -14.75 -15.84
N ALA D 252 22.80 -14.53 -17.17
CA ALA D 252 22.15 -15.40 -18.17
C ALA D 252 22.99 -16.67 -18.30
N ASP D 253 24.31 -16.51 -18.35
CA ASP D 253 25.30 -17.62 -18.49
C ASP D 253 25.50 -18.34 -17.15
N SER D 254 24.92 -17.81 -16.06
CA SER D 254 25.16 -18.27 -14.67
C SER D 254 23.93 -19.03 -14.12
N ASN D 255 23.14 -18.41 -13.24
CA ASN D 255 22.04 -19.02 -12.43
C ASN D 255 20.74 -18.20 -12.55
N LEU D 256 20.67 -17.21 -13.47
CA LEU D 256 19.50 -16.32 -13.74
C LEU D 256 19.22 -15.44 -12.52
N LYS D 257 20.27 -15.08 -11.79
CA LYS D 257 20.18 -14.16 -10.64
C LYS D 257 19.55 -12.84 -11.13
N LYS D 258 18.67 -12.27 -10.33
CA LYS D 258 18.09 -10.93 -10.60
C LYS D 258 19.21 -9.88 -10.45
N LEU D 259 19.03 -8.74 -11.13
CA LEU D 259 20.03 -7.64 -11.20
C LEU D 259 19.38 -6.30 -10.82
N GLY D 260 19.93 -5.68 -9.77
CA GLY D 260 19.79 -4.25 -9.46
C GLY D 260 20.89 -3.47 -10.14
N LEU D 261 20.60 -2.89 -11.30
CA LEU D 261 21.58 -2.13 -12.09
C LEU D 261 21.30 -0.63 -11.90
N GLU D 262 22.29 0.12 -11.43
CA GLU D 262 22.33 1.60 -11.48
C GLU D 262 23.48 2.02 -12.38
N LEU D 263 23.18 2.33 -13.65
CA LEU D 263 24.23 2.46 -14.69
C LEU D 263 24.45 3.85 -15.27
N GLY D 264 24.03 4.91 -14.61
CA GLY D 264 24.43 6.26 -15.04
C GLY D 264 23.70 6.90 -16.19
N GLY D 265 24.09 8.14 -16.49
CA GLY D 265 23.41 8.87 -17.56
C GLY D 265 23.97 10.21 -17.97
N LYS D 266 23.33 10.83 -18.94
CA LYS D 266 23.64 12.22 -19.37
C LYS D 266 22.37 12.95 -18.98
N ASN D 267 22.33 13.51 -17.79
CA ASN D 267 21.08 14.05 -17.21
C ASN D 267 20.82 15.48 -17.63
N PRO D 268 19.58 15.83 -18.03
CA PRO D 268 19.25 17.21 -18.36
C PRO D 268 18.79 18.08 -17.17
N ILE D 269 19.08 19.39 -17.24
CA ILE D 269 18.57 20.44 -16.30
C ILE D 269 17.89 21.52 -17.13
N VAL D 270 16.57 21.66 -16.95
CA VAL D 270 15.71 22.54 -17.81
C VAL D 270 15.47 23.88 -17.09
N VAL D 271 15.98 24.96 -17.65
CA VAL D 271 15.90 26.32 -17.04
C VAL D 271 15.01 27.23 -17.88
N PHE D 272 13.77 27.42 -17.43
CA PHE D 272 12.77 28.35 -18.02
C PHE D 272 13.09 29.79 -17.57
N ALA D 273 12.63 30.74 -18.36
CA ALA D 273 12.88 32.17 -18.12
C ALA D 273 12.06 32.66 -16.93
N ASP D 274 10.89 32.08 -16.71
CA ASP D 274 9.97 32.54 -15.65
C ASP D 274 10.39 31.94 -14.30
N SER D 275 11.60 31.36 -14.24
CA SER D 275 12.19 30.73 -13.02
C SER D 275 12.95 31.77 -12.19
N ASN D 276 13.41 31.38 -11.00
CA ASN D 276 14.42 32.15 -10.24
C ASN D 276 15.79 31.82 -10.84
N LEU D 277 16.16 32.59 -11.88
CA LEU D 277 17.39 32.47 -12.70
C LEU D 277 18.65 32.49 -11.81
N GLU D 278 18.66 33.28 -10.74
CA GLU D 278 19.80 33.31 -9.78
C GLU D 278 19.90 31.94 -9.09
N ASP D 279 18.82 31.46 -8.49
CA ASP D 279 18.77 30.14 -7.82
C ASP D 279 19.15 29.04 -8.83
N ALA D 280 18.63 29.19 -10.04
CA ALA D 280 18.83 28.20 -11.12
C ALA D 280 20.33 28.10 -11.41
N ALA D 281 20.97 29.25 -11.63
CA ALA D 281 22.40 29.37 -12.02
C ALA D 281 23.27 28.68 -10.97
N ASP D 282 23.00 28.96 -9.68
CA ASP D 282 23.62 28.28 -8.51
C ASP D 282 23.42 26.76 -8.64
N ALA D 283 22.18 26.31 -8.82
CA ALA D 283 21.84 24.87 -8.97
C ALA D 283 22.64 24.24 -10.13
N VAL D 284 22.63 24.85 -11.31
CA VAL D 284 23.37 24.34 -12.50
C VAL D 284 24.85 24.18 -12.13
N ALA D 285 25.45 25.18 -11.47
CA ALA D 285 26.86 25.14 -11.04
C ALA D 285 27.05 23.95 -10.10
N PHE D 286 26.15 23.79 -9.13
CA PHE D 286 26.20 22.67 -8.15
C PHE D 286 26.07 21.35 -8.92
N GLY D 287 24.99 21.15 -9.68
CA GLY D 287 24.67 19.87 -10.34
C GLY D 287 25.85 19.31 -11.12
N ILE D 288 26.66 20.18 -11.74
CA ILE D 288 27.74 19.76 -12.68
C ILE D 288 29.09 19.76 -11.96
N SER D 289 29.27 20.60 -10.92
CA SER D 289 30.54 20.74 -10.17
C SER D 289 30.57 19.78 -8.96
N PHE D 290 29.45 19.47 -8.34
CA PHE D 290 29.40 18.58 -7.14
C PHE D 290 30.16 17.28 -7.43
N ASN D 291 31.08 16.91 -6.53
CA ASN D 291 31.93 15.70 -6.64
C ASN D 291 32.72 15.76 -7.97
N THR D 292 33.00 16.97 -8.44
CA THR D 292 33.76 17.30 -9.68
C THR D 292 33.16 16.59 -10.90
N GLY D 293 31.82 16.61 -11.03
CA GLY D 293 31.06 16.01 -12.15
C GLY D 293 31.12 14.50 -12.18
N GLN D 294 31.77 13.88 -11.21
CA GLN D 294 31.87 12.40 -11.11
C GLN D 294 30.66 11.85 -10.40
N CYS D 295 29.47 12.28 -10.82
CA CYS D 295 28.18 11.81 -10.27
C CYS D 295 27.36 11.31 -11.45
N CYS D 296 26.65 10.21 -11.28
CA CYS D 296 25.80 9.66 -12.37
C CYS D 296 24.57 10.55 -12.51
N VAL D 297 24.15 11.20 -11.42
CA VAL D 297 23.00 12.14 -11.41
C VAL D 297 23.52 13.56 -11.58
N SER D 298 24.52 13.74 -12.44
CA SER D 298 25.12 15.06 -12.72
C SER D 298 24.38 15.77 -13.84
N SER D 299 24.10 17.06 -13.66
CA SER D 299 23.39 17.89 -14.66
C SER D 299 24.39 18.31 -15.72
N SER D 300 24.56 17.50 -16.75
CA SER D 300 25.61 17.72 -17.76
C SER D 300 25.00 18.42 -18.96
N ARG D 301 23.68 18.40 -19.02
CA ARG D 301 22.97 19.01 -20.17
C ARG D 301 22.07 20.16 -19.68
N LEU D 302 22.56 21.40 -19.80
CA LEU D 302 21.74 22.63 -19.58
C LEU D 302 20.90 22.89 -20.83
N ILE D 303 19.59 22.93 -20.63
CA ILE D 303 18.59 23.24 -21.68
C ILE D 303 17.83 24.49 -21.22
N VAL D 304 18.29 25.68 -21.63
CA VAL D 304 17.80 26.99 -21.13
C VAL D 304 16.92 27.60 -22.21
N GLU D 305 15.93 28.41 -21.83
CA GLU D 305 15.00 29.04 -22.78
C GLU D 305 15.77 30.10 -23.58
N ARG D 306 15.61 30.15 -24.91
CA ARG D 306 16.44 31.03 -25.77
C ARG D 306 16.36 32.47 -25.26
N SER D 307 15.17 32.91 -24.84
CA SER D 307 14.87 34.32 -24.48
C SER D 307 15.83 34.80 -23.40
N VAL D 308 16.49 33.91 -22.64
CA VAL D 308 17.40 34.29 -21.51
C VAL D 308 18.72 33.51 -21.55
N ALA D 309 18.95 32.66 -22.56
CA ALA D 309 20.10 31.74 -22.65
C ALA D 309 21.42 32.48 -22.40
N GLU D 310 21.65 33.60 -23.09
CA GLU D 310 22.95 34.34 -23.09
C GLU D 310 23.16 34.93 -21.68
N LYS D 311 22.16 35.65 -21.17
CA LYS D 311 22.11 36.15 -19.77
C LYS D 311 22.40 35.00 -18.78
N PHE D 312 21.63 33.92 -18.87
CA PHE D 312 21.75 32.74 -17.98
C PHE D 312 23.17 32.21 -18.07
N GLU D 313 23.63 31.89 -19.27
CA GLU D 313 24.99 31.31 -19.51
C GLU D 313 26.01 32.15 -18.74
N ARG D 314 25.98 33.49 -18.88
CA ARG D 314 26.91 34.38 -18.15
C ARG D 314 26.76 34.16 -16.64
N LEU D 315 25.54 33.99 -16.12
CA LEU D 315 25.31 33.78 -14.67
C LEU D 315 26.01 32.48 -14.24
N VAL D 316 25.72 31.40 -14.94
CA VAL D 316 26.37 30.07 -14.66
C VAL D 316 27.90 30.27 -14.59
N VAL D 317 28.49 30.94 -15.60
CA VAL D 317 29.96 31.20 -15.65
C VAL D 317 30.36 31.95 -14.38
N ALA D 318 29.65 32.99 -14.02
CA ALA D 318 29.95 33.77 -12.78
C ALA D 318 30.03 32.79 -11.61
N LYS D 319 29.14 31.81 -11.57
CA LYS D 319 29.05 30.82 -10.47
C LYS D 319 30.28 29.91 -10.56
N MET D 320 30.59 29.41 -11.73
CA MET D 320 31.62 28.36 -11.87
C MET D 320 33.00 28.91 -11.45
N GLU D 321 33.31 30.18 -11.73
CA GLU D 321 34.65 30.76 -11.39
C GLU D 321 34.75 30.99 -9.89
N LYS D 322 33.64 31.30 -9.23
CA LYS D 322 33.60 31.56 -7.76
C LYS D 322 33.71 30.26 -6.99
N ILE D 323 33.67 29.10 -7.66
CA ILE D 323 33.76 27.75 -7.02
C ILE D 323 35.18 27.51 -6.52
N ARG D 324 35.35 27.22 -5.23
CA ARG D 324 36.66 27.03 -4.56
C ARG D 324 37.15 25.61 -4.86
N VAL D 325 38.28 25.50 -5.58
CA VAL D 325 39.00 24.22 -5.88
C VAL D 325 40.32 24.23 -5.11
N GLY D 326 40.68 23.07 -4.54
CA GLY D 326 41.91 22.93 -3.74
C GLY D 326 41.91 21.72 -2.85
N ASP D 327 42.77 21.72 -1.84
CA ASP D 327 43.06 20.54 -0.99
C ASP D 327 41.76 20.12 -0.32
N PRO D 328 41.27 18.89 -0.56
CA PRO D 328 39.99 18.45 0.00
C PRO D 328 39.81 18.65 1.51
N PHE D 329 40.91 18.71 2.28
CA PHE D 329 40.90 18.76 3.77
C PHE D 329 40.79 20.22 4.25
N ASP D 330 40.91 21.20 3.35
CA ASP D 330 40.49 22.59 3.64
C ASP D 330 38.98 22.56 3.64
N PRO D 331 38.30 22.96 4.75
CA PRO D 331 36.85 22.82 4.86
C PRO D 331 36.07 23.77 3.93
N GLU D 332 36.80 24.67 3.27
CA GLU D 332 36.25 25.65 2.31
C GLU D 332 36.29 25.10 0.88
N THR D 333 37.06 24.05 0.55
CA THR D 333 37.11 23.58 -0.86
C THR D 333 35.75 22.92 -1.13
N GLN D 334 35.17 23.23 -2.30
CA GLN D 334 33.81 22.86 -2.72
C GLN D 334 33.88 21.75 -3.77
N ILE D 335 34.98 21.65 -4.52
CA ILE D 335 35.24 20.47 -5.39
C ILE D 335 36.70 20.05 -5.26
N GLY D 336 36.92 18.74 -5.33
CA GLY D 336 38.21 18.09 -5.09
C GLY D 336 38.70 17.33 -6.30
N ALA D 337 39.65 16.41 -6.10
CA ALA D 337 40.47 15.79 -7.16
C ALA D 337 39.66 14.75 -7.92
N ILE D 338 40.02 14.54 -9.19
CA ILE D 338 39.54 13.40 -10.01
C ILE D 338 40.12 12.12 -9.40
N THR D 339 39.29 11.09 -9.26
CA THR D 339 39.62 9.88 -8.46
C THR D 339 40.66 8.99 -9.15
N THR D 340 40.61 8.84 -10.48
CA THR D 340 41.50 7.93 -11.24
C THR D 340 42.13 8.69 -12.42
N GLU D 341 43.37 8.32 -12.77
CA GLU D 341 44.13 8.91 -13.91
C GLU D 341 43.40 8.57 -15.22
N ALA D 342 42.73 7.42 -15.26
CA ALA D 342 41.92 7.00 -16.42
C ALA D 342 40.83 8.05 -16.62
N GLN D 343 40.08 8.39 -15.59
CA GLN D 343 38.89 9.26 -15.73
C GLN D 343 39.37 10.64 -16.13
N ASN D 344 40.52 11.03 -15.59
CA ASN D 344 41.10 12.38 -15.81
C ASN D 344 41.46 12.54 -17.29
N LYS D 345 41.99 11.47 -17.88
CA LYS D 345 42.37 11.46 -19.32
C LYS D 345 41.09 11.46 -20.14
N THR D 346 40.08 10.74 -19.71
CA THR D 346 38.75 10.73 -20.37
C THR D 346 38.15 12.15 -20.38
N ILE D 347 38.19 12.85 -19.23
CA ILE D 347 37.60 14.21 -19.10
C ILE D 347 38.35 15.15 -20.05
N LEU D 348 39.69 15.18 -19.99
CA LEU D 348 40.52 16.12 -20.79
C LEU D 348 40.38 15.77 -22.27
N ASP D 349 40.25 14.50 -22.62
CA ASP D 349 40.01 14.07 -24.03
C ASP D 349 38.65 14.59 -24.49
N TYR D 350 37.62 14.55 -23.64
CA TYR D 350 36.25 15.00 -24.01
C TYR D 350 36.23 16.52 -24.20
N ILE D 351 36.95 17.26 -23.35
CA ILE D 351 37.07 18.74 -23.49
C ILE D 351 37.81 19.04 -24.79
N ALA D 352 38.85 18.27 -25.09
CA ALA D 352 39.62 18.35 -26.34
C ALA D 352 38.65 18.19 -27.51
N LYS D 353 37.98 17.03 -27.56
CA LYS D 353 36.99 16.65 -28.61
C LYS D 353 35.93 17.76 -28.74
N GLY D 354 35.27 18.12 -27.64
CA GLY D 354 34.34 19.26 -27.56
C GLY D 354 34.81 20.44 -28.40
N LYS D 355 36.00 20.99 -28.08
CA LYS D 355 36.65 22.14 -28.78
C LYS D 355 36.81 21.80 -30.25
N ALA D 356 37.34 20.62 -30.56
CA ALA D 356 37.67 20.16 -31.92
C ALA D 356 36.42 20.09 -32.83
N GLU D 357 35.22 19.86 -32.27
CA GLU D 357 33.98 19.62 -33.06
C GLU D 357 33.20 20.92 -33.27
N GLY D 358 33.71 22.07 -32.82
CA GLY D 358 33.09 23.37 -33.09
C GLY D 358 32.33 23.98 -31.91
N ALA D 359 32.26 23.29 -30.77
CA ALA D 359 31.62 23.82 -29.54
C ALA D 359 32.41 25.04 -29.03
N LYS D 360 31.71 25.97 -28.36
CA LYS D 360 32.26 27.28 -27.93
C LYS D 360 32.50 27.25 -26.42
N LEU D 361 33.77 27.25 -26.00
CA LEU D 361 34.20 27.20 -24.57
C LEU D 361 33.92 28.55 -23.90
N LEU D 362 33.11 28.56 -22.84
CA LEU D 362 32.72 29.81 -22.13
C LEU D 362 33.57 29.98 -20.87
N CYS D 363 33.99 28.89 -20.21
CA CYS D 363 34.83 28.95 -18.98
C CYS D 363 35.45 27.59 -18.69
N GLY D 364 36.45 27.57 -17.81
CA GLY D 364 37.22 26.35 -17.47
C GLY D 364 37.87 25.77 -18.71
N GLY D 365 37.84 24.45 -18.85
CA GLY D 365 38.22 23.74 -20.10
C GLY D 365 39.61 23.17 -20.04
N GLY D 366 40.28 23.30 -18.89
CA GLY D 366 41.62 22.74 -18.62
C GLY D 366 41.76 22.36 -17.15
N ILE D 367 42.92 21.83 -16.79
CA ILE D 367 43.29 21.36 -15.42
C ILE D 367 43.32 22.57 -14.47
N VAL D 368 43.45 22.32 -13.16
CA VAL D 368 43.86 23.32 -12.14
C VAL D 368 45.19 22.84 -11.59
N ASP D 369 46.29 23.57 -11.83
CA ASP D 369 47.66 23.08 -11.50
C ASP D 369 47.95 23.45 -10.04
N PHE D 370 48.11 22.43 -9.19
CA PHE D 370 48.50 22.57 -7.76
C PHE D 370 49.86 21.89 -7.51
N GLY D 371 50.57 21.48 -8.57
CA GLY D 371 51.87 20.79 -8.46
C GLY D 371 51.74 19.32 -8.07
N LYS D 372 50.90 19.01 -7.08
CA LYS D 372 50.49 17.64 -6.65
C LYS D 372 48.97 17.51 -6.81
N GLY D 373 48.49 16.32 -7.19
CA GLY D 373 47.06 15.96 -7.30
C GLY D 373 46.60 16.01 -8.75
N GLN D 374 45.33 15.71 -9.01
CA GLN D 374 44.68 15.84 -10.35
C GLN D 374 43.36 16.62 -10.19
N TYR D 375 43.31 17.87 -10.65
CA TYR D 375 42.11 18.72 -10.54
C TYR D 375 41.78 19.32 -11.90
N ILE D 376 40.47 19.50 -12.16
CA ILE D 376 39.89 20.00 -13.44
C ILE D 376 38.93 21.13 -13.12
N GLN D 377 38.83 22.12 -14.01
CA GLN D 377 38.01 23.33 -13.74
C GLN D 377 36.56 23.03 -14.08
N PRO D 378 35.58 23.60 -13.34
CA PRO D 378 34.20 23.66 -13.82
C PRO D 378 34.30 24.26 -15.22
N THR D 379 33.70 23.59 -16.21
CA THR D 379 33.84 23.88 -17.66
C THR D 379 32.45 23.91 -18.32
N LEU D 380 32.15 24.99 -19.05
CA LEU D 380 30.83 25.19 -19.70
C LEU D 380 31.04 25.40 -21.19
N PHE D 381 30.42 24.57 -22.02
CA PHE D 381 30.35 24.70 -23.50
C PHE D 381 28.99 25.28 -23.89
N THR D 382 28.95 26.23 -24.82
CA THR D 382 27.71 26.59 -25.54
C THR D 382 27.90 26.19 -27.00
N ASP D 383 26.88 26.45 -27.81
CA ASP D 383 26.88 26.14 -29.27
C ASP D 383 27.18 24.65 -29.45
N VAL D 384 26.37 23.81 -28.78
CA VAL D 384 26.45 22.33 -28.79
C VAL D 384 25.32 21.81 -29.68
N LYS D 385 25.63 20.92 -30.63
CA LYS D 385 24.62 20.20 -31.45
C LYS D 385 24.47 18.81 -30.86
N PRO D 386 23.28 18.18 -30.94
CA PRO D 386 23.03 16.94 -30.21
C PRO D 386 23.85 15.78 -30.80
N SER D 387 24.47 15.99 -31.94
CA SER D 387 25.35 15.01 -32.61
C SER D 387 26.71 14.97 -31.90
N MET D 388 27.15 16.09 -31.31
CA MET D 388 28.51 16.24 -30.73
C MET D 388 28.75 15.18 -29.63
N GLY D 389 29.99 14.75 -29.48
CA GLY D 389 30.39 13.75 -28.48
C GLY D 389 30.07 14.18 -27.06
N ILE D 390 30.50 15.38 -26.66
CA ILE D 390 30.18 15.99 -25.32
C ILE D 390 28.66 16.05 -25.10
N ALA D 391 27.82 16.00 -26.15
CA ALA D 391 26.34 16.11 -26.07
C ALA D 391 25.66 14.79 -25.68
N ARG D 392 26.29 13.65 -26.02
CA ARG D 392 25.67 12.31 -25.97
C ARG D 392 26.37 11.41 -24.94
N ASP D 393 27.71 11.43 -24.90
CA ASP D 393 28.54 10.49 -24.11
C ASP D 393 28.67 10.99 -22.66
N GLU D 394 28.62 10.08 -21.68
CA GLU D 394 28.87 10.34 -20.24
C GLU D 394 30.36 10.63 -20.00
N ILE D 395 30.70 11.87 -19.61
CA ILE D 395 32.10 12.39 -19.45
C ILE D 395 32.60 12.11 -18.02
N PHE D 396 31.70 12.12 -17.03
CA PHE D 396 32.00 11.97 -15.58
C PHE D 396 33.06 12.98 -15.12
N GLY D 397 32.99 14.22 -15.62
CA GLY D 397 33.81 15.38 -15.18
C GLY D 397 32.92 16.60 -15.04
N PRO D 398 33.44 17.76 -14.56
CA PRO D 398 32.63 18.97 -14.38
C PRO D 398 32.50 19.76 -15.69
N VAL D 399 31.83 19.16 -16.70
CA VAL D 399 31.73 19.67 -18.09
C VAL D 399 30.24 19.84 -18.39
N LEU D 400 29.82 21.06 -18.71
CA LEU D 400 28.40 21.39 -18.99
C LEU D 400 28.25 21.75 -20.47
N ALA D 401 27.35 21.08 -21.17
CA ALA D 401 26.87 21.46 -22.51
C ALA D 401 25.57 22.25 -22.37
N SER D 402 25.45 23.43 -23.01
CA SER D 402 24.25 24.32 -23.00
C SER D 402 23.46 24.21 -24.32
N PHE D 403 22.19 23.81 -24.25
CA PHE D 403 21.24 23.80 -25.39
C PHE D 403 20.16 24.87 -25.17
N HIS D 404 19.68 25.46 -26.24
CA HIS D 404 18.61 26.48 -26.23
C HIS D 404 17.35 25.84 -26.80
N PHE D 405 16.18 26.24 -26.27
CA PHE D 405 14.84 25.81 -26.76
C PHE D 405 13.91 27.03 -26.79
N ASP D 406 12.84 26.92 -27.60
CA ASP D 406 11.79 27.96 -27.75
C ASP D 406 10.46 27.45 -27.19
N THR D 407 10.14 26.17 -27.31
CA THR D 407 8.85 25.62 -26.80
C THR D 407 9.09 24.62 -25.66
N VAL D 408 8.09 24.41 -24.81
CA VAL D 408 8.10 23.33 -23.79
C VAL D 408 8.35 21.98 -24.49
N ASP D 409 7.79 21.79 -25.68
CA ASP D 409 8.01 20.56 -26.51
C ASP D 409 9.50 20.39 -26.81
N GLU D 410 10.16 21.47 -27.17
CA GLU D 410 11.57 21.42 -27.63
C GLU D 410 12.42 21.08 -26.41
N ALA D 411 12.10 21.65 -25.25
CA ALA D 411 12.79 21.36 -23.96
C ALA D 411 12.73 19.85 -23.67
N ILE D 412 11.52 19.29 -23.78
CA ILE D 412 11.21 17.87 -23.44
C ILE D 412 11.91 16.98 -24.46
N ALA D 413 11.83 17.36 -25.73
CA ALA D 413 12.44 16.60 -26.85
C ALA D 413 13.95 16.49 -26.63
N ILE D 414 14.62 17.60 -26.33
CA ILE D 414 16.07 17.62 -25.99
C ILE D 414 16.26 16.74 -24.75
N ALA D 415 15.58 17.03 -23.64
CA ALA D 415 15.79 16.34 -22.34
C ALA D 415 15.69 14.82 -22.52
N ASN D 416 14.93 14.37 -23.53
CA ASN D 416 14.65 12.93 -23.79
C ASN D 416 15.63 12.40 -24.84
N ASP D 417 16.36 13.29 -25.50
CA ASP D 417 17.31 12.97 -26.61
C ASP D 417 18.59 12.32 -26.06
N THR D 418 18.45 11.15 -25.42
CA THR D 418 19.57 10.32 -24.90
C THR D 418 19.07 8.87 -24.77
N VAL D 419 20.01 7.94 -24.69
CA VAL D 419 19.72 6.49 -24.46
C VAL D 419 19.42 6.28 -22.98
N TYR D 420 19.78 7.25 -22.14
CA TYR D 420 19.70 7.15 -20.67
C TYR D 420 18.34 7.63 -20.13
N GLY D 421 18.28 7.75 -18.80
CA GLY D 421 17.22 8.47 -18.08
C GLY D 421 17.36 8.29 -16.58
N LEU D 422 18.49 8.69 -15.99
CA LEU D 422 18.64 8.55 -14.53
C LEU D 422 17.97 9.73 -13.85
N ALA D 423 18.51 10.94 -14.02
CA ALA D 423 18.01 12.17 -13.35
C ALA D 423 17.56 13.19 -14.40
N ALA D 424 16.81 14.20 -13.94
CA ALA D 424 16.50 15.41 -14.71
C ALA D 424 16.01 16.47 -13.73
N SER D 425 16.25 17.73 -14.03
CA SER D 425 15.81 18.90 -13.22
C SER D 425 14.99 19.89 -14.09
N VAL D 426 13.97 20.54 -13.51
CA VAL D 426 13.22 21.62 -14.20
C VAL D 426 13.13 22.82 -13.26
N TRP D 427 13.33 24.03 -13.81
CA TRP D 427 13.37 25.32 -13.07
C TRP D 427 12.34 26.25 -13.69
N SER D 428 11.19 26.39 -13.01
CA SER D 428 10.04 27.24 -13.42
C SER D 428 9.18 27.58 -12.19
N LYS D 429 8.72 28.82 -12.10
CA LYS D 429 7.69 29.21 -11.08
C LYS D 429 6.33 28.81 -11.61
N ASP D 430 6.21 28.42 -12.89
CA ASP D 430 4.91 28.05 -13.51
C ASP D 430 4.61 26.58 -13.21
N ILE D 431 3.60 26.32 -12.37
CA ILE D 431 3.17 24.97 -11.94
C ILE D 431 2.87 24.08 -13.15
N ASP D 432 2.25 24.61 -14.22
CA ASP D 432 1.86 23.84 -15.43
C ASP D 432 3.11 23.45 -16.25
N LYS D 433 4.12 24.30 -16.30
CA LYS D 433 5.36 23.98 -17.03
C LYS D 433 6.16 22.93 -16.24
N ALA D 434 6.47 23.18 -14.95
CA ALA D 434 7.20 22.22 -14.08
C ALA D 434 6.53 20.84 -14.14
N LEU D 435 5.20 20.80 -14.21
CA LEU D 435 4.40 19.55 -14.22
C LEU D 435 4.49 18.88 -15.57
N ALA D 436 4.43 19.66 -16.64
CA ALA D 436 4.54 19.14 -18.02
C ALA D 436 5.88 18.43 -18.18
N VAL D 437 6.96 19.10 -17.79
CA VAL D 437 8.35 18.62 -17.94
C VAL D 437 8.49 17.36 -17.08
N THR D 438 8.09 17.44 -15.81
CA THR D 438 8.20 16.30 -14.87
C THR D 438 7.56 15.07 -15.52
N ARG D 439 6.28 15.16 -15.91
CA ARG D 439 5.45 13.99 -16.31
C ARG D 439 5.92 13.36 -17.63
N ARG D 440 6.55 14.13 -18.53
CA ARG D 440 6.82 13.71 -19.94
C ARG D 440 8.32 13.44 -20.24
N VAL D 441 9.24 13.85 -19.39
CA VAL D 441 10.70 13.55 -19.53
C VAL D 441 10.98 12.22 -18.82
N ARG D 442 11.53 11.25 -19.55
CA ARG D 442 11.81 9.88 -19.04
C ARG D 442 13.11 9.89 -18.23
N ALA D 443 12.96 10.19 -16.93
CA ALA D 443 14.04 10.20 -15.92
C ALA D 443 13.43 9.69 -14.61
N GLY D 444 14.16 8.88 -13.87
CA GLY D 444 13.61 8.21 -12.69
C GLY D 444 13.82 9.02 -11.43
N ARG D 445 14.67 10.05 -11.52
CA ARG D 445 15.06 10.89 -10.36
C ARG D 445 14.96 12.38 -10.76
N PHE D 446 13.83 12.97 -10.37
CA PHE D 446 13.53 14.36 -10.78
C PHE D 446 13.62 15.33 -9.62
N TRP D 447 13.98 16.54 -9.96
CA TRP D 447 14.10 17.66 -9.00
C TRP D 447 13.42 18.87 -9.63
N VAL D 448 12.42 19.42 -8.92
CA VAL D 448 11.67 20.63 -9.34
C VAL D 448 12.11 21.77 -8.42
N ASN D 449 12.62 22.86 -9.02
CA ASN D 449 13.23 24.06 -8.38
C ASN D 449 14.14 23.64 -7.23
N THR D 450 14.97 22.61 -7.48
CA THR D 450 16.02 22.10 -6.59
C THR D 450 16.98 21.18 -7.38
N ILE D 451 17.93 20.57 -6.69
CA ILE D 451 18.91 19.61 -7.29
C ILE D 451 19.45 18.74 -6.13
N MET D 452 19.43 17.44 -6.34
CA MET D 452 19.98 16.43 -5.42
C MET D 452 19.47 16.67 -3.99
N SER D 453 18.17 16.94 -3.83
CA SER D 453 17.48 16.82 -2.52
C SER D 453 17.07 15.36 -2.34
N GLY D 454 16.44 15.03 -1.21
CA GLY D 454 15.74 13.74 -1.01
C GLY D 454 16.55 12.74 -0.19
N GLY D 455 16.11 12.47 1.03
CA GLY D 455 16.65 11.40 1.89
C GLY D 455 16.23 10.03 1.37
N PRO D 456 16.43 8.95 2.15
CA PRO D 456 16.13 7.58 1.72
C PRO D 456 14.65 7.14 1.83
N GLU D 457 13.73 8.07 2.12
CA GLU D 457 12.28 7.80 2.15
C GLU D 457 11.82 7.29 0.78
N THR D 458 12.41 7.82 -0.30
CA THR D 458 11.94 7.66 -1.70
C THR D 458 12.83 6.72 -2.48
N PRO D 459 12.30 5.97 -3.47
CA PRO D 459 13.11 5.07 -4.26
C PRO D 459 14.01 5.88 -5.20
N LEU D 460 15.02 5.25 -5.81
CA LEU D 460 15.83 5.86 -6.87
C LEU D 460 16.23 4.78 -7.89
N GLY D 461 16.45 5.21 -9.11
CA GLY D 461 16.71 4.32 -10.25
C GLY D 461 16.44 5.06 -11.54
N GLY D 462 16.61 4.36 -12.67
CA GLY D 462 16.74 4.97 -14.00
C GLY D 462 15.69 4.39 -14.89
N PHE D 463 15.27 5.15 -15.91
CA PHE D 463 14.52 4.65 -17.08
C PHE D 463 15.52 4.19 -18.13
N LYS D 464 15.03 3.48 -19.15
CA LYS D 464 15.82 3.17 -20.37
C LYS D 464 17.15 2.48 -19.98
N GLN D 465 18.30 3.09 -20.27
CA GLN D 465 19.63 2.42 -20.23
C GLN D 465 20.43 2.84 -18.99
N SER D 466 19.76 3.55 -18.05
CA SER D 466 20.34 3.95 -16.75
C SER D 466 20.14 2.84 -15.71
N GLY D 467 19.34 1.81 -16.01
CA GLY D 467 19.42 0.51 -15.31
C GLY D 467 18.06 -0.17 -15.08
N TRP D 468 18.04 -1.09 -14.10
CA TRP D 468 16.87 -1.90 -13.68
C TRP D 468 16.67 -1.75 -12.17
N GLY D 469 15.40 -1.78 -11.75
CA GLY D 469 14.99 -1.85 -10.34
C GLY D 469 15.16 -0.52 -9.65
N ARG D 470 14.75 -0.44 -8.40
CA ARG D 470 14.91 0.75 -7.55
C ARG D 470 15.72 0.38 -6.29
N GLU D 471 16.34 1.40 -5.70
CA GLU D 471 17.02 1.30 -4.41
C GLU D 471 16.32 2.30 -3.48
N ALA D 472 16.61 2.19 -2.18
CA ALA D 472 16.19 3.10 -1.09
C ALA D 472 14.67 3.07 -0.96
N GLY D 473 14.15 3.69 0.11
CA GLY D 473 12.74 3.63 0.53
C GLY D 473 12.29 2.20 0.86
N LEU D 474 11.02 2.03 1.22
CA LEU D 474 10.47 0.67 1.41
C LEU D 474 10.50 -0.09 0.09
N TYR D 475 10.33 0.57 -1.05
CA TYR D 475 10.37 -0.11 -2.37
C TYR D 475 11.74 -0.79 -2.57
N GLY D 476 12.81 -0.11 -2.15
CA GLY D 476 14.20 -0.58 -2.29
C GLY D 476 14.46 -1.83 -1.46
N VAL D 477 13.93 -1.86 -0.24
CA VAL D 477 14.04 -3.04 0.66
C VAL D 477 13.39 -4.22 -0.06
N GLU D 478 12.20 -4.00 -0.63
CA GLU D 478 11.35 -5.03 -1.30
C GLU D 478 12.05 -5.56 -2.57
N GLU D 479 12.87 -4.74 -3.23
CA GLU D 479 13.58 -5.17 -4.48
C GLU D 479 14.39 -6.44 -4.23
N TYR D 480 14.88 -6.66 -3.01
CA TYR D 480 15.76 -7.81 -2.64
C TYR D 480 14.94 -8.91 -1.96
N THR D 481 13.62 -8.89 -2.14
CA THR D 481 12.71 -9.94 -1.63
C THR D 481 12.04 -10.65 -2.82
N GLN D 482 11.57 -11.88 -2.59
CA GLN D 482 10.78 -12.64 -3.60
C GLN D 482 9.32 -12.70 -3.13
N ILE D 483 8.41 -12.50 -4.08
CA ILE D 483 6.94 -12.54 -3.85
C ILE D 483 6.50 -13.98 -4.06
N LYS D 484 5.87 -14.54 -3.05
CA LYS D 484 5.29 -15.90 -3.06
C LYS D 484 3.78 -15.75 -2.91
N SER D 485 3.01 -16.43 -3.74
CA SER D 485 1.55 -16.46 -3.65
C SER D 485 1.16 -17.78 -2.99
N VAL D 486 0.29 -17.73 -1.97
CA VAL D 486 -0.23 -18.91 -1.26
C VAL D 486 -1.74 -18.85 -1.39
N HIS D 487 -2.34 -19.95 -1.83
CA HIS D 487 -3.80 -20.17 -1.90
C HIS D 487 -4.11 -21.39 -1.04
N ILE D 488 -5.01 -21.23 -0.08
CA ILE D 488 -5.56 -22.31 0.77
C ILE D 488 -7.04 -22.50 0.47
N GLU D 489 -7.44 -23.77 0.28
CA GLU D 489 -8.85 -24.14 0.10
C GLU D 489 -9.26 -24.82 1.39
N THR D 490 -10.42 -24.42 1.93
CA THR D 490 -10.85 -24.90 3.25
C THR D 490 -11.99 -25.88 3.04
N GLY D 491 -11.89 -27.08 3.63
CA GLY D 491 -12.94 -28.09 3.53
C GLY D 491 -12.50 -29.25 2.69
N LYS D 492 -13.45 -29.99 2.12
CA LYS D 492 -13.12 -31.13 1.20
C LYS D 492 -13.24 -30.60 -0.24
N ARG D 493 -12.54 -31.23 -1.19
CA ARG D 493 -12.48 -30.68 -2.57
C ARG D 493 -13.35 -31.45 -3.55
N SER D 494 -13.65 -30.83 -4.69
CA SER D 494 -14.41 -31.51 -5.74
C SER D 494 -13.44 -32.29 -6.61
N HIS D 495 -13.36 -33.59 -6.39
CA HIS D 495 -12.46 -34.46 -7.16
C HIS D 495 -12.62 -34.23 -8.66
N TRP D 496 -11.52 -34.31 -9.43
CA TRP D 496 -11.58 -34.16 -10.91
C TRP D 496 -11.81 -35.54 -11.48
N ILE D 497 -11.59 -36.56 -10.66
CA ILE D 497 -11.75 -37.97 -11.12
C ILE D 497 -12.77 -38.67 -10.19
N SER D 498 -13.90 -39.12 -10.73
CA SER D 498 -14.97 -39.83 -9.99
C SER D 498 -14.86 -41.34 -10.21
PA NDP E . -29.95 17.13 6.85
O1A NDP E . -29.49 17.48 5.48
O2A NDP E . -28.92 17.06 7.91
O5B NDP E . -30.75 15.75 6.77
C5B NDP E . -30.42 14.96 5.61
C4B NDP E . -31.01 13.57 5.75
O4B NDP E . -31.11 13.24 7.16
C3B NDP E . -32.41 13.38 5.17
O3B NDP E . -32.50 12.10 4.57
C2B NDP E . -33.28 13.50 6.41
O2B NDP E . -34.54 12.85 6.19
C1B NDP E . -32.41 12.75 7.40
N9A NDP E . -32.74 12.98 8.80
C8A NDP E . -33.57 13.94 9.30
N7A NDP E . -33.69 13.90 10.61
C5A NDP E . -32.88 12.85 10.99
C6A NDP E . -32.58 12.30 12.25
N6A NDP E . -33.09 12.76 13.39
N1A NDP E . -31.74 11.24 12.29
C2A NDP E . -31.24 10.79 11.14
N3A NDP E . -31.45 11.22 9.90
C4A NDP E . -32.29 12.26 9.89
O3 NDP E . -31.11 18.16 7.27
PN NDP E . -31.80 19.34 6.44
O1N NDP E . -32.64 18.72 5.38
O2N NDP E . -32.41 20.32 7.37
O5D NDP E . -30.52 20.01 5.75
C5D NDP E . -30.45 20.01 4.31
C4D NDP E . -29.09 20.53 3.91
O4D NDP E . -29.00 21.91 4.32
C3D NDP E . -27.89 19.82 4.57
O3D NDP E . -27.19 19.04 3.61
C2D NDP E . -27.06 20.97 5.12
O2D NDP E . -25.69 20.82 4.77
C1D NDP E . -27.65 22.22 4.49
N1N NDP E . -27.56 23.43 5.36
C2N NDP E . -26.96 23.39 6.58
C3N NDP E . -27.21 24.36 7.51
C7N NDP E . -26.43 24.35 8.76
O7N NDP E . -26.06 25.42 9.26
N7N NDP E . -26.18 23.18 9.33
C4N NDP E . -28.23 25.38 7.18
C5N NDP E . -28.48 25.54 5.75
C6N NDP E . -28.06 24.63 4.91
P2B NDP E . -35.71 13.91 5.91
O1X NDP E . -36.76 13.69 6.98
O2X NDP E . -35.10 15.29 5.99
O3X NDP E . -36.26 13.61 4.53
PA NDP F . -12.37 4.15 33.24
O1A NDP F . -12.40 3.42 31.94
O2A NDP F . -13.63 4.72 33.78
O5B NDP F . -11.27 5.30 33.17
C5B NDP F . -10.15 5.14 32.28
C4B NDP F . -9.43 6.46 32.14
O4B NDP F . -10.39 7.49 31.82
C3B NDP F . -8.71 6.97 33.40
O3B NDP F . -7.54 7.70 33.03
C2B NDP F . -9.76 7.86 34.04
O2B NDP F . -9.16 8.83 34.88
C1B NDP F . -10.36 8.50 32.79
N9A NDP F . -11.72 9.00 32.96
C8A NDP F . -12.60 8.70 33.97
N7A NDP F . -13.75 9.29 33.85
C5A NDP F . -13.64 10.05 32.69
C6A NDP F . -14.53 10.91 32.03
N6A NDP F . -15.76 11.16 32.45
N1A NDP F . -14.10 11.49 30.89
C2A NDP F . -12.86 11.24 30.47
N3A NDP F . -11.93 10.45 31.01
C4A NDP F . -12.38 9.88 32.13
O3 NDP F . -11.77 3.18 34.34
PN NDP F . -12.47 2.33 35.50
O1N NDP F . -11.97 2.84 36.81
O2N NDP F . -13.95 2.32 35.27
O5D NDP F . -11.88 0.87 35.24
C5D NDP F . -10.97 0.72 34.12
C4D NDP F . -11.27 -0.58 33.41
O4D NDP F . -12.37 -1.25 34.07
C3D NDP F . -11.71 -0.48 31.95
O3D NDP F . -10.66 -0.87 31.08
C2D NDP F . -12.92 -1.41 31.88
O2D NDP F . -12.85 -2.26 30.73
C1D NDP F . -12.84 -2.21 33.17
N1N NDP F . -14.16 -2.75 33.65
C2N NDP F . -15.34 -2.17 33.32
C3N NDP F . -16.49 -2.59 33.94
C7N NDP F . -17.78 -2.39 33.24
O7N NDP F . -18.44 -3.38 32.88
N7N NDP F . -18.20 -1.15 33.04
C4N NDP F . -16.36 -3.24 35.27
C5N NDP F . -15.11 -4.00 35.38
C6N NDP F . -14.18 -3.86 34.46
P2B NDP F . -9.21 8.44 36.45
O1X NDP F . -9.42 6.95 36.52
O2X NDP F . -7.88 8.86 37.02
O3X NDP F . -10.36 9.21 37.06
PA NDP G . 9.82 -22.18 -26.19
O1A NDP G . 10.89 -21.62 -25.33
O2A NDP G . 8.64 -22.77 -25.51
O5B NDP G . 9.31 -21.06 -27.21
C5B NDP G . 8.10 -20.39 -26.80
C4B NDP G . 7.86 -19.16 -27.65
O4B NDP G . 9.12 -18.49 -27.90
C3B NDP G . 7.24 -19.42 -29.03
O3B NDP G . 6.31 -18.40 -29.36
C2B NDP G . 8.46 -19.40 -29.93
O2B NDP G . 8.14 -19.09 -31.28
C1B NDP G . 9.26 -18.28 -29.28
N9A NDP G . 10.68 -18.32 -29.60
C8A NDP G . 11.39 -19.42 -30.05
N7A NDP G . 12.64 -19.17 -30.26
C5A NDP G . 12.80 -17.83 -29.95
C6A NDP G . 13.90 -16.98 -29.97
N6A NDP G . 15.12 -17.36 -30.34
N1A NDP G . 13.72 -15.69 -29.57
C2A NDP G . 12.49 -15.32 -29.20
N3A NDP G . 11.36 -16.03 -29.15
C4A NDP G . 11.59 -17.29 -29.54
O3 NDP G . 10.43 -23.32 -27.14
PN NDP G . 10.32 -24.91 -26.99
O1N NDP G . 11.48 -25.56 -27.67
O2N NDP G . 8.94 -25.32 -27.39
O5D NDP G . 10.49 -25.08 -25.41
C5D NDP G . 9.94 -26.28 -24.81
C4D NDP G . 8.66 -25.94 -24.11
O4D NDP G . 8.25 -27.05 -23.30
C3D NDP G . 8.73 -24.75 -23.14
O3D NDP G . 7.46 -24.11 -23.02
C2D NDP G . 9.14 -25.42 -21.83
O2D NDP G . 8.49 -24.84 -20.72
C1D NDP G . 8.74 -26.90 -22.00
N1N NDP G . 9.89 -27.81 -21.83
C2N NDP G . 11.15 -27.34 -21.65
C3N NDP G . 12.19 -27.96 -22.29
C7N NDP G . 13.51 -27.32 -22.18
O7N NDP G . 13.94 -26.97 -21.08
N7N NDP G . 14.21 -27.15 -23.29
C4N NDP G . 11.89 -29.22 -23.02
C5N NDP G . 10.67 -29.89 -22.53
C6N NDP G . 9.75 -29.17 -21.93
P2B NDP G . 8.08 -20.44 -32.16
O1X NDP G . 6.64 -20.60 -32.55
O2X NDP G . 8.98 -20.22 -33.35
O3X NDP G . 8.57 -21.58 -31.30
PA NDP H . 32.56 0.71 -13.58
O1A NDP H . 31.32 0.39 -14.35
O2A NDP H . 32.55 1.95 -12.76
O5B NDP H . 32.92 -0.52 -12.63
C5B NDP H . 32.44 -0.41 -11.27
C4B NDP H . 32.85 -1.62 -10.45
O4B NDP H . 32.69 -2.82 -11.24
C3B NDP H . 34.30 -1.63 -9.93
O3B NDP H . 34.30 -1.95 -8.55
C2B NDP H . 34.97 -2.68 -10.82
O2B NDP H . 36.05 -3.34 -10.17
C1B NDP H . 33.82 -3.63 -11.04
N9A NDP H . 34.00 -4.49 -12.21
C8A NDP H . 34.95 -4.37 -13.17
N7A NDP H . 34.87 -5.28 -14.10
C5A NDP H . 33.78 -6.05 -13.74
C6A NDP H . 33.17 -7.18 -14.32
N6A NDP H . 33.60 -7.75 -15.44
N1A NDP H . 32.09 -7.69 -13.69
C2A NDP H . 31.67 -7.12 -12.57
N3A NDP H . 32.16 -6.06 -11.92
C4A NDP H . 33.23 -5.57 -12.57
O3 NDP H . 33.81 0.77 -14.58
PN NDP H . 34.74 2.00 -15.05
O1N NDP H . 35.86 2.16 -14.08
O2N NDP H . 35.08 1.83 -16.49
O5D NDP H . 33.73 3.23 -14.90
C5D NDP H . 34.16 4.42 -14.23
C4D NDP H . 32.98 5.36 -14.09
O4D NDP H . 32.73 5.97 -15.38
C3D NDP H . 31.67 4.71 -13.64
O3D NDP H . 31.31 5.08 -12.31
C2D NDP H . 30.65 5.22 -14.67
O2D NDP H . 29.47 5.73 -14.07
C1D NDP H . 31.37 6.31 -15.45
N1N NDP H . 30.98 6.28 -16.90
C2N NDP H . 30.06 5.37 -17.33
C3N NDP H . 29.62 5.34 -18.62
C7N NDP H . 28.37 4.59 -18.89
O7N NDP H . 27.37 4.78 -18.21
N7N NDP H . 28.39 3.71 -19.88
C4N NDP H . 30.41 6.05 -19.64
C5N NDP H . 31.49 6.90 -19.07
C6N NDP H . 31.52 7.16 -17.79
P2B NDP H . 37.47 -2.65 -10.50
O1X NDP H . 37.88 -1.94 -9.24
O2X NDP H . 37.22 -1.70 -11.64
O3X NDP H . 38.44 -3.74 -10.88
#